data_3UXK
#
_entry.id   3UXK
#
_cell.length_a   148.309
_cell.length_b   148.309
_cell.length_c   169.552
_cell.angle_alpha   90.00
_cell.angle_beta   90.00
_cell.angle_gamma   90.00
#
_symmetry.space_group_name_H-M   'I 4'
#
loop_
_entity.id
_entity.type
_entity.pdbx_description
1 polymer 'Mandelate racemase'
2 non-polymer 'MAGNESIUM ION'
3 non-polymer 'BENZHYDROXAMIC ACID'
4 water water
#
_entity_poly.entity_id   1
_entity_poly.type   'polypeptide(L)'
_entity_poly.pdbx_seq_one_letter_code
;MASWSHPQFEKGALEVLFQGPGYHMSEVLITGLRTRAVNVPLAYPVHTAVGTVGTAPLVLIDLATSAGVVGHSYLFAYTP
VALKSLKQLLDDMAAMIVNEPLAPVSLEAMLAKRFCLAGYTGLIRMAAAGIDMAAWDALGKVHETPLVKLLGANARPVQA
YDSHSLDGVKLATERAVTAAELGFRAVKTKIGYPALDQDLAVVRSIRQAVGDDFGIMVDYNQSLDVPAAIKRSQALQQEG
VTWIEEPTLQHDYEGHQRIQSKLNVPVQMGENWLGPEEMFKALSIGACRLAMPDAMKIGGVTGWIRASALAQQFGIPMSS
HLFQEISAHLLAATPTAHWLERLDLAGSVIEPTLTFEGGNAVIPDLPGVGIIWREKEIGKYLV
;
_entity_poly.pdbx_strand_id   A,B,C,D
#
# COMPACT_ATOMS: atom_id res chain seq x y z
N GLU A 27 12.87 20.87 17.62
CA GLU A 27 13.78 20.06 18.36
C GLU A 27 13.05 18.84 18.91
N VAL A 28 11.77 18.89 19.10
CA VAL A 28 10.98 17.66 19.18
C VAL A 28 10.53 17.31 17.76
N LEU A 29 10.81 16.09 17.32
CA LEU A 29 10.54 15.72 15.94
C LEU A 29 9.52 14.61 15.84
N ILE A 30 8.77 14.62 14.75
CA ILE A 30 7.90 13.49 14.38
C ILE A 30 8.75 12.32 13.88
N THR A 31 8.58 11.14 14.48
CA THR A 31 9.43 10.00 14.15
C THR A 31 8.67 8.81 13.57
N GLY A 32 7.35 8.91 13.47
CA GLY A 32 6.55 7.84 12.86
C GLY A 32 5.09 8.22 12.70
N LEU A 33 4.42 7.55 11.77
CA LEU A 33 2.99 7.65 11.63
C LEU A 33 2.46 6.25 11.41
N ARG A 34 1.54 5.84 12.25
CA ARG A 34 0.89 4.54 12.03
C ARG A 34 -0.61 4.79 11.89
N THR A 35 -1.25 4.13 10.92
CA THR A 35 -2.70 4.22 10.78
C THR A 35 -3.38 2.84 10.82
N ARG A 36 -4.59 2.83 11.35
CA ARG A 36 -5.38 1.61 11.40
C ARG A 36 -6.82 1.89 10.95
N ALA A 37 -7.24 1.18 9.91
CA ALA A 37 -8.60 1.28 9.39
C ALA A 37 -9.50 0.34 10.16
N VAL A 38 -10.57 0.87 10.72
CA VAL A 38 -11.52 0.07 11.47
C VAL A 38 -12.94 0.39 11.00
N ASN A 39 -13.83 -0.57 11.10
CA ASN A 39 -15.18 -0.42 10.66
C ASN A 39 -16.02 -0.82 11.85
N VAL A 40 -16.52 0.17 12.58
CA VAL A 40 -17.15 -0.16 13.86
C VAL A 40 -18.68 -0.12 13.81
N PRO A 41 -19.33 -1.30 14.02
CA PRO A 41 -20.81 -1.36 14.08
C PRO A 41 -21.33 -0.43 15.16
N LEU A 42 -22.47 0.20 14.91
CA LEU A 42 -23.04 1.13 15.91
C LEU A 42 -24.32 0.56 16.51
N ALA A 43 -24.52 0.82 17.79
CA ALA A 43 -25.78 0.46 18.46
C ALA A 43 -26.94 1.04 17.65
N TYR A 44 -26.80 2.31 17.30
CA TYR A 44 -27.84 2.97 16.55
C TYR A 44 -27.27 3.52 15.29
N PRO A 45 -27.49 2.79 14.17
CA PRO A 45 -27.07 3.25 12.84
C PRO A 45 -27.53 4.68 12.62
N VAL A 46 -26.69 5.49 12.00
CA VAL A 46 -27.07 6.86 11.78
C VAL A 46 -27.85 7.01 10.47
N HIS A 47 -29.17 6.82 10.57
CA HIS A 47 -30.08 7.03 9.44
C HIS A 47 -30.15 8.52 9.11
N THR A 48 -29.96 8.87 7.84
CA THR A 48 -30.20 10.25 7.38
C THR A 48 -31.18 10.24 6.19
N ALA A 49 -31.71 11.42 5.86
CA ALA A 49 -32.59 11.60 4.70
C ALA A 49 -31.89 11.29 3.37
N VAL A 50 -30.55 11.27 3.36
CA VAL A 50 -29.79 10.95 2.15
C VAL A 50 -29.05 9.60 2.20
N GLY A 51 -29.41 8.74 3.16
CA GLY A 51 -28.74 7.45 3.33
C GLY A 51 -28.37 7.12 4.78
N THR A 52 -28.14 5.83 5.04
CA THR A 52 -27.76 5.36 6.38
C THR A 52 -26.24 5.16 6.51
N VAL A 53 -25.67 5.66 7.62
CA VAL A 53 -24.32 5.30 8.05
C VAL A 53 -24.49 4.15 9.06
N GLY A 54 -24.37 2.91 8.61
CA GLY A 54 -24.66 1.75 9.46
C GLY A 54 -23.55 1.39 10.44
N THR A 55 -22.31 1.73 10.06
CA THR A 55 -21.10 1.50 10.87
C THR A 55 -20.25 2.76 10.83
N ALA A 56 -19.31 2.89 11.75
CA ALA A 56 -18.37 3.98 11.67
C ALA A 56 -17.02 3.51 11.07
N PRO A 57 -16.74 3.92 9.82
CA PRO A 57 -15.41 3.65 9.26
C PRO A 57 -14.45 4.74 9.70
N LEU A 58 -13.46 4.36 10.51
CA LEU A 58 -12.49 5.28 11.11
C LEU A 58 -11.08 4.90 10.74
N VAL A 59 -10.22 5.92 10.66
CA VAL A 59 -8.81 5.70 10.57
C VAL A 59 -8.22 6.21 11.86
N LEU A 60 -7.65 5.30 12.65
CA LEU A 60 -7.04 5.65 13.94
C LEU A 60 -5.57 6.00 13.68
N ILE A 61 -5.11 7.10 14.26
CA ILE A 61 -3.80 7.64 13.94
C ILE A 61 -2.90 7.71 15.18
N ASP A 62 -1.64 7.26 15.03
CA ASP A 62 -0.61 7.34 16.07
C ASP A 62 0.61 8.05 15.45
N LEU A 63 0.99 9.16 16.06
CA LEU A 63 2.07 10.02 15.58
C LEU A 63 3.18 9.92 16.63
N ALA A 64 4.24 9.20 16.28
CA ALA A 64 5.35 8.94 17.19
C ALA A 64 6.26 10.13 17.19
N THR A 65 6.90 10.40 18.33
CA THR A 65 7.78 11.56 18.45
C THR A 65 9.13 11.22 19.07
N SER A 66 10.10 12.11 18.90
CA SER A 66 11.39 11.94 19.54
C SER A 66 11.35 12.23 21.05
N ALA A 67 10.22 12.73 21.55
CA ALA A 67 10.01 12.89 23.00
C ALA A 67 9.47 11.58 23.55
N GLY A 68 9.22 10.60 22.69
CA GLY A 68 8.72 9.29 23.13
C GLY A 68 7.20 9.22 23.24
N VAL A 69 6.55 10.35 23.50
CA VAL A 69 5.09 10.35 23.56
C VAL A 69 4.55 10.17 22.15
N VAL A 70 3.33 9.63 22.08
CA VAL A 70 2.64 9.34 20.84
C VAL A 70 1.31 10.10 20.80
N GLY A 71 1.16 10.95 19.79
CA GLY A 71 -0.10 11.67 19.55
C GLY A 71 -1.14 10.75 18.94
N HIS A 72 -2.38 10.87 19.43
CA HIS A 72 -3.50 10.05 18.93
C HIS A 72 -4.60 10.94 18.34
N SER A 73 -5.13 10.57 17.18
CA SER A 73 -6.36 11.16 16.66
C SER A 73 -7.05 10.09 15.83
N TYR A 74 -8.21 10.44 15.27
CA TYR A 74 -8.84 9.59 14.29
C TYR A 74 -9.61 10.43 13.26
N LEU A 75 -9.88 9.81 12.13
CA LEU A 75 -10.64 10.40 11.02
C LEU A 75 -11.92 9.60 10.85
N PHE A 76 -12.98 10.27 10.45
CA PHE A 76 -14.24 9.58 10.12
C PHE A 76 -14.31 9.61 8.59
N ALA A 77 -14.47 8.45 7.97
CA ALA A 77 -14.50 8.34 6.49
C ALA A 77 -15.91 8.40 5.90
N TYR A 78 -16.95 8.37 6.76
CA TYR A 78 -18.36 8.50 6.37
C TYR A 78 -18.97 7.28 5.74
N THR A 79 -18.36 6.83 4.68
CA THR A 79 -18.67 5.61 4.02
C THR A 79 -17.42 4.73 3.91
N PRO A 80 -17.62 3.45 4.12
CA PRO A 80 -16.62 2.43 3.89
C PRO A 80 -15.98 2.51 2.49
N VAL A 81 -16.69 3.03 1.52
CA VAL A 81 -16.20 3.22 0.21
C VAL A 81 -14.95 4.09 0.20
N ALA A 82 -14.86 5.00 1.15
CA ALA A 82 -13.76 5.94 1.23
C ALA A 82 -12.68 5.52 2.22
N LEU A 83 -12.96 4.50 3.01
CA LEU A 83 -12.06 4.10 4.11
C LEU A 83 -10.62 3.72 3.70
N LYS A 84 -10.46 2.73 2.82
CA LYS A 84 -9.13 2.31 2.42
C LYS A 84 -8.37 3.41 1.68
N SER A 85 -9.09 4.20 0.88
CA SER A 85 -8.47 5.31 0.15
C SER A 85 -7.87 6.33 1.15
N LEU A 86 -8.61 6.62 2.21
CA LEU A 86 -8.17 7.64 3.18
C LEU A 86 -6.93 7.13 3.96
N LYS A 87 -6.94 5.85 4.32
CA LYS A 87 -5.80 5.28 5.03
C LYS A 87 -4.56 5.31 4.15
N GLN A 88 -4.72 4.87 2.90
CA GLN A 88 -3.63 4.86 1.93
C GLN A 88 -3.04 6.27 1.77
N LEU A 89 -3.95 7.24 1.69
CA LEU A 89 -3.55 8.62 1.52
C LEU A 89 -2.67 9.08 2.69
N LEU A 90 -3.18 8.89 3.91
CA LEU A 90 -2.39 9.14 5.11
C LEU A 90 -1.04 8.45 5.09
N ASP A 91 -1.02 7.17 4.73
CA ASP A 91 0.25 6.41 4.76
C ASP A 91 1.25 6.99 3.79
N ASP A 92 0.77 7.50 2.66
CA ASP A 92 1.65 8.07 1.69
C ASP A 92 2.07 9.46 2.07
N MET A 93 1.26 10.10 2.90
CA MET A 93 1.56 11.43 3.42
C MET A 93 2.61 11.39 4.50
N ALA A 94 2.78 10.22 5.12
CA ALA A 94 3.78 10.04 6.17
C ALA A 94 5.15 10.55 5.74
N ALA A 95 5.47 10.35 4.46
CA ALA A 95 6.79 10.72 3.95
C ALA A 95 7.06 12.24 4.08
N MET A 96 6.00 13.04 3.97
CA MET A 96 6.22 14.48 4.14
C MET A 96 6.29 14.97 5.60
N ILE A 97 5.85 14.18 6.58
CA ILE A 97 5.85 14.68 7.97
C ILE A 97 6.92 14.06 8.89
N VAL A 98 7.33 12.83 8.62
CA VAL A 98 8.33 12.16 9.46
C VAL A 98 9.64 12.94 9.36
N ASN A 99 10.28 13.13 10.51
CA ASN A 99 11.43 14.01 10.63
C ASN A 99 11.18 15.51 10.63
N GLU A 100 9.93 15.94 10.49
CA GLU A 100 9.62 17.37 10.65
C GLU A 100 9.46 17.68 12.14
N PRO A 101 9.78 18.91 12.56
CA PRO A 101 9.46 19.29 13.95
C PRO A 101 7.98 19.12 14.28
N LEU A 102 7.69 18.74 15.52
CA LEU A 102 6.31 18.65 16.00
C LEU A 102 5.77 20.07 16.26
N ALA A 103 5.37 20.75 15.19
CA ALA A 103 4.98 22.15 15.34
C ALA A 103 3.77 22.24 14.46
N PRO A 104 2.58 22.00 15.03
CA PRO A 104 1.42 21.76 14.16
C PRO A 104 1.14 22.90 13.15
N VAL A 105 1.32 24.15 13.59
CA VAL A 105 1.07 25.30 12.70
C VAL A 105 2.04 25.36 11.50
N SER A 106 3.32 25.12 11.75
CA SER A 106 4.31 25.06 10.67
C SER A 106 4.04 23.87 9.73
N LEU A 107 3.64 22.75 10.35
CA LEU A 107 3.30 21.54 9.61
C LEU A 107 2.12 21.79 8.68
N GLU A 108 1.07 22.42 9.21
CA GLU A 108 -0.11 22.73 8.38
C GLU A 108 0.25 23.59 7.17
N ALA A 109 1.07 24.62 7.37
CA ALA A 109 1.50 25.51 6.27
C ALA A 109 2.28 24.74 5.19
N MET A 110 3.09 23.78 5.61
CA MET A 110 3.89 22.95 4.67
C MET A 110 2.96 22.04 3.87
N LEU A 111 1.98 21.43 4.56
CA LEU A 111 1.03 20.56 3.86
C LEU A 111 0.15 21.34 2.87
N ALA A 112 -0.28 22.54 3.25
CA ALA A 112 -1.06 23.41 2.36
C ALA A 112 -0.28 23.67 1.06
N LYS A 113 1.01 23.91 1.21
CA LYS A 113 1.89 24.16 0.12
C LYS A 113 2.10 22.97 -0.75
N ARG A 114 2.46 21.86 -0.16
CA ARG A 114 2.63 20.61 -0.93
C ARG A 114 1.39 20.19 -1.72
N PHE A 115 0.20 20.52 -1.24
CA PHE A 115 -1.02 20.10 -1.92
C PHE A 115 -1.71 21.24 -2.68
N CYS A 116 -0.98 22.34 -2.82
CA CYS A 116 -1.38 23.54 -3.56
CA CYS A 116 -1.50 23.52 -3.52
C CYS A 116 -2.00 23.21 -4.92
N LEU A 117 -1.36 22.26 -5.62
CA LEU A 117 -1.74 21.98 -7.02
C LEU A 117 -2.81 20.93 -7.07
N ALA A 118 -2.64 19.86 -6.29
CA ALA A 118 -3.62 18.77 -6.28
C ALA A 118 -4.99 19.18 -5.73
N GLY A 119 -5.04 20.18 -4.85
CA GLY A 119 -6.30 20.61 -4.25
C GLY A 119 -6.31 20.29 -2.75
N TYR A 120 -6.10 21.32 -1.94
CA TYR A 120 -5.98 21.14 -0.50
C TYR A 120 -7.37 21.14 0.11
N THR A 121 -8.14 20.11 -0.25
CA THR A 121 -9.53 20.00 0.17
C THR A 121 -9.91 18.53 0.19
N GLY A 122 -11.14 18.20 0.58
CA GLY A 122 -11.62 16.81 0.53
C GLY A 122 -10.75 15.85 1.34
N LEU A 123 -10.53 14.63 0.82
CA LEU A 123 -9.75 13.62 1.54
C LEU A 123 -8.37 14.11 1.92
N ILE A 124 -7.70 14.83 1.03
CA ILE A 124 -6.39 15.36 1.33
C ILE A 124 -6.42 16.28 2.55
N ARG A 125 -7.35 17.23 2.56
CA ARG A 125 -7.52 18.11 3.72
C ARG A 125 -7.88 17.32 5.00
N MET A 126 -8.74 16.32 4.87
CA MET A 126 -9.11 15.49 6.02
C MET A 126 -7.91 14.74 6.61
N ALA A 127 -7.06 14.21 5.73
CA ALA A 127 -5.82 13.54 6.14
C ALA A 127 -4.92 14.53 6.86
N ALA A 128 -4.72 15.72 6.28
CA ALA A 128 -3.90 16.76 6.93
C ALA A 128 -4.43 17.09 8.34
N ALA A 129 -5.75 17.19 8.50
CA ALA A 129 -6.40 17.47 9.80
C ALA A 129 -6.17 16.36 10.84
N GLY A 130 -6.24 15.10 10.41
CA GLY A 130 -5.93 13.98 11.31
C GLY A 130 -4.51 14.04 11.85
N ILE A 131 -3.57 14.43 11.00
CA ILE A 131 -2.19 14.65 11.40
C ILE A 131 -2.12 15.80 12.42
N ASP A 132 -2.76 16.91 12.09
CA ASP A 132 -2.77 18.07 12.95
C ASP A 132 -3.32 17.75 14.33
N MET A 133 -4.46 17.05 14.39
CA MET A 133 -5.05 16.66 15.68
C MET A 133 -4.14 15.73 16.51
N ALA A 134 -3.46 14.80 15.83
CA ALA A 134 -2.49 13.94 16.53
C ALA A 134 -1.29 14.76 16.99
N ALA A 135 -0.85 15.73 16.18
CA ALA A 135 0.33 16.53 16.52
C ALA A 135 0.08 17.37 17.78
N TRP A 136 -1.13 17.96 17.86
CA TRP A 136 -1.53 18.73 19.06
C TRP A 136 -1.73 17.85 20.28
N ASP A 137 -2.28 16.67 20.09
CA ASP A 137 -2.30 15.72 21.20
C ASP A 137 -0.87 15.44 21.69
N ALA A 138 0.04 15.08 20.77
CA ALA A 138 1.46 14.87 21.12
C ALA A 138 2.03 16.09 21.81
N LEU A 139 1.69 17.29 21.33
CA LEU A 139 2.29 18.49 21.88
C LEU A 139 1.80 18.73 23.30
N GLY A 140 0.51 18.46 23.55
CA GLY A 140 -0.01 18.44 24.93
C GLY A 140 0.73 17.45 25.82
N LYS A 141 1.03 16.27 25.27
CA LYS A 141 1.81 15.28 26.00
C LYS A 141 3.27 15.70 26.28
N VAL A 142 3.99 16.26 25.31
CA VAL A 142 5.32 16.84 25.54
C VAL A 142 5.32 17.77 26.78
N HIS A 143 4.28 18.59 26.90
CA HIS A 143 4.20 19.55 28.00
C HIS A 143 3.44 19.03 29.18
N GLU A 144 3.01 17.77 29.12
CA GLU A 144 2.30 17.15 30.24
C GLU A 144 1.10 18.02 30.66
N THR A 145 0.31 18.49 29.69
CA THR A 145 -0.80 19.39 29.99
C THR A 145 -2.04 19.07 29.11
N PRO A 146 -3.27 19.15 29.69
CA PRO A 146 -4.44 18.96 28.82
C PRO A 146 -4.40 19.96 27.66
N LEU A 147 -4.83 19.53 26.49
CA LEU A 147 -4.83 20.40 25.32
C LEU A 147 -5.44 21.78 25.58
N VAL A 148 -6.57 21.80 26.27
CA VAL A 148 -7.28 23.06 26.51
C VAL A 148 -6.36 24.07 27.19
N LYS A 149 -5.54 23.60 28.13
CA LYS A 149 -4.58 24.46 28.83
C LYS A 149 -3.43 24.92 27.94
N LEU A 150 -3.03 24.05 27.01
CA LEU A 150 -1.97 24.41 26.06
C LEU A 150 -2.45 25.56 25.12
N LEU A 151 -3.76 25.59 24.86
CA LEU A 151 -4.35 26.63 23.99
C LEU A 151 -4.57 27.89 24.80
N GLY A 152 -4.24 27.82 26.09
CA GLY A 152 -4.32 28.97 26.96
C GLY A 152 -5.65 29.20 27.62
N ALA A 153 -6.52 28.18 27.64
CA ALA A 153 -7.83 28.30 28.29
C ALA A 153 -7.97 27.40 29.51
N ASN A 154 -8.95 27.64 30.39
CA ASN A 154 -9.26 26.72 31.49
C ASN A 154 -10.22 25.68 30.99
N ALA A 155 -10.18 24.48 31.55
CA ALA A 155 -11.22 23.50 31.30
C ALA A 155 -12.50 24.07 31.92
N ARG A 156 -13.62 23.98 31.20
CA ARG A 156 -14.92 24.29 31.79
C ARG A 156 -15.90 23.23 31.28
N PRO A 157 -16.97 22.93 32.05
CA PRO A 157 -18.00 22.03 31.51
C PRO A 157 -18.72 22.64 30.28
N VAL A 158 -18.95 21.83 29.27
CA VAL A 158 -19.57 22.34 28.04
C VAL A 158 -20.88 21.59 27.72
N GLN A 159 -21.99 22.33 27.69
CA GLN A 159 -23.29 21.72 27.47
C GLN A 159 -23.29 20.88 26.15
N ALA A 160 -23.85 19.68 26.23
CA ALA A 160 -23.89 18.77 25.10
C ALA A 160 -25.31 18.33 24.82
N TYR A 161 -25.60 18.11 23.54
CA TYR A 161 -26.87 17.51 23.14
C TYR A 161 -26.61 16.10 22.66
N ASP A 162 -27.57 15.22 22.90
CA ASP A 162 -27.43 13.83 22.49
C ASP A 162 -27.98 13.73 21.08
N SER A 163 -27.16 13.20 20.17
CA SER A 163 -27.42 13.36 18.74
C SER A 163 -27.93 12.04 18.21
N HIS A 164 -29.17 12.05 17.72
CA HIS A 164 -29.87 10.85 17.30
C HIS A 164 -29.96 10.78 15.80
N SER A 165 -30.87 10.01 15.20
CA SER A 165 -30.92 9.99 13.75
C SER A 165 -32.34 9.96 13.19
N LEU A 166 -32.47 9.54 11.93
CA LEU A 166 -33.74 9.52 11.26
C LEU A 166 -34.50 8.27 11.75
N ASP A 167 -35.02 8.34 12.96
CA ASP A 167 -35.38 7.13 13.70
C ASP A 167 -36.84 6.68 13.65
N GLY A 168 -37.75 7.51 13.15
CA GLY A 168 -39.19 7.20 13.25
C GLY A 168 -39.70 7.48 14.67
N VAL A 169 -41.04 7.53 14.85
CA VAL A 169 -41.61 7.97 16.15
C VAL A 169 -41.27 7.07 17.30
N LYS A 170 -41.35 5.74 17.12
CA LYS A 170 -41.05 4.78 18.22
C LYS A 170 -39.63 4.95 18.76
N LEU A 171 -38.63 4.83 17.89
CA LEU A 171 -37.23 4.92 18.34
C LEU A 171 -36.85 6.33 18.78
N ALA A 172 -37.31 7.35 18.05
CA ALA A 172 -36.98 8.71 18.45
C ALA A 172 -37.48 9.00 19.89
N THR A 173 -38.67 8.49 20.20
CA THR A 173 -39.27 8.65 21.52
C THR A 173 -38.45 7.92 22.58
N GLU A 174 -38.11 6.66 22.30
CA GLU A 174 -37.29 5.89 23.22
C GLU A 174 -35.90 6.53 23.45
N ARG A 175 -35.24 7.00 22.39
CA ARG A 175 -33.90 7.60 22.57
C ARG A 175 -33.99 8.96 23.28
N ALA A 176 -35.05 9.70 23.00
CA ALA A 176 -35.25 10.98 23.67
C ALA A 176 -35.43 10.76 25.18
N VAL A 177 -36.26 9.81 25.58
CA VAL A 177 -36.43 9.49 27.03
C VAL A 177 -35.08 9.12 27.68
N THR A 178 -34.32 8.24 27.04
CA THR A 178 -32.99 7.83 27.54
C THR A 178 -32.07 9.05 27.74
N ALA A 179 -31.97 9.89 26.71
CA ALA A 179 -31.12 11.09 26.79
C ALA A 179 -31.50 12.01 27.96
N ALA A 180 -32.81 12.21 28.16
CA ALA A 180 -33.30 13.03 29.28
C ALA A 180 -32.91 12.41 30.62
N GLU A 181 -32.99 11.07 30.70
CA GLU A 181 -32.60 10.33 31.94
C GLU A 181 -31.10 10.47 32.20
N LEU A 182 -30.30 10.44 31.14
CA LEU A 182 -28.85 10.65 31.25
C LEU A 182 -28.42 12.06 31.68
N GLY A 183 -29.35 13.01 31.75
CA GLY A 183 -29.01 14.38 32.14
C GLY A 183 -28.85 15.39 30.98
N PHE A 184 -28.92 14.92 29.74
CA PHE A 184 -28.83 15.87 28.60
C PHE A 184 -30.02 16.82 28.61
N ARG A 185 -29.78 18.05 28.19
CA ARG A 185 -30.84 19.06 28.15
C ARG A 185 -31.28 19.36 26.71
N ALA A 186 -30.74 18.62 25.76
CA ALA A 186 -31.16 18.75 24.37
C ALA A 186 -30.85 17.49 23.61
N VAL A 187 -31.63 17.22 22.56
CA VAL A 187 -31.36 16.14 21.62
C VAL A 187 -31.45 16.71 20.23
N LYS A 188 -30.80 16.03 19.28
CA LYS A 188 -30.95 16.34 17.87
C LYS A 188 -31.51 15.12 17.16
N THR A 189 -32.47 15.34 16.27
CA THR A 189 -32.97 14.27 15.44
C THR A 189 -32.71 14.65 13.98
N LYS A 190 -32.58 13.64 13.14
CA LYS A 190 -32.41 13.88 11.72
C LYS A 190 -33.76 13.71 11.05
N ILE A 191 -34.12 14.68 10.20
CA ILE A 191 -35.41 14.66 9.54
C ILE A 191 -35.21 14.80 8.01
N GLY A 192 -36.30 14.96 7.25
CA GLY A 192 -36.27 14.82 5.81
C GLY A 192 -36.97 13.55 5.35
N TYR A 193 -38.00 13.14 6.08
CA TYR A 193 -38.91 12.08 5.62
C TYR A 193 -39.61 12.49 4.35
N PRO A 194 -40.21 11.52 3.60
CA PRO A 194 -40.86 11.92 2.34
C PRO A 194 -41.91 13.04 2.51
N ALA A 195 -42.62 13.06 3.64
CA ALA A 195 -43.66 14.07 3.87
C ALA A 195 -43.29 14.98 5.06
N LEU A 196 -43.57 16.28 4.94
CA LEU A 196 -43.42 17.22 6.05
C LEU A 196 -44.17 16.75 7.31
N ASP A 197 -45.39 16.21 7.14
CA ASP A 197 -46.20 15.74 8.28
C ASP A 197 -45.45 14.66 9.08
N GLN A 198 -44.62 13.89 8.39
CA GLN A 198 -43.76 12.93 9.07
C GLN A 198 -42.65 13.62 9.89
N ASP A 199 -41.99 14.64 9.33
CA ASP A 199 -41.01 15.41 10.11
C ASP A 199 -41.67 15.92 11.40
N LEU A 200 -42.85 16.53 11.24
CA LEU A 200 -43.55 17.16 12.35
C LEU A 200 -43.95 16.11 13.37
N ALA A 201 -44.36 14.94 12.91
CA ALA A 201 -44.82 13.89 13.80
C ALA A 201 -43.68 13.46 14.74
N VAL A 202 -42.47 13.29 14.18
CA VAL A 202 -41.30 12.88 14.96
C VAL A 202 -40.89 13.97 15.93
N VAL A 203 -40.85 15.21 15.47
CA VAL A 203 -40.45 16.30 16.33
C VAL A 203 -41.45 16.49 17.50
N ARG A 204 -42.74 16.41 17.22
CA ARG A 204 -43.77 16.50 18.27
C ARG A 204 -43.70 15.33 19.25
N SER A 205 -43.45 14.13 18.74
CA SER A 205 -43.36 12.96 19.64
C SER A 205 -42.19 13.15 20.59
N ILE A 206 -41.06 13.66 20.05
CA ILE A 206 -39.89 13.94 20.89
C ILE A 206 -40.28 14.95 21.98
N ARG A 207 -41.01 15.99 21.59
CA ARG A 207 -41.41 17.03 22.55
C ARG A 207 -42.20 16.40 23.72
N GLN A 208 -43.06 15.42 23.41
CA GLN A 208 -43.85 14.76 24.46
C GLN A 208 -42.92 14.00 25.41
N ALA A 209 -41.86 13.41 24.87
CA ALA A 209 -40.95 12.62 25.68
C ALA A 209 -40.07 13.48 26.58
N VAL A 210 -39.72 14.69 26.15
CA VAL A 210 -38.74 15.48 26.89
C VAL A 210 -39.30 16.68 27.67
N GLY A 211 -40.55 17.08 27.39
CA GLY A 211 -41.15 18.25 28.03
C GLY A 211 -40.74 19.55 27.35
N ASP A 212 -41.34 20.65 27.83
CA ASP A 212 -41.19 21.96 27.20
C ASP A 212 -39.88 22.70 27.49
N ASP A 213 -39.21 22.36 28.60
CA ASP A 213 -37.94 23.04 28.91
C ASP A 213 -36.74 22.18 28.47
N PHE A 214 -36.52 22.09 27.16
CA PHE A 214 -35.63 21.08 26.58
C PHE A 214 -35.40 21.40 25.11
N GLY A 215 -34.15 21.40 24.66
CA GLY A 215 -33.84 21.68 23.25
C GLY A 215 -34.09 20.49 22.30
N ILE A 216 -34.70 20.77 21.16
CA ILE A 216 -34.79 19.78 20.09
C ILE A 216 -34.16 20.42 18.85
N MET A 217 -32.96 20.01 18.52
CA MET A 217 -32.36 20.45 17.26
C MET A 217 -32.82 19.52 16.15
N VAL A 218 -32.87 20.00 14.91
CA VAL A 218 -33.24 19.13 13.80
C VAL A 218 -32.28 19.30 12.64
N ASP A 219 -32.04 18.20 11.94
CA ASP A 219 -31.00 18.14 10.91
C ASP A 219 -31.58 17.57 9.60
N TYR A 220 -31.56 18.35 8.54
CA TYR A 220 -32.04 17.89 7.24
C TYR A 220 -30.99 17.15 6.38
N ASN A 221 -29.72 17.20 6.79
CA ASN A 221 -28.64 16.55 6.02
C ASN A 221 -28.73 16.86 4.53
N GLN A 222 -28.95 18.12 4.17
CA GLN A 222 -28.83 18.61 2.79
C GLN A 222 -29.95 18.15 1.88
N SER A 223 -31.04 17.61 2.46
CA SER A 223 -31.98 16.84 1.66
C SER A 223 -33.05 17.66 0.93
N LEU A 224 -33.16 18.96 1.21
CA LEU A 224 -34.23 19.75 0.60
C LEU A 224 -33.71 20.78 -0.41
N ASP A 225 -34.55 21.12 -1.38
CA ASP A 225 -34.32 22.33 -2.19
C ASP A 225 -34.72 23.57 -1.40
N VAL A 226 -34.27 24.76 -1.82
CA VAL A 226 -34.58 25.99 -1.08
C VAL A 226 -36.09 26.20 -0.79
N PRO A 227 -36.96 26.09 -1.79
CA PRO A 227 -38.37 26.38 -1.41
C PRO A 227 -38.95 25.31 -0.46
N ALA A 228 -38.59 24.05 -0.65
CA ALA A 228 -39.08 23.00 0.24
C ALA A 228 -38.56 23.24 1.67
N ALA A 229 -37.31 23.67 1.77
CA ALA A 229 -36.68 24.02 3.06
C ALA A 229 -37.37 25.20 3.74
N ILE A 230 -37.74 26.22 2.96
CA ILE A 230 -38.44 27.36 3.53
C ILE A 230 -39.81 26.86 4.07
N LYS A 231 -40.49 26.03 3.29
CA LYS A 231 -41.81 25.56 3.69
C LYS A 231 -41.73 24.67 4.95
N ARG A 232 -40.87 23.66 4.89
CA ARG A 232 -40.74 22.77 6.04
C ARG A 232 -40.21 23.50 7.26
N SER A 233 -39.24 24.40 7.06
CA SER A 233 -38.64 25.13 8.18
C SER A 233 -39.62 26.07 8.91
N GLN A 234 -40.50 26.74 8.18
CA GLN A 234 -41.46 27.60 8.84
C GLN A 234 -42.47 26.79 9.67
N ALA A 235 -42.79 25.60 9.20
CA ALA A 235 -43.67 24.73 9.97
C ALA A 235 -42.93 24.23 11.23
N LEU A 236 -41.65 23.92 11.09
CA LEU A 236 -40.90 23.40 12.24
C LEU A 236 -40.67 24.49 13.27
N GLN A 237 -40.53 25.71 12.77
CA GLN A 237 -40.32 26.88 13.58
C GLN A 237 -41.55 27.10 14.49
N GLN A 238 -42.73 26.78 13.98
CA GLN A 238 -43.95 26.87 14.79
C GLN A 238 -43.93 25.86 15.94
N GLU A 239 -43.19 24.77 15.79
CA GLU A 239 -43.05 23.75 16.84
C GLU A 239 -42.03 24.13 17.90
N GLY A 240 -41.22 25.14 17.63
CA GLY A 240 -40.25 25.62 18.60
C GLY A 240 -38.92 24.87 18.61
N VAL A 241 -38.49 24.34 17.47
CA VAL A 241 -37.18 23.71 17.41
C VAL A 241 -36.03 24.71 17.67
N THR A 242 -34.92 24.19 18.14
CA THR A 242 -33.77 24.98 18.53
C THR A 242 -32.96 25.51 17.33
N TRP A 243 -32.78 24.69 16.30
CA TRP A 243 -32.18 25.14 15.07
C TRP A 243 -32.52 24.22 13.93
N ILE A 244 -32.24 24.68 12.71
CA ILE A 244 -32.47 23.89 11.51
C ILE A 244 -31.12 23.76 10.80
N GLU A 245 -30.65 22.53 10.70
CA GLU A 245 -29.29 22.25 10.29
C GLU A 245 -29.24 21.69 8.86
N GLU A 246 -28.31 22.23 8.07
CA GLU A 246 -28.13 21.91 6.64
C GLU A 246 -29.44 21.59 5.91
N PRO A 247 -30.32 22.59 5.80
CA PRO A 247 -31.57 22.36 5.08
C PRO A 247 -31.34 21.97 3.60
N THR A 248 -30.28 22.50 2.98
CA THR A 248 -30.04 22.23 1.56
C THR A 248 -28.57 21.85 1.29
N LEU A 249 -28.21 21.68 0.01
CA LEU A 249 -26.86 21.27 -0.38
C LEU A 249 -25.82 22.10 0.36
N GLN A 250 -24.87 21.40 0.98
CA GLN A 250 -23.92 22.02 1.89
C GLN A 250 -23.12 23.15 1.28
N HIS A 251 -22.79 23.03 -0.01
CA HIS A 251 -21.92 24.03 -0.64
C HIS A 251 -22.71 25.26 -1.05
N ASP A 252 -24.04 25.16 -1.01
CA ASP A 252 -24.87 26.26 -1.51
C ASP A 252 -25.13 27.29 -0.40
N TYR A 253 -24.14 28.15 -0.19
CA TYR A 253 -24.24 29.16 0.83
C TYR A 253 -25.32 30.18 0.51
N GLU A 254 -25.43 30.58 -0.76
CA GLU A 254 -26.46 31.56 -1.19
C GLU A 254 -27.87 30.98 -0.90
N GLY A 255 -28.05 29.71 -1.17
CA GLY A 255 -29.31 29.01 -0.88
C GLY A 255 -29.64 28.97 0.60
N HIS A 256 -28.63 28.72 1.42
CA HIS A 256 -28.77 28.79 2.87
C HIS A 256 -29.22 30.16 3.27
N GLN A 257 -28.52 31.18 2.80
CA GLN A 257 -28.89 32.56 3.10
C GLN A 257 -30.37 32.81 2.75
N ARG A 258 -30.78 32.35 1.56
CA ARG A 258 -32.16 32.53 1.11
C ARG A 258 -33.12 31.86 2.09
N ILE A 259 -32.81 30.64 2.51
CA ILE A 259 -33.62 29.96 3.54
C ILE A 259 -33.63 30.75 4.86
N GLN A 260 -32.44 31.15 5.32
CA GLN A 260 -32.29 31.91 6.58
C GLN A 260 -33.11 33.20 6.58
N SER A 261 -33.15 33.88 5.43
CA SER A 261 -33.87 35.16 5.26
C SER A 261 -35.37 35.00 5.57
N LYS A 262 -35.87 33.77 5.51
CA LYS A 262 -37.30 33.54 5.73
C LYS A 262 -37.58 32.94 7.11
N LEU A 263 -36.55 32.87 7.96
CA LEU A 263 -36.69 32.21 9.26
C LEU A 263 -36.35 33.11 10.43
N ASN A 264 -37.08 32.95 11.53
CA ASN A 264 -36.64 33.47 12.84
C ASN A 264 -35.69 32.49 13.54
N VAL A 265 -36.07 31.21 13.55
CA VAL A 265 -35.18 30.15 14.06
C VAL A 265 -33.82 30.19 13.29
N PRO A 266 -32.71 29.88 13.97
CA PRO A 266 -31.44 30.00 13.22
C PRO A 266 -31.20 28.81 12.30
N VAL A 267 -30.64 29.09 11.11
CA VAL A 267 -30.08 28.03 10.28
C VAL A 267 -28.68 27.67 10.81
N GLN A 268 -28.46 26.37 10.97
CA GLN A 268 -27.20 25.84 11.45
C GLN A 268 -26.48 25.10 10.32
N MET A 269 -25.17 25.30 10.20
CA MET A 269 -24.38 24.51 9.25
C MET A 269 -22.93 24.58 9.66
N GLY A 270 -22.07 23.89 8.91
CA GLY A 270 -20.62 24.02 9.08
C GLY A 270 -19.87 22.70 9.07
N GLU A 271 -20.57 21.60 9.34
CA GLU A 271 -19.89 20.30 9.43
C GLU A 271 -19.16 19.92 8.15
N ASN A 272 -19.57 20.51 7.03
CA ASN A 272 -19.00 20.16 5.74
C ASN A 272 -18.02 21.20 5.18
N TRP A 273 -17.79 22.27 5.94
CA TRP A 273 -16.75 23.24 5.59
C TRP A 273 -15.39 22.61 5.62
N LEU A 274 -14.75 22.59 4.47
CA LEU A 274 -13.40 22.06 4.37
C LEU A 274 -12.40 23.21 4.51
N GLY A 275 -11.92 23.40 5.73
CA GLY A 275 -11.04 24.52 6.03
C GLY A 275 -11.81 25.80 6.40
N PRO A 276 -11.18 26.68 7.19
CA PRO A 276 -11.80 27.94 7.57
C PRO A 276 -12.09 28.83 6.38
N GLU A 277 -11.42 28.58 5.24
CA GLU A 277 -11.66 29.39 4.07
C GLU A 277 -13.10 29.12 3.53
N GLU A 278 -13.62 27.92 3.69
CA GLU A 278 -15.01 27.66 3.28
CA GLU A 278 -15.02 27.64 3.28
C GLU A 278 -15.98 28.31 4.26
N MET A 279 -15.67 28.27 5.54
CA MET A 279 -16.47 28.94 6.55
C MET A 279 -16.55 30.46 6.29
N PHE A 280 -15.40 31.04 5.92
CA PHE A 280 -15.32 32.46 5.66
C PHE A 280 -16.28 32.89 4.56
N LYS A 281 -16.30 32.12 3.47
CA LYS A 281 -17.22 32.39 2.34
C LYS A 281 -18.69 32.30 2.79
N ALA A 282 -19.00 31.26 3.57
CA ALA A 282 -20.36 31.06 4.05
C ALA A 282 -20.78 32.24 4.89
N LEU A 283 -19.94 32.61 5.85
CA LEU A 283 -20.31 33.65 6.78
C LEU A 283 -20.34 35.02 6.12
N SER A 284 -19.46 35.24 5.13
CA SER A 284 -19.42 36.52 4.40
C SER A 284 -20.73 36.84 3.69
N ILE A 285 -21.49 35.83 3.30
CA ILE A 285 -22.76 36.16 2.65
C ILE A 285 -23.97 35.87 3.52
N GLY A 286 -23.74 35.58 4.81
CA GLY A 286 -24.86 35.44 5.76
C GLY A 286 -25.62 34.14 5.56
N ALA A 287 -24.88 33.04 5.27
CA ALA A 287 -25.54 31.76 5.01
C ALA A 287 -26.33 31.24 6.21
N CYS A 288 -25.93 31.60 7.43
CA CYS A 288 -26.44 30.92 8.63
C CYS A 288 -26.27 31.84 9.84
N ARG A 289 -27.02 31.58 10.90
CA ARG A 289 -26.82 32.34 12.13
C ARG A 289 -26.07 31.56 13.23
N LEU A 290 -25.89 30.26 13.02
CA LEU A 290 -25.07 29.39 13.86
C LEU A 290 -24.05 28.69 12.97
N ALA A 291 -22.94 28.26 13.58
CA ALA A 291 -21.92 27.45 12.94
C ALA A 291 -21.59 26.22 13.79
N MET A 292 -21.22 25.13 13.13
CA MET A 292 -20.71 23.97 13.83
C MET A 292 -19.63 23.28 13.01
N PRO A 293 -18.41 23.81 13.02
CA PRO A 293 -17.32 23.11 12.33
C PRO A 293 -17.06 21.68 12.84
N ASP A 294 -16.54 20.85 11.95
CA ASP A 294 -16.16 19.49 12.25
C ASP A 294 -14.63 19.52 12.44
N ALA A 295 -14.16 19.08 13.62
CA ALA A 295 -12.73 19.17 13.93
C ALA A 295 -11.83 18.60 12.81
N MET A 296 -12.29 17.54 12.14
CA MET A 296 -11.55 17.01 10.99
C MET A 296 -11.68 17.96 9.79
N LYS A 297 -12.89 18.16 9.26
CA LYS A 297 -13.02 18.97 8.04
C LYS A 297 -12.48 20.39 8.10
N ILE A 298 -12.66 21.04 9.25
CA ILE A 298 -12.20 22.42 9.45
C ILE A 298 -10.67 22.54 9.42
N GLY A 299 -9.95 21.41 9.48
CA GLY A 299 -8.46 21.45 9.54
C GLY A 299 -7.85 21.17 10.91
N GLY A 300 -8.54 20.37 11.72
CA GLY A 300 -7.99 19.99 13.03
C GLY A 300 -8.00 21.16 14.01
N VAL A 301 -7.15 21.06 15.04
CA VAL A 301 -7.00 22.14 16.03
C VAL A 301 -6.60 23.45 15.38
N THR A 302 -5.64 23.39 14.46
CA THR A 302 -5.13 24.60 13.81
C THR A 302 -6.28 25.31 13.06
N GLY A 303 -7.02 24.55 12.25
CA GLY A 303 -8.15 25.13 11.56
C GLY A 303 -9.26 25.60 12.50
N TRP A 304 -9.51 24.82 13.55
CA TRP A 304 -10.56 25.13 14.51
C TRP A 304 -10.34 26.46 15.20
N ILE A 305 -9.13 26.70 15.69
CA ILE A 305 -8.78 27.98 16.34
C ILE A 305 -8.99 29.14 15.34
N ARG A 306 -8.63 28.91 14.07
CA ARG A 306 -8.91 29.96 13.06
C ARG A 306 -10.41 30.19 12.87
N ALA A 307 -11.17 29.09 12.80
CA ALA A 307 -12.63 29.14 12.69
C ALA A 307 -13.28 29.89 13.87
N SER A 308 -12.78 29.65 15.08
CA SER A 308 -13.33 30.31 16.26
C SER A 308 -13.11 31.82 16.23
N ALA A 309 -11.97 32.27 15.65
CA ALA A 309 -11.68 33.69 15.46
C ALA A 309 -12.66 34.33 14.48
N LEU A 310 -12.97 33.61 13.40
CA LEU A 310 -13.98 34.05 12.44
C LEU A 310 -15.37 34.10 13.10
N ALA A 311 -15.77 33.00 13.74
CA ALA A 311 -17.12 32.96 14.37
C ALA A 311 -17.28 34.13 15.35
N GLN A 312 -16.23 34.42 16.12
CA GLN A 312 -16.28 35.54 17.05
C GLN A 312 -16.52 36.87 16.32
N GLN A 313 -15.75 37.13 15.27
CA GLN A 313 -15.93 38.42 14.59
C GLN A 313 -17.29 38.56 13.91
N PHE A 314 -17.78 37.47 13.33
CA PHE A 314 -19.08 37.46 12.64
C PHE A 314 -20.29 37.33 13.60
N GLY A 315 -20.05 37.23 14.91
CA GLY A 315 -21.14 37.12 15.90
C GLY A 315 -21.93 35.84 15.70
N ILE A 316 -21.20 34.71 15.57
CA ILE A 316 -21.81 33.41 15.32
C ILE A 316 -21.47 32.44 16.47
N PRO A 317 -22.49 32.06 17.29
CA PRO A 317 -22.32 30.98 18.27
C PRO A 317 -21.84 29.67 17.59
N MET A 318 -20.77 29.08 18.09
CA MET A 318 -20.10 28.03 17.38
C MET A 318 -20.17 26.75 18.17
N SER A 319 -20.76 25.73 17.55
CA SER A 319 -20.85 24.41 18.13
C SER A 319 -19.85 23.46 17.46
N SER A 320 -19.82 22.21 17.92
CA SER A 320 -18.94 21.21 17.32
C SER A 320 -19.74 20.20 16.52
N HIS A 321 -19.07 19.48 15.64
CA HIS A 321 -19.67 18.35 14.91
C HIS A 321 -18.79 17.15 15.10
N LEU A 322 -19.36 16.11 15.71
CA LEU A 322 -18.64 14.86 16.04
C LEU A 322 -17.33 15.14 16.82
N PHE A 323 -16.41 14.16 16.83
CA PHE A 323 -15.10 14.29 17.51
C PHE A 323 -15.26 14.88 18.90
N GLN A 324 -16.15 14.30 19.68
CA GLN A 324 -16.50 14.85 21.00
C GLN A 324 -15.28 14.92 21.91
N GLU A 325 -14.34 13.99 21.73
CA GLU A 325 -13.17 13.94 22.61
C GLU A 325 -12.35 15.23 22.50
N ILE A 326 -11.99 15.60 21.28
CA ILE A 326 -11.19 16.80 21.09
C ILE A 326 -12.06 18.05 21.18
N SER A 327 -13.32 17.93 20.76
CA SER A 327 -14.23 19.09 20.72
C SER A 327 -14.50 19.67 22.09
N ALA A 328 -14.50 18.82 23.13
CA ALA A 328 -14.65 19.32 24.49
C ALA A 328 -13.51 20.27 24.87
N HIS A 329 -12.28 20.00 24.47
CA HIS A 329 -11.15 20.93 24.59
C HIS A 329 -11.32 22.16 23.76
N LEU A 330 -11.62 21.97 22.50
CA LEU A 330 -11.66 23.08 21.57
C LEU A 330 -12.76 24.11 21.93
N LEU A 331 -13.93 23.61 22.30
CA LEU A 331 -15.04 24.51 22.70
C LEU A 331 -14.67 25.37 23.90
N ALA A 332 -13.90 24.82 24.83
CA ALA A 332 -13.50 25.57 26.03
C ALA A 332 -12.58 26.74 25.66
N ALA A 333 -11.89 26.62 24.52
CA ALA A 333 -11.05 27.72 24.00
C ALA A 333 -11.80 28.59 22.97
N THR A 334 -13.10 28.38 22.79
CA THR A 334 -13.85 29.04 21.70
C THR A 334 -14.68 30.20 22.25
N PRO A 335 -14.37 31.46 21.86
CA PRO A 335 -15.07 32.60 22.49
C PRO A 335 -16.62 32.55 22.37
N THR A 336 -17.16 32.09 21.24
CA THR A 336 -18.63 32.00 21.06
C THR A 336 -19.16 30.55 21.23
N ALA A 337 -18.45 29.72 22.01
CA ALA A 337 -18.83 28.32 22.20
C ALA A 337 -20.32 28.16 22.53
N HIS A 338 -20.96 27.23 21.86
CA HIS A 338 -22.38 27.04 21.95
C HIS A 338 -22.65 25.65 22.48
N TRP A 339 -22.81 24.63 21.64
CA TRP A 339 -23.07 23.25 22.04
C TRP A 339 -21.98 22.30 21.60
N LEU A 340 -21.85 21.18 22.34
CA LEU A 340 -21.03 20.05 21.92
C LEU A 340 -22.00 19.00 21.42
N GLU A 341 -21.72 18.44 20.25
CA GLU A 341 -22.48 17.33 19.72
C GLU A 341 -21.97 16.04 20.36
N ARG A 342 -22.86 15.39 21.10
CA ARG A 342 -22.56 14.07 21.61
C ARG A 342 -23.08 12.98 20.65
N LEU A 343 -22.17 12.48 19.84
CA LEU A 343 -22.42 11.33 19.01
C LEU A 343 -21.16 10.48 19.10
N ASP A 344 -21.25 9.40 19.86
CA ASP A 344 -20.03 8.68 20.25
C ASP A 344 -19.57 7.67 19.18
N LEU A 345 -19.07 8.16 18.05
CA LEU A 345 -18.65 7.27 16.97
C LEU A 345 -17.48 6.36 17.34
N ALA A 346 -16.56 6.86 18.17
CA ALA A 346 -15.34 6.12 18.52
C ALA A 346 -15.34 5.43 19.90
N GLY A 347 -16.50 5.44 20.56
CA GLY A 347 -16.68 4.83 21.90
C GLY A 347 -16.21 3.39 22.03
N SER A 348 -16.42 2.59 20.99
CA SER A 348 -15.95 1.19 20.99
C SER A 348 -14.43 1.02 21.01
N VAL A 349 -13.68 2.04 20.59
CA VAL A 349 -12.21 1.91 20.51
C VAL A 349 -11.45 2.94 21.32
N ILE A 350 -12.16 3.79 22.05
CA ILE A 350 -11.52 4.82 22.88
C ILE A 350 -12.06 4.73 24.31
N GLU A 351 -11.17 4.80 25.29
CA GLU A 351 -11.58 4.74 26.69
C GLU A 351 -12.50 5.92 27.04
N PRO A 352 -13.55 5.67 27.87
CA PRO A 352 -14.51 6.72 28.18
C PRO A 352 -14.00 7.72 29.23
N THR A 353 -12.88 8.37 28.95
CA THR A 353 -12.30 9.37 29.86
C THR A 353 -13.07 10.69 29.80
N LEU A 354 -13.70 10.98 28.66
CA LEU A 354 -14.63 12.10 28.59
C LEU A 354 -15.94 11.71 29.30
N THR A 355 -16.34 12.48 30.29
CA THR A 355 -17.59 12.17 31.01
C THR A 355 -18.64 13.27 30.85
N PHE A 356 -19.85 13.00 31.30
CA PHE A 356 -20.97 13.95 31.22
C PHE A 356 -21.67 14.09 32.57
N GLU A 357 -21.69 15.32 33.09
CA GLU A 357 -22.32 15.65 34.37
C GLU A 357 -23.39 16.71 34.09
N GLY A 358 -24.64 16.36 34.38
CA GLY A 358 -25.78 17.26 34.09
C GLY A 358 -25.86 17.69 32.64
N GLY A 359 -25.51 16.78 31.74
CA GLY A 359 -25.56 17.04 30.30
C GLY A 359 -24.37 17.83 29.78
N ASN A 360 -23.39 18.13 30.64
CA ASN A 360 -22.19 18.86 30.24
C ASN A 360 -21.01 17.94 30.10
N ALA A 361 -20.28 18.09 29.00
CA ALA A 361 -19.04 17.34 28.77
C ALA A 361 -17.96 17.84 29.73
N VAL A 362 -17.26 16.93 30.40
CA VAL A 362 -16.23 17.26 31.40
C VAL A 362 -14.89 16.74 30.87
N ILE A 363 -13.98 17.68 30.55
CA ILE A 363 -12.65 17.33 30.00
C ILE A 363 -11.87 16.50 31.02
N PRO A 364 -11.34 15.32 30.63
CA PRO A 364 -10.58 14.58 31.62
C PRO A 364 -9.23 15.26 31.92
N ASP A 365 -8.72 15.05 33.13
CA ASP A 365 -7.45 15.64 33.53
C ASP A 365 -6.31 14.72 33.07
N LEU A 366 -6.01 14.81 31.77
CA LEU A 366 -5.02 13.95 31.11
C LEU A 366 -4.28 14.81 30.11
N PRO A 367 -3.00 14.49 29.82
CA PRO A 367 -2.27 15.31 28.85
C PRO A 367 -2.88 15.20 27.45
N GLY A 368 -2.71 16.24 26.64
CA GLY A 368 -3.30 16.29 25.32
C GLY A 368 -4.82 16.14 25.36
N VAL A 369 -5.34 15.34 24.45
CA VAL A 369 -6.77 15.24 24.24
C VAL A 369 -7.42 14.30 25.24
N GLY A 370 -6.64 13.40 25.81
CA GLY A 370 -7.19 12.39 26.72
C GLY A 370 -7.79 11.20 26.00
N ILE A 371 -7.31 10.93 24.79
CA ILE A 371 -7.65 9.71 24.04
C ILE A 371 -6.70 8.56 24.42
N ILE A 372 -7.26 7.44 24.85
CA ILE A 372 -6.50 6.24 25.16
C ILE A 372 -7.19 5.11 24.39
N TRP A 373 -6.43 4.41 23.54
CA TRP A 373 -6.99 3.33 22.71
C TRP A 373 -7.45 2.15 23.52
N ARG A 374 -8.53 1.50 23.09
CA ARG A 374 -8.91 0.23 23.69
C ARG A 374 -8.30 -0.84 22.78
N GLU A 375 -7.03 -1.19 23.06
CA GLU A 375 -6.23 -2.00 22.13
C GLU A 375 -6.82 -3.35 21.88
N LYS A 376 -7.43 -3.95 22.92
CA LYS A 376 -8.08 -5.24 22.75
C LYS A 376 -9.31 -5.08 21.83
N GLU A 377 -10.07 -4.01 22.03
CA GLU A 377 -11.26 -3.79 21.20
C GLU A 377 -10.95 -3.51 19.72
N ILE A 378 -9.92 -2.71 19.46
CA ILE A 378 -9.54 -2.38 18.08
C ILE A 378 -9.38 -3.60 17.16
N GLY A 379 -8.75 -4.67 17.65
CA GLY A 379 -8.54 -5.89 16.86
C GLY A 379 -9.80 -6.53 16.27
N LYS A 380 -10.92 -6.38 16.96
CA LYS A 380 -12.21 -6.88 16.46
C LYS A 380 -12.71 -6.16 15.21
N TYR A 381 -12.26 -4.94 14.97
CA TYR A 381 -12.91 -4.09 13.96
C TYR A 381 -12.02 -3.76 12.78
N LEU A 382 -10.79 -4.27 12.79
CA LEU A 382 -9.84 -3.98 11.73
C LEU A 382 -10.31 -4.43 10.35
N VAL A 383 -10.09 -3.60 9.36
CA VAL A 383 -10.43 -3.90 7.98
C VAL A 383 -9.11 -4.15 7.24
N GLU B 27 7.31 -20.18 -31.65
CA GLU B 27 5.82 -20.16 -31.56
C GLU B 27 5.41 -19.58 -30.18
N VAL B 28 4.42 -20.19 -29.51
CA VAL B 28 3.66 -19.58 -28.39
C VAL B 28 4.44 -18.82 -27.30
N LEU B 29 4.12 -17.53 -27.17
CA LEU B 29 4.76 -16.62 -26.23
C LEU B 29 3.80 -16.16 -25.15
N ILE B 30 4.36 -15.82 -23.99
CA ILE B 30 3.61 -15.15 -22.95
C ILE B 30 3.51 -13.69 -23.33
N THR B 31 2.31 -13.11 -23.23
CA THR B 31 2.12 -11.73 -23.65
C THR B 31 1.74 -10.79 -22.52
N GLY B 32 1.44 -11.34 -21.35
CA GLY B 32 0.97 -10.52 -20.24
C GLY B 32 0.67 -11.31 -18.98
N LEU B 33 0.78 -10.63 -17.85
CA LEU B 33 0.47 -11.19 -16.55
C LEU B 33 -0.44 -10.22 -15.80
N ARG B 34 -1.48 -10.76 -15.21
CA ARG B 34 -2.34 -9.98 -14.39
C ARG B 34 -2.66 -10.68 -13.10
N THR B 35 -2.62 -9.97 -11.99
CA THR B 35 -2.90 -10.59 -10.68
C THR B 35 -4.01 -9.83 -9.98
N ARG B 36 -4.73 -10.53 -9.11
CA ARG B 36 -5.78 -9.92 -8.29
C ARG B 36 -5.70 -10.51 -6.91
N ALA B 37 -5.54 -9.65 -5.90
CA ALA B 37 -5.44 -10.10 -4.53
C ALA B 37 -6.84 -10.09 -3.91
N VAL B 38 -7.25 -11.22 -3.33
CA VAL B 38 -8.55 -11.32 -2.67
C VAL B 38 -8.40 -11.92 -1.29
N ASN B 39 -9.30 -11.54 -0.38
CA ASN B 39 -9.32 -12.09 0.94
C ASN B 39 -10.71 -12.69 1.06
N VAL B 40 -10.82 -14.01 0.84
CA VAL B 40 -12.14 -14.65 0.82
C VAL B 40 -12.49 -15.27 2.17
N PRO B 41 -13.61 -14.81 2.79
CA PRO B 41 -14.10 -15.42 4.03
C PRO B 41 -14.42 -16.92 3.83
N LEU B 42 -14.18 -17.73 4.87
CA LEU B 42 -14.43 -19.17 4.76
C LEU B 42 -15.62 -19.56 5.63
N ALA B 43 -16.43 -20.51 5.13
CA ALA B 43 -17.51 -21.12 5.94
C ALA B 43 -16.97 -21.59 7.30
N TYR B 44 -15.87 -22.35 7.28
CA TYR B 44 -15.22 -22.80 8.50
C TYR B 44 -13.79 -22.29 8.57
N PRO B 45 -13.53 -21.31 9.46
CA PRO B 45 -12.15 -20.82 9.63
C PRO B 45 -11.23 -22.00 9.95
N VAL B 46 -10.01 -21.96 9.42
CA VAL B 46 -9.06 -23.04 9.70
C VAL B 46 -8.30 -22.72 11.00
N HIS B 47 -8.80 -23.27 12.10
CA HIS B 47 -8.15 -23.17 13.39
C HIS B 47 -7.05 -24.19 13.43
N THR B 48 -5.87 -23.76 13.85
CA THR B 48 -4.76 -24.68 14.07
C THR B 48 -4.24 -24.43 15.48
N ALA B 49 -3.34 -25.31 15.93
CA ALA B 49 -2.73 -25.13 17.25
C ALA B 49 -1.82 -23.90 17.33
N VAL B 50 -1.39 -23.36 16.18
CA VAL B 50 -0.49 -22.20 16.18
C VAL B 50 -1.16 -20.90 15.69
N GLY B 51 -2.49 -20.89 15.56
CA GLY B 51 -3.20 -19.71 15.04
C GLY B 51 -4.32 -20.08 14.09
N THR B 52 -5.19 -19.10 13.82
CA THR B 52 -6.36 -19.31 12.96
C THR B 52 -6.22 -18.57 11.63
N VAL B 53 -6.50 -19.31 10.54
CA VAL B 53 -6.69 -18.73 9.21
C VAL B 53 -8.21 -18.55 9.00
N GLY B 54 -8.70 -17.35 9.28
CA GLY B 54 -10.15 -17.08 9.31
C GLY B 54 -10.70 -16.75 7.94
N THR B 55 -9.83 -16.25 7.06
CA THR B 55 -10.15 -15.95 5.67
C THR B 55 -9.05 -16.55 4.79
N ALA B 56 -9.31 -16.67 3.48
CA ALA B 56 -8.28 -17.14 2.56
C ALA B 56 -7.72 -15.98 1.72
N PRO B 57 -6.50 -15.51 2.07
CA PRO B 57 -5.90 -14.48 1.25
C PRO B 57 -5.24 -15.11 0.03
N LEU B 58 -5.78 -14.82 -1.16
CA LEU B 58 -5.37 -15.46 -2.41
C LEU B 58 -4.89 -14.45 -3.43
N VAL B 59 -3.94 -14.86 -4.27
CA VAL B 59 -3.60 -14.11 -5.46
C VAL B 59 -4.07 -14.91 -6.66
N LEU B 60 -4.90 -14.30 -7.49
CA LEU B 60 -5.49 -14.95 -8.65
C LEU B 60 -4.69 -14.46 -9.83
N ILE B 61 -4.24 -15.41 -10.65
CA ILE B 61 -3.25 -15.13 -11.65
C ILE B 61 -3.79 -15.44 -13.06
N ASP B 62 -3.70 -14.47 -13.96
CA ASP B 62 -3.98 -14.67 -15.38
C ASP B 62 -2.72 -14.50 -16.22
N LEU B 63 -2.41 -15.51 -17.02
CA LEU B 63 -1.26 -15.46 -17.91
C LEU B 63 -1.76 -15.47 -19.35
N ALA B 64 -1.66 -14.33 -20.02
CA ALA B 64 -2.08 -14.21 -21.41
C ALA B 64 -0.97 -14.71 -22.32
N THR B 65 -1.36 -15.28 -23.45
CA THR B 65 -0.44 -15.85 -24.44
C THR B 65 -0.77 -15.40 -25.84
N SER B 66 0.17 -15.56 -26.75
CA SER B 66 -0.01 -15.13 -28.15
C SER B 66 -0.92 -16.10 -28.93
N ALA B 67 -1.28 -17.21 -28.30
CA ALA B 67 -2.21 -18.16 -28.91
C ALA B 67 -3.64 -17.80 -28.53
N GLY B 68 -3.81 -16.70 -27.81
CA GLY B 68 -5.14 -16.25 -27.42
C GLY B 68 -5.74 -16.92 -26.19
N VAL B 69 -5.12 -18.00 -25.71
CA VAL B 69 -5.60 -18.65 -24.49
C VAL B 69 -5.03 -17.95 -23.25
N VAL B 70 -5.72 -18.10 -22.13
CA VAL B 70 -5.26 -17.48 -20.89
C VAL B 70 -5.10 -18.54 -19.81
N GLY B 71 -3.89 -18.65 -19.27
CA GLY B 71 -3.64 -19.57 -18.15
C GLY B 71 -4.12 -18.98 -16.83
N HIS B 72 -4.71 -19.84 -15.99
CA HIS B 72 -5.15 -19.45 -14.65
C HIS B 72 -4.52 -20.31 -13.59
N SER B 73 -4.12 -19.65 -12.50
CA SER B 73 -3.74 -20.35 -11.26
C SER B 73 -4.00 -19.41 -10.11
N TYR B 74 -3.74 -19.87 -8.90
CA TYR B 74 -3.77 -18.96 -7.77
C TYR B 74 -2.75 -19.35 -6.73
N LEU B 75 -2.43 -18.42 -5.83
CA LEU B 75 -1.50 -18.65 -4.73
C LEU B 75 -2.24 -18.41 -3.45
N PHE B 76 -1.81 -19.09 -2.40
CA PHE B 76 -2.35 -18.90 -1.07
C PHE B 76 -1.29 -18.19 -0.23
N ALA B 77 -1.63 -17.04 0.35
CA ALA B 77 -0.67 -16.24 1.12
C ALA B 77 -0.64 -16.52 2.64
N TYR B 78 -1.54 -17.41 3.09
CA TYR B 78 -1.63 -17.85 4.50
C TYR B 78 -2.12 -16.80 5.47
N THR B 79 -1.51 -15.62 5.41
CA THR B 79 -1.89 -14.48 6.23
C THR B 79 -2.05 -13.25 5.35
N PRO B 80 -3.09 -12.44 5.61
CA PRO B 80 -3.23 -11.19 4.87
C PRO B 80 -1.97 -10.29 4.92
N VAL B 81 -1.17 -10.43 5.98
CA VAL B 81 0.09 -9.67 6.10
C VAL B 81 1.02 -9.88 4.89
N ALA B 82 0.96 -11.05 4.24
CA ALA B 82 1.85 -11.33 3.09
C ALA B 82 1.19 -11.04 1.74
N LEU B 83 -0.10 -10.69 1.77
CA LEU B 83 -0.92 -10.69 0.55
C LEU B 83 -0.51 -9.63 -0.48
N LYS B 84 -0.45 -8.38 -0.06
CA LYS B 84 -0.07 -7.31 -1.00
C LYS B 84 1.39 -7.49 -1.47
N SER B 85 2.25 -7.94 -0.58
CA SER B 85 3.65 -8.16 -0.94
C SER B 85 3.74 -9.20 -2.05
N LEU B 86 2.96 -10.27 -1.94
CA LEU B 86 3.01 -11.36 -2.92
C LEU B 86 2.50 -10.90 -4.29
N LYS B 87 1.38 -10.19 -4.30
CA LYS B 87 0.87 -9.63 -5.57
C LYS B 87 1.86 -8.60 -6.18
N GLN B 88 2.44 -7.75 -5.35
CA GLN B 88 3.40 -6.76 -5.84
C GLN B 88 4.60 -7.43 -6.51
N LEU B 89 5.08 -8.51 -5.90
CA LEU B 89 6.23 -9.25 -6.41
C LEU B 89 5.91 -9.81 -7.80
N LEU B 90 4.72 -10.42 -7.92
CA LEU B 90 4.25 -10.98 -9.20
C LEU B 90 4.17 -9.95 -10.31
N ASP B 91 3.58 -8.77 -10.00
CA ASP B 91 3.44 -7.68 -10.99
C ASP B 91 4.80 -7.17 -11.40
N ASP B 92 5.73 -7.10 -10.43
CA ASP B 92 7.08 -6.68 -10.77
C ASP B 92 7.84 -7.74 -11.56
N MET B 93 7.38 -9.00 -11.49
CA MET B 93 7.96 -10.10 -12.29
C MET B 93 7.40 -10.18 -13.73
N ALA B 94 6.34 -9.41 -14.01
CA ALA B 94 5.70 -9.43 -15.33
C ALA B 94 6.71 -9.20 -16.46
N ALA B 95 7.56 -8.19 -16.28
CA ALA B 95 8.52 -7.79 -17.31
C ALA B 95 9.55 -8.87 -17.65
N MET B 96 9.89 -9.73 -16.70
CA MET B 96 10.83 -10.82 -17.00
C MET B 96 10.22 -12.04 -17.73
N ILE B 97 8.89 -12.17 -17.73
CA ILE B 97 8.25 -13.30 -18.40
C ILE B 97 7.55 -12.94 -19.72
N VAL B 98 7.16 -11.67 -19.86
CA VAL B 98 6.51 -11.20 -21.08
C VAL B 98 7.44 -11.36 -22.26
N ASN B 99 6.93 -11.96 -23.33
CA ASN B 99 7.73 -12.27 -24.54
C ASN B 99 8.64 -13.49 -24.41
N GLU B 100 8.59 -14.17 -23.27
CA GLU B 100 9.28 -15.47 -23.12
C GLU B 100 8.37 -16.51 -23.71
N PRO B 101 8.95 -17.59 -24.29
CA PRO B 101 8.09 -18.71 -24.75
C PRO B 101 7.25 -19.35 -23.62
N LEU B 102 6.08 -19.87 -23.95
CA LEU B 102 5.29 -20.62 -22.98
C LEU B 102 5.87 -22.02 -22.81
N ALA B 103 6.99 -22.11 -22.12
CA ALA B 103 7.64 -23.39 -21.85
C ALA B 103 7.96 -23.38 -20.36
N PRO B 104 7.05 -23.95 -19.55
CA PRO B 104 7.14 -23.86 -18.08
C PRO B 104 8.48 -24.36 -17.51
N VAL B 105 9.03 -25.42 -18.08
CA VAL B 105 10.32 -25.93 -17.58
C VAL B 105 11.44 -24.93 -17.85
N SER B 106 11.51 -24.38 -19.05
CA SER B 106 12.53 -23.36 -19.34
C SER B 106 12.29 -22.08 -18.53
N LEU B 107 11.04 -21.74 -18.36
CA LEU B 107 10.72 -20.58 -17.60
C LEU B 107 11.15 -20.70 -16.14
N GLU B 108 10.86 -21.83 -15.53
CA GLU B 108 11.29 -22.15 -14.18
C GLU B 108 12.81 -22.04 -14.02
N ALA B 109 13.59 -22.55 -14.98
CA ALA B 109 15.07 -22.39 -14.92
C ALA B 109 15.53 -20.94 -15.01
N MET B 110 14.85 -20.14 -15.84
CA MET B 110 15.17 -18.72 -15.98
C MET B 110 14.89 -17.99 -14.64
N LEU B 111 13.76 -18.29 -14.00
CA LEU B 111 13.43 -17.67 -12.72
C LEU B 111 14.39 -18.10 -11.57
N ALA B 112 14.75 -19.38 -11.52
CA ALA B 112 15.71 -19.88 -10.53
C ALA B 112 17.01 -19.07 -10.62
N LYS B 113 17.48 -18.84 -11.83
CA LYS B 113 18.71 -18.09 -12.05
C LYS B 113 18.54 -16.59 -11.75
N ARG B 114 17.46 -15.96 -12.22
CA ARG B 114 17.22 -14.55 -11.87
C ARG B 114 17.19 -14.31 -10.36
N PHE B 115 16.62 -15.25 -9.61
CA PHE B 115 16.48 -15.09 -8.17
C PHE B 115 17.54 -15.82 -7.34
N CYS B 116 18.62 -16.30 -7.96
CA CYS B 116 19.55 -17.11 -7.18
C CYS B 116 20.31 -16.30 -6.13
N LEU B 117 20.44 -14.98 -6.34
CA LEU B 117 21.09 -14.11 -5.36
C LEU B 117 20.12 -13.71 -4.25
N ALA B 118 18.91 -13.33 -4.63
CA ALA B 118 17.91 -12.86 -3.67
C ALA B 118 17.42 -14.01 -2.77
N GLY B 119 17.43 -15.24 -3.29
CA GLY B 119 16.94 -16.38 -2.53
C GLY B 119 15.70 -16.97 -3.16
N TYR B 120 15.91 -18.03 -3.93
CA TYR B 120 14.83 -18.69 -4.65
C TYR B 120 14.03 -19.57 -3.69
N THR B 121 13.40 -18.93 -2.70
CA THR B 121 12.63 -19.63 -1.69
C THR B 121 11.53 -18.71 -1.23
N GLY B 122 10.69 -19.17 -0.29
CA GLY B 122 9.67 -18.32 0.35
C GLY B 122 8.75 -17.67 -0.68
N LEU B 123 8.44 -16.39 -0.48
CA LEU B 123 7.47 -15.68 -1.35
C LEU B 123 7.90 -15.69 -2.81
N ILE B 124 9.18 -15.50 -3.07
CA ILE B 124 9.71 -15.49 -4.43
C ILE B 124 9.44 -16.86 -5.06
N ARG B 125 9.73 -17.94 -4.35
CA ARG B 125 9.49 -19.27 -4.92
C ARG B 125 7.99 -19.50 -5.15
N MET B 126 7.17 -19.04 -4.20
CA MET B 126 5.69 -19.16 -4.31
C MET B 126 5.20 -18.43 -5.57
N ALA B 127 5.73 -17.23 -5.79
CA ALA B 127 5.40 -16.43 -6.95
C ALA B 127 5.79 -17.17 -8.24
N ALA B 128 7.00 -17.74 -8.27
CA ALA B 128 7.46 -18.53 -9.44
C ALA B 128 6.54 -19.72 -9.69
N ALA B 129 6.12 -20.38 -8.63
CA ALA B 129 5.19 -21.51 -8.73
C ALA B 129 3.81 -21.08 -9.30
N GLY B 130 3.30 -19.92 -8.87
CA GLY B 130 2.02 -19.43 -9.40
C GLY B 130 2.10 -19.23 -10.92
N ILE B 131 3.19 -18.62 -11.37
CA ILE B 131 3.46 -18.50 -12.79
C ILE B 131 3.52 -19.86 -13.48
N ASP B 132 4.23 -20.81 -12.85
CA ASP B 132 4.35 -22.15 -13.39
C ASP B 132 2.98 -22.81 -13.60
N MET B 133 2.12 -22.75 -12.60
CA MET B 133 0.80 -23.41 -12.68
C MET B 133 -0.12 -22.78 -13.75
N ALA B 134 -0.01 -21.46 -13.92
CA ALA B 134 -0.73 -20.77 -15.01
C ALA B 134 -0.17 -21.15 -16.37
N ALA B 135 1.16 -21.27 -16.47
CA ALA B 135 1.78 -21.63 -17.75
C ALA B 135 1.38 -23.03 -18.20
N TRP B 136 1.36 -23.95 -17.26
CA TRP B 136 0.96 -25.30 -17.54
C TRP B 136 -0.53 -25.34 -17.86
N ASP B 137 -1.35 -24.56 -17.18
CA ASP B 137 -2.76 -24.44 -17.51
C ASP B 137 -2.90 -23.95 -18.95
N ALA B 138 -2.16 -22.89 -19.29
CA ALA B 138 -2.15 -22.35 -20.64
C ALA B 138 -1.66 -23.35 -21.67
N LEU B 139 -0.64 -24.13 -21.33
CA LEU B 139 -0.10 -25.11 -22.29
C LEU B 139 -1.15 -26.18 -22.61
N GLY B 140 -1.89 -26.59 -21.57
CA GLY B 140 -3.02 -27.51 -21.73
C GLY B 140 -4.09 -26.94 -22.65
N LYS B 141 -4.44 -25.66 -22.45
CA LYS B 141 -5.38 -24.97 -23.33
C LYS B 141 -4.85 -24.86 -24.77
N VAL B 142 -3.57 -24.54 -24.94
CA VAL B 142 -2.95 -24.52 -26.27
C VAL B 142 -3.20 -25.85 -27.03
N HIS B 143 -3.07 -26.97 -26.34
CA HIS B 143 -3.29 -28.32 -26.94
C HIS B 143 -4.66 -28.89 -26.72
N GLU B 144 -5.55 -28.10 -26.13
CA GLU B 144 -6.96 -28.47 -25.92
C GLU B 144 -7.05 -29.81 -25.21
N THR B 145 -6.27 -29.94 -24.14
CA THR B 145 -6.19 -31.21 -23.46
C THR B 145 -6.10 -31.02 -21.95
N PRO B 146 -6.79 -31.87 -21.18
CA PRO B 146 -6.63 -31.72 -19.74
C PRO B 146 -5.14 -31.87 -19.34
N LEU B 147 -4.73 -31.16 -18.28
CA LEU B 147 -3.35 -31.18 -17.81
C LEU B 147 -2.84 -32.60 -17.59
N VAL B 148 -3.67 -33.46 -16.99
CA VAL B 148 -3.27 -34.83 -16.68
C VAL B 148 -2.85 -35.59 -17.92
N LYS B 149 -3.57 -35.43 -19.01
CA LYS B 149 -3.19 -36.04 -20.25
C LYS B 149 -1.97 -35.44 -20.89
N LEU B 150 -1.84 -34.14 -20.82
CA LEU B 150 -0.62 -33.47 -21.30
C LEU B 150 0.61 -34.03 -20.58
N LEU B 151 0.45 -34.41 -19.31
CA LEU B 151 1.53 -35.02 -18.54
C LEU B 151 1.78 -36.49 -18.90
N GLY B 152 0.99 -37.05 -19.82
CA GLY B 152 1.15 -38.42 -20.28
C GLY B 152 0.43 -39.45 -19.45
N ALA B 153 -0.49 -39.03 -18.57
CA ALA B 153 -1.24 -39.97 -17.71
C ALA B 153 -2.71 -39.98 -18.06
N ASN B 154 -3.44 -41.00 -17.61
CA ASN B 154 -4.91 -41.08 -17.78
C ASN B 154 -5.58 -40.42 -16.57
N ALA B 155 -6.67 -39.73 -16.79
CA ALA B 155 -7.50 -39.25 -15.70
C ALA B 155 -8.00 -40.47 -14.95
N ARG B 156 -8.09 -40.37 -13.64
CA ARG B 156 -8.72 -41.42 -12.87
C ARG B 156 -9.17 -40.82 -11.56
N PRO B 157 -10.20 -41.40 -10.92
CA PRO B 157 -10.66 -40.84 -9.64
C PRO B 157 -9.57 -40.96 -8.58
N VAL B 158 -9.39 -39.94 -7.75
CA VAL B 158 -8.39 -39.99 -6.67
C VAL B 158 -9.06 -39.86 -5.30
N GLN B 159 -8.80 -40.81 -4.42
CA GLN B 159 -9.41 -40.79 -3.07
C GLN B 159 -9.05 -39.48 -2.34
N ALA B 160 -10.05 -38.89 -1.69
CA ALA B 160 -9.84 -37.61 -1.01
C ALA B 160 -10.33 -37.70 0.41
N TYR B 161 -9.59 -37.05 1.30
CA TYR B 161 -10.07 -36.91 2.65
C TYR B 161 -10.61 -35.50 2.82
N ASP B 162 -11.58 -35.34 3.71
CA ASP B 162 -12.17 -34.02 3.93
C ASP B 162 -11.44 -33.39 5.11
N SER B 163 -10.87 -32.21 4.85
CA SER B 163 -9.89 -31.66 5.75
C SER B 163 -10.53 -30.60 6.63
N HIS B 164 -10.59 -30.85 7.92
CA HIS B 164 -11.26 -30.02 8.88
C HIS B 164 -10.24 -29.28 9.72
N SER B 165 -10.56 -28.82 10.91
CA SER B 165 -9.60 -28.07 11.74
C SER B 165 -9.73 -28.30 13.25
N LEU B 166 -9.16 -27.39 14.03
CA LEU B 166 -9.09 -27.51 15.48
C LEU B 166 -10.47 -27.05 16.00
N ASP B 167 -11.45 -27.94 15.85
CA ASP B 167 -12.84 -27.51 15.84
C ASP B 167 -13.52 -27.69 17.18
N GLY B 168 -12.86 -28.38 18.11
CA GLY B 168 -13.48 -28.79 19.37
C GLY B 168 -14.32 -30.04 19.16
N VAL B 169 -14.67 -30.73 20.24
CA VAL B 169 -15.33 -32.05 20.14
C VAL B 169 -16.61 -32.01 19.30
N LYS B 170 -17.56 -31.16 19.67
CA LYS B 170 -18.88 -31.12 19.03
C LYS B 170 -18.79 -30.85 17.52
N LEU B 171 -18.19 -29.73 17.14
CA LEU B 171 -18.10 -29.40 15.70
C LEU B 171 -17.28 -30.41 14.88
N ALA B 172 -16.18 -30.92 15.46
CA ALA B 172 -15.35 -31.95 14.77
C ALA B 172 -16.18 -33.19 14.46
N THR B 173 -16.94 -33.64 15.46
CA THR B 173 -17.78 -34.83 15.32
C THR B 173 -18.88 -34.61 14.27
N GLU B 174 -19.51 -33.44 14.27
CA GLU B 174 -20.49 -33.09 13.24
C GLU B 174 -19.89 -33.07 11.84
N ARG B 175 -18.76 -32.40 11.67
CA ARG B 175 -18.12 -32.33 10.35
C ARG B 175 -17.71 -33.71 9.85
N ALA B 176 -17.23 -34.57 10.76
CA ALA B 176 -16.91 -35.94 10.40
C ALA B 176 -18.14 -36.71 9.91
N VAL B 177 -19.27 -36.61 10.64
CA VAL B 177 -20.52 -37.28 10.22
C VAL B 177 -20.96 -36.80 8.84
N THR B 178 -21.02 -35.48 8.67
CA THR B 178 -21.37 -34.84 7.41
C THR B 178 -20.48 -35.36 6.26
N ALA B 179 -19.16 -35.42 6.48
CA ALA B 179 -18.24 -35.92 5.45
C ALA B 179 -18.47 -37.39 5.14
N ALA B 180 -18.70 -38.18 6.20
CA ALA B 180 -19.03 -39.59 6.01
C ALA B 180 -20.29 -39.72 5.16
N GLU B 181 -21.31 -38.94 5.51
CA GLU B 181 -22.59 -38.95 4.76
C GLU B 181 -22.39 -38.62 3.30
N LEU B 182 -21.45 -37.72 3.00
CA LEU B 182 -21.19 -37.32 1.62
C LEU B 182 -20.32 -38.29 0.84
N GLY B 183 -19.93 -39.40 1.47
CA GLY B 183 -19.14 -40.42 0.79
C GLY B 183 -17.61 -40.38 0.98
N PHE B 184 -17.09 -39.38 1.70
CA PHE B 184 -15.66 -39.41 2.08
C PHE B 184 -15.35 -40.59 2.99
N ARG B 185 -14.22 -41.23 2.74
CA ARG B 185 -13.79 -42.40 3.51
C ARG B 185 -12.75 -42.01 4.56
N ALA B 186 -12.46 -40.71 4.68
CA ALA B 186 -11.53 -40.23 5.72
C ALA B 186 -11.70 -38.76 5.96
N VAL B 187 -11.36 -38.30 7.17
CA VAL B 187 -11.28 -36.88 7.47
C VAL B 187 -9.95 -36.55 8.15
N LYS B 188 -9.56 -35.28 8.09
CA LYS B 188 -8.44 -34.81 8.91
C LYS B 188 -8.90 -33.78 9.90
N THR B 189 -8.48 -33.95 11.14
CA THR B 189 -8.73 -32.95 12.16
C THR B 189 -7.40 -32.37 12.61
N LYS B 190 -7.41 -31.10 12.99
CA LYS B 190 -6.22 -30.47 13.49
C LYS B 190 -6.30 -30.52 14.98
N ILE B 191 -5.20 -30.98 15.59
CA ILE B 191 -5.13 -31.13 17.02
C ILE B 191 -3.95 -30.36 17.59
N GLY B 192 -3.62 -30.63 18.85
CA GLY B 192 -2.69 -29.78 19.58
C GLY B 192 -3.41 -28.83 20.53
N TYR B 193 -4.49 -29.31 21.18
CA TYR B 193 -5.13 -28.59 22.27
C TYR B 193 -4.16 -28.48 23.43
N PRO B 194 -4.46 -27.58 24.41
CA PRO B 194 -3.57 -27.42 25.56
C PRO B 194 -3.23 -28.76 26.24
N ALA B 195 -4.19 -29.68 26.29
CA ALA B 195 -3.98 -30.97 26.96
C ALA B 195 -4.09 -32.11 25.97
N LEU B 196 -3.22 -33.10 26.09
CA LEU B 196 -3.33 -34.35 25.34
C LEU B 196 -4.71 -35.03 25.49
N ASP B 197 -5.26 -35.00 26.70
CA ASP B 197 -6.62 -35.54 26.95
C ASP B 197 -7.64 -34.92 25.98
N GLN B 198 -7.48 -33.64 25.67
CA GLN B 198 -8.37 -32.99 24.72
C GLN B 198 -8.18 -33.55 23.30
N ASP B 199 -6.93 -33.73 22.82
CA ASP B 199 -6.69 -34.36 21.50
C ASP B 199 -7.43 -35.68 21.41
N LEU B 200 -7.25 -36.50 22.45
CA LEU B 200 -7.81 -37.83 22.52
C LEU B 200 -9.33 -37.83 22.57
N ALA B 201 -9.94 -36.93 23.36
CA ALA B 201 -11.40 -36.77 23.40
C ALA B 201 -11.99 -36.44 22.01
N VAL B 202 -11.34 -35.53 21.28
CA VAL B 202 -11.76 -35.23 19.90
C VAL B 202 -11.68 -36.47 18.98
N VAL B 203 -10.54 -37.16 18.97
CA VAL B 203 -10.36 -38.31 18.08
C VAL B 203 -11.33 -39.46 18.43
N ARG B 204 -11.51 -39.73 19.72
CA ARG B 204 -12.45 -40.76 20.19
C ARG B 204 -13.90 -40.48 19.76
N SER B 205 -14.32 -39.22 19.85
CA SER B 205 -15.68 -38.82 19.49
C SER B 205 -15.92 -38.91 17.97
N ILE B 206 -14.91 -38.55 17.17
CA ILE B 206 -14.96 -38.80 15.74
C ILE B 206 -15.09 -40.30 15.46
N ARG B 207 -14.23 -41.09 16.09
CA ARG B 207 -14.20 -42.55 15.89
C ARG B 207 -15.54 -43.23 16.22
N GLN B 208 -16.17 -42.84 17.33
CA GLN B 208 -17.45 -43.45 17.72
C GLN B 208 -18.52 -43.11 16.68
N ALA B 209 -18.46 -41.90 16.13
CA ALA B 209 -19.44 -41.42 15.15
C ALA B 209 -19.24 -41.92 13.71
N VAL B 210 -18.01 -42.27 13.32
CA VAL B 210 -17.74 -42.72 11.93
C VAL B 210 -17.49 -44.22 11.83
N GLY B 211 -17.18 -44.84 12.97
CA GLY B 211 -16.95 -46.29 13.00
C GLY B 211 -15.50 -46.67 12.74
N ASP B 212 -15.24 -47.97 12.86
CA ASP B 212 -13.88 -48.49 12.79
C ASP B 212 -13.26 -48.48 11.38
N ASP B 213 -14.08 -48.63 10.33
CA ASP B 213 -13.58 -48.68 8.95
C ASP B 213 -13.61 -47.27 8.29
N PHE B 214 -12.75 -46.39 8.78
CA PHE B 214 -12.79 -44.98 8.39
C PHE B 214 -11.46 -44.35 8.80
N GLY B 215 -10.88 -43.53 7.92
CA GLY B 215 -9.59 -42.88 8.19
C GLY B 215 -9.75 -41.62 9.02
N ILE B 216 -8.98 -41.52 10.10
CA ILE B 216 -8.86 -40.26 10.81
C ILE B 216 -7.41 -39.78 10.78
N MET B 217 -7.11 -38.79 9.96
CA MET B 217 -5.75 -38.20 9.98
C MET B 217 -5.71 -37.09 11.03
N VAL B 218 -4.54 -36.87 11.62
CA VAL B 218 -4.41 -35.77 12.59
C VAL B 218 -3.21 -34.88 12.24
N ASP B 219 -3.34 -33.60 12.57
CA ASP B 219 -2.36 -32.60 12.18
C ASP B 219 -2.02 -31.73 13.37
N TYR B 220 -0.74 -31.75 13.78
CA TYR B 220 -0.31 -30.92 14.89
C TYR B 220 0.13 -29.50 14.53
N ASN B 221 0.23 -29.23 13.22
CA ASN B 221 0.70 -27.94 12.71
C ASN B 221 1.92 -27.38 13.45
N GLN B 222 2.93 -28.22 13.65
CA GLN B 222 4.23 -27.79 14.12
C GLN B 222 4.22 -27.39 15.60
N SER B 223 3.17 -27.77 16.33
CA SER B 223 2.92 -27.17 17.65
C SER B 223 3.72 -27.78 18.82
N LEU B 224 4.37 -28.93 18.60
CA LEU B 224 5.01 -29.65 19.69
C LEU B 224 6.54 -29.68 19.55
N ASP B 225 7.21 -29.67 20.68
CA ASP B 225 8.62 -30.03 20.68
C ASP B 225 8.72 -31.56 20.56
N VAL B 226 9.94 -32.05 20.28
CA VAL B 226 10.13 -33.48 19.99
C VAL B 226 9.66 -34.42 21.13
N PRO B 227 10.06 -34.15 22.36
CA PRO B 227 9.58 -35.07 23.41
C PRO B 227 8.05 -35.08 23.59
N ALA B 228 7.42 -33.89 23.53
CA ALA B 228 5.97 -33.80 23.64
C ALA B 228 5.33 -34.52 22.45
N ALA B 229 5.93 -34.38 21.27
CA ALA B 229 5.43 -35.05 20.07
C ALA B 229 5.50 -36.57 20.19
N ILE B 230 6.59 -37.09 20.78
CA ILE B 230 6.73 -38.52 21.00
C ILE B 230 5.61 -38.99 21.95
N LYS B 231 5.40 -38.26 23.03
CA LYS B 231 4.45 -38.65 24.07
C LYS B 231 3.01 -38.60 23.53
N ARG B 232 2.64 -37.47 22.94
CA ARG B 232 1.29 -37.31 22.38
C ARG B 232 1.08 -38.30 21.24
N SER B 233 2.09 -38.46 20.38
CA SER B 233 1.95 -39.31 19.21
C SER B 233 1.82 -40.78 19.57
N GLN B 234 2.52 -41.23 20.60
CA GLN B 234 2.37 -42.60 21.02
C GLN B 234 0.95 -42.85 21.59
N ALA B 235 0.39 -41.85 22.27
CA ALA B 235 -0.99 -41.96 22.78
C ALA B 235 -1.98 -42.02 21.60
N LEU B 236 -1.82 -41.13 20.62
CA LEU B 236 -2.70 -41.14 19.45
C LEU B 236 -2.59 -42.42 18.63
N GLN B 237 -1.39 -42.96 18.56
CA GLN B 237 -1.17 -44.21 17.88
C GLN B 237 -1.99 -45.34 18.53
N GLN B 238 -2.06 -45.37 19.87
CA GLN B 238 -2.88 -46.37 20.59
C GLN B 238 -4.38 -46.23 20.22
N GLU B 239 -4.80 -45.01 19.85
CA GLU B 239 -6.19 -44.72 19.50
C GLU B 239 -6.52 -45.20 18.10
N GLY B 240 -5.52 -45.29 17.25
CA GLY B 240 -5.78 -45.64 15.87
C GLY B 240 -6.06 -44.32 15.18
N VAL B 241 -5.01 -43.75 14.60
CA VAL B 241 -5.11 -42.63 13.68
C VAL B 241 -4.42 -43.05 12.39
N THR B 242 -4.72 -42.36 11.31
CA THR B 242 -4.22 -42.76 10.01
C THR B 242 -2.79 -42.25 9.79
N TRP B 243 -2.54 -41.01 10.18
CA TRP B 243 -1.18 -40.52 10.19
C TRP B 243 -1.07 -39.39 11.14
N ILE B 244 0.17 -39.05 11.52
CA ILE B 244 0.46 -37.87 12.35
C ILE B 244 1.29 -36.82 11.58
N GLU B 245 0.68 -35.66 11.36
CA GLU B 245 1.19 -34.66 10.45
C GLU B 245 1.89 -33.45 11.14
N GLU B 246 3.05 -33.07 10.61
CA GLU B 246 3.90 -32.00 11.17
C GLU B 246 3.83 -31.92 12.70
N PRO B 247 4.30 -32.96 13.38
CA PRO B 247 4.31 -32.89 14.84
C PRO B 247 5.18 -31.73 15.38
N THR B 248 6.27 -31.38 14.70
CA THR B 248 7.16 -30.36 15.19
C THR B 248 7.50 -29.30 14.12
N LEU B 249 8.41 -28.38 14.47
CA LEU B 249 8.85 -27.33 13.56
C LEU B 249 9.19 -27.92 12.20
N GLN B 250 8.55 -27.32 11.23
CA GLN B 250 8.52 -27.77 9.84
C GLN B 250 9.94 -28.05 9.30
N HIS B 251 10.87 -27.13 9.55
CA HIS B 251 12.23 -27.21 8.99
C HIS B 251 13.10 -28.19 9.75
N ASP B 252 12.59 -28.70 10.87
CA ASP B 252 13.38 -29.59 11.68
C ASP B 252 13.20 -31.04 11.25
N TYR B 253 13.91 -31.40 10.18
CA TYR B 253 13.82 -32.74 9.61
C TYR B 253 14.39 -33.79 10.57
N GLU B 254 15.50 -33.46 11.22
CA GLU B 254 16.11 -34.40 12.17
C GLU B 254 15.16 -34.67 13.34
N GLY B 255 14.48 -33.63 13.81
CA GLY B 255 13.49 -33.77 14.88
C GLY B 255 12.35 -34.67 14.45
N HIS B 256 11.83 -34.46 13.25
CA HIS B 256 10.85 -35.39 12.67
C HIS B 256 11.35 -36.82 12.58
N GLN B 257 12.61 -36.99 12.20
CA GLN B 257 13.17 -38.33 12.16
C GLN B 257 13.12 -38.94 13.57
N ARG B 258 13.54 -38.17 14.60
CA ARG B 258 13.52 -38.66 15.99
C ARG B 258 12.09 -39.07 16.42
N ILE B 259 11.11 -38.23 16.10
CA ILE B 259 9.71 -38.56 16.36
C ILE B 259 9.28 -39.84 15.62
N GLN B 260 9.55 -39.92 14.32
CA GLN B 260 9.20 -41.11 13.53
C GLN B 260 9.82 -42.40 14.09
N SER B 261 11.06 -42.30 14.55
CA SER B 261 11.79 -43.46 15.07
C SER B 261 11.09 -44.10 16.27
N LYS B 262 10.20 -43.34 16.90
CA LYS B 262 9.49 -43.84 18.08
C LYS B 262 8.08 -44.28 17.75
N LEU B 263 7.74 -44.34 16.47
CA LEU B 263 6.36 -44.56 16.05
C LEU B 263 6.21 -45.68 15.02
N ASN B 264 5.09 -46.40 15.12
CA ASN B 264 4.68 -47.34 14.09
C ASN B 264 3.83 -46.63 13.06
N VAL B 265 2.88 -45.83 13.54
CA VAL B 265 2.06 -44.97 12.69
C VAL B 265 2.96 -44.03 11.88
N PRO B 266 2.57 -43.74 10.62
CA PRO B 266 3.45 -42.88 9.83
C PRO B 266 3.39 -41.39 10.22
N VAL B 267 4.57 -40.77 10.28
CA VAL B 267 4.67 -39.33 10.32
C VAL B 267 4.50 -38.79 8.90
N GLN B 268 3.70 -37.72 8.79
CA GLN B 268 3.36 -37.10 7.53
C GLN B 268 3.86 -35.66 7.52
N MET B 269 4.47 -35.23 6.41
CA MET B 269 4.88 -33.84 6.27
C MET B 269 5.05 -33.44 4.81
N GLY B 270 5.39 -32.16 4.56
CA GLY B 270 5.75 -31.74 3.21
C GLY B 270 5.05 -30.51 2.72
N GLU B 271 3.94 -30.12 3.36
CA GLU B 271 3.19 -28.95 2.88
C GLU B 271 4.06 -27.68 2.92
N ASN B 272 5.11 -27.70 3.76
CA ASN B 272 5.98 -26.55 3.91
C ASN B 272 7.31 -26.63 3.16
N TRP B 273 7.52 -27.68 2.38
CA TRP B 273 8.73 -27.82 1.58
C TRP B 273 8.70 -26.81 0.49
N LEU B 274 9.72 -25.96 0.43
CA LEU B 274 9.83 -24.98 -0.62
C LEU B 274 10.78 -25.50 -1.70
N GLY B 275 10.19 -26.08 -2.73
CA GLY B 275 10.98 -26.77 -3.77
C GLY B 275 11.30 -28.25 -3.47
N PRO B 276 11.54 -29.04 -4.52
CA PRO B 276 11.89 -30.46 -4.32
C PRO B 276 13.24 -30.65 -3.60
N GLU B 277 14.07 -29.61 -3.57
CA GLU B 277 15.33 -29.67 -2.84
C GLU B 277 15.13 -29.75 -1.33
N GLU B 278 14.07 -29.16 -0.79
CA GLU B 278 13.78 -29.31 0.62
CA GLU B 278 13.75 -29.29 0.63
C GLU B 278 13.19 -30.69 0.91
N MET B 279 12.32 -31.17 0.04
CA MET B 279 11.82 -32.53 0.14
C MET B 279 12.96 -33.57 0.12
N PHE B 280 13.91 -33.38 -0.79
CA PHE B 280 15.06 -34.26 -0.92
C PHE B 280 15.87 -34.32 0.38
N LYS B 281 16.12 -33.20 1.01
CA LYS B 281 16.81 -33.19 2.30
C LYS B 281 16.03 -33.92 3.37
N ALA B 282 14.72 -33.69 3.46
CA ALA B 282 13.91 -34.31 4.50
C ALA B 282 13.90 -35.85 4.31
N LEU B 283 13.68 -36.29 3.08
CA LEU B 283 13.63 -37.71 2.78
C LEU B 283 14.99 -38.42 2.93
N SER B 284 16.08 -37.75 2.56
CA SER B 284 17.42 -38.22 2.69
C SER B 284 17.75 -38.57 4.11
N ILE B 285 17.11 -37.90 5.07
CA ILE B 285 17.35 -38.17 6.49
C ILE B 285 16.20 -38.89 7.20
N GLY B 286 15.30 -39.52 6.45
CA GLY B 286 14.25 -40.27 7.05
C GLY B 286 13.28 -39.54 7.94
N ALA B 287 12.97 -38.30 7.59
CA ALA B 287 12.10 -37.46 8.43
C ALA B 287 10.68 -38.02 8.58
N CYS B 288 10.21 -38.77 7.59
CA CYS B 288 8.79 -39.12 7.56
C CYS B 288 8.61 -40.37 6.74
N ARG B 289 7.47 -41.05 6.91
CA ARG B 289 7.15 -42.16 6.02
C ARG B 289 6.09 -41.84 4.97
N LEU B 290 5.50 -40.65 5.06
CA LEU B 290 4.52 -40.13 4.10
C LEU B 290 4.91 -38.70 3.72
N ALA B 291 4.54 -38.29 2.52
CA ALA B 291 4.82 -36.94 2.06
C ALA B 291 3.55 -36.33 1.50
N MET B 292 3.41 -35.02 1.66
CA MET B 292 2.30 -34.30 1.05
C MET B 292 2.77 -32.92 0.59
N PRO B 293 3.46 -32.85 -0.56
CA PRO B 293 3.84 -31.56 -1.11
C PRO B 293 2.62 -30.65 -1.39
N ASP B 294 2.87 -29.36 -1.32
CA ASP B 294 1.87 -28.35 -1.63
C ASP B 294 2.19 -27.86 -3.05
N ALA B 295 1.23 -27.99 -3.96
CA ALA B 295 1.47 -27.63 -5.36
C ALA B 295 2.15 -26.25 -5.52
N MET B 296 1.79 -25.27 -4.69
CA MET B 296 2.45 -23.95 -4.74
C MET B 296 3.87 -24.01 -4.17
N LYS B 297 4.03 -24.42 -2.93
CA LYS B 297 5.38 -24.39 -2.32
C LYS B 297 6.41 -25.31 -2.99
N ILE B 298 5.97 -26.47 -3.46
CA ILE B 298 6.90 -27.40 -4.12
C ILE B 298 7.43 -26.90 -5.47
N GLY B 299 6.84 -25.81 -5.99
CA GLY B 299 7.27 -25.30 -7.29
C GLY B 299 6.31 -25.53 -8.45
N GLY B 300 5.01 -25.60 -8.15
CA GLY B 300 4.00 -25.81 -9.20
C GLY B 300 4.10 -27.21 -9.82
N VAL B 301 3.57 -27.34 -11.03
CA VAL B 301 3.56 -28.61 -11.76
C VAL B 301 5.00 -29.07 -11.98
N THR B 302 5.86 -28.15 -12.41
CA THR B 302 7.28 -28.45 -12.61
C THR B 302 7.95 -29.06 -11.34
N GLY B 303 7.78 -28.41 -10.19
CA GLY B 303 8.30 -28.95 -8.96
C GLY B 303 7.60 -30.22 -8.52
N TRP B 304 6.29 -30.27 -8.73
CA TRP B 304 5.52 -31.45 -8.37
C TRP B 304 6.03 -32.70 -9.04
N ILE B 305 6.27 -32.60 -10.34
CA ILE B 305 6.74 -33.77 -11.12
C ILE B 305 8.10 -34.24 -10.62
N ARG B 306 9.00 -33.30 -10.33
CA ARG B 306 10.28 -33.65 -9.74
C ARG B 306 10.07 -34.31 -8.39
N ALA B 307 9.21 -33.72 -7.57
CA ALA B 307 8.82 -34.27 -6.27
C ALA B 307 8.33 -35.74 -6.35
N SER B 308 7.45 -36.02 -7.30
CA SER B 308 6.91 -37.37 -7.45
C SER B 308 7.99 -38.40 -7.82
N ALA B 309 9.00 -37.96 -8.59
CA ALA B 309 10.12 -38.83 -8.90
C ALA B 309 10.86 -39.20 -7.62
N LEU B 310 11.10 -38.23 -6.76
CA LEU B 310 11.74 -38.46 -5.45
C LEU B 310 10.92 -39.39 -4.57
N ALA B 311 9.63 -39.10 -4.36
CA ALA B 311 8.81 -39.95 -3.50
C ALA B 311 8.83 -41.39 -3.99
N GLN B 312 8.84 -41.58 -5.31
CA GLN B 312 8.88 -42.92 -5.90
C GLN B 312 10.15 -43.69 -5.52
N GLN B 313 11.31 -43.03 -5.67
CA GLN B 313 12.57 -43.74 -5.37
C GLN B 313 12.73 -43.96 -3.89
N PHE B 314 12.31 -43.01 -3.08
CA PHE B 314 12.43 -43.14 -1.64
C PHE B 314 11.31 -44.03 -1.08
N GLY B 315 10.39 -44.48 -1.94
CA GLY B 315 9.29 -45.38 -1.49
C GLY B 315 8.35 -44.69 -0.51
N ILE B 316 7.99 -43.45 -0.84
CA ILE B 316 7.13 -42.64 -0.02
C ILE B 316 5.78 -42.38 -0.73
N PRO B 317 4.68 -42.93 -0.18
CA PRO B 317 3.33 -42.60 -0.68
C PRO B 317 3.07 -41.10 -0.58
N MET B 318 2.61 -40.49 -1.68
CA MET B 318 2.62 -39.03 -1.80
C MET B 318 1.19 -38.51 -1.97
N SER B 319 0.81 -37.60 -1.09
CA SER B 319 -0.50 -36.98 -1.10
C SER B 319 -0.31 -35.52 -1.50
N SER B 320 -1.43 -34.79 -1.60
CA SER B 320 -1.41 -33.36 -1.90
C SER B 320 -1.74 -32.50 -0.67
N HIS B 321 -1.40 -31.22 -0.76
CA HIS B 321 -1.78 -30.26 0.27
C HIS B 321 -2.43 -29.11 -0.42
N LEU B 322 -3.71 -28.88 -0.11
CA LEU B 322 -4.44 -27.76 -0.71
C LEU B 322 -4.41 -27.83 -2.22
N PHE B 323 -4.77 -26.74 -2.90
CA PHE B 323 -4.76 -26.69 -4.36
C PHE B 323 -5.42 -27.89 -5.01
N GLN B 324 -6.60 -28.21 -4.48
CA GLN B 324 -7.31 -29.41 -4.89
C GLN B 324 -7.58 -29.48 -6.40
N GLU B 325 -7.73 -28.33 -7.05
CA GLU B 325 -8.10 -28.34 -8.46
C GLU B 325 -6.97 -28.90 -9.33
N ILE B 326 -5.75 -28.41 -9.12
CA ILE B 326 -4.63 -28.90 -9.92
C ILE B 326 -4.11 -30.23 -9.34
N SER B 327 -4.30 -30.45 -8.04
CA SER B 327 -3.75 -31.65 -7.40
C SER B 327 -4.42 -32.93 -7.87
N ALA B 328 -5.70 -32.85 -8.25
CA ALA B 328 -6.38 -34.01 -8.85
C ALA B 328 -5.66 -34.44 -10.15
N HIS B 329 -5.31 -33.48 -10.99
CA HIS B 329 -4.48 -33.77 -12.16
C HIS B 329 -3.14 -34.33 -11.77
N LEU B 330 -2.46 -33.66 -10.83
CA LEU B 330 -1.09 -33.99 -10.51
C LEU B 330 -0.97 -35.38 -9.89
N LEU B 331 -1.88 -35.70 -8.97
CA LEU B 331 -1.90 -37.03 -8.31
C LEU B 331 -2.11 -38.16 -9.28
N ALA B 332 -2.94 -37.92 -10.31
CA ALA B 332 -3.18 -38.90 -11.36
C ALA B 332 -1.90 -39.29 -12.09
N ALA B 333 -0.93 -38.37 -12.17
CA ALA B 333 0.38 -38.62 -12.80
C ALA B 333 1.49 -39.01 -11.81
N THR B 334 1.11 -39.23 -10.55
CA THR B 334 2.07 -39.48 -9.47
C THR B 334 2.19 -40.98 -9.16
N PRO B 335 3.38 -41.56 -9.37
CA PRO B 335 3.53 -43.01 -9.21
C PRO B 335 3.13 -43.54 -7.82
N THR B 336 3.40 -42.79 -6.75
CA THR B 336 3.01 -43.24 -5.40
C THR B 336 1.80 -42.46 -4.82
N ALA B 337 0.97 -41.89 -5.68
CA ALA B 337 -0.24 -41.17 -5.26
C ALA B 337 -0.95 -41.82 -4.09
N HIS B 338 -1.21 -41.03 -3.09
CA HIS B 338 -1.79 -41.49 -1.87
C HIS B 338 -3.20 -40.91 -1.67
N TRP B 339 -3.36 -39.78 -1.03
CA TRP B 339 -4.62 -39.07 -0.91
C TRP B 339 -4.60 -37.69 -1.52
N LEU B 340 -5.77 -37.21 -1.94
CA LEU B 340 -5.97 -35.78 -2.20
C LEU B 340 -6.58 -35.12 -0.95
N GLU B 341 -6.08 -33.93 -0.61
CA GLU B 341 -6.68 -33.10 0.44
C GLU B 341 -7.79 -32.21 -0.09
N ARG B 342 -8.97 -32.42 0.43
CA ARG B 342 -10.12 -31.62 0.13
C ARG B 342 -10.27 -30.52 1.16
N LEU B 343 -9.88 -29.34 0.76
CA LEU B 343 -10.02 -28.12 1.52
C LEU B 343 -10.19 -27.06 0.48
N ASP B 344 -11.41 -26.67 0.33
CA ASP B 344 -11.81 -25.83 -0.80
C ASP B 344 -11.57 -24.36 -0.48
N LEU B 345 -10.31 -23.95 -0.54
CA LEU B 345 -9.96 -22.57 -0.20
C LEU B 345 -10.52 -21.55 -1.18
N ALA B 346 -10.60 -21.93 -2.46
CA ALA B 346 -10.89 -20.98 -3.54
C ALA B 346 -12.28 -21.12 -4.18
N GLY B 347 -13.17 -21.91 -3.57
CA GLY B 347 -14.50 -22.21 -4.12
C GLY B 347 -15.37 -21.00 -4.36
N SER B 348 -15.11 -19.91 -3.62
CA SER B 348 -15.91 -18.70 -3.74
C SER B 348 -15.62 -17.96 -5.01
N VAL B 349 -14.45 -18.23 -5.61
CA VAL B 349 -14.04 -17.49 -6.80
C VAL B 349 -13.74 -18.41 -8.00
N ILE B 350 -13.89 -19.72 -7.81
CA ILE B 350 -13.62 -20.71 -8.89
C ILE B 350 -14.82 -21.63 -9.12
N GLU B 351 -15.21 -21.82 -10.39
CA GLU B 351 -16.34 -22.68 -10.72
C GLU B 351 -16.12 -24.13 -10.25
N PRO B 352 -17.15 -24.72 -9.62
CA PRO B 352 -16.97 -26.08 -9.07
C PRO B 352 -16.91 -27.18 -10.15
N THR B 353 -15.94 -27.11 -11.05
CA THR B 353 -15.81 -28.13 -12.09
C THR B 353 -15.19 -29.43 -11.57
N LEU B 354 -14.43 -29.34 -10.49
CA LEU B 354 -13.93 -30.56 -9.84
C LEU B 354 -15.07 -31.09 -8.97
N THR B 355 -15.35 -32.39 -9.04
CA THR B 355 -16.43 -32.99 -8.26
C THR B 355 -15.93 -34.19 -7.52
N PHE B 356 -16.73 -34.64 -6.55
CA PHE B 356 -16.40 -35.77 -5.73
C PHE B 356 -17.49 -36.83 -5.84
N GLU B 357 -17.09 -38.03 -6.27
CA GLU B 357 -17.97 -39.21 -6.38
C GLU B 357 -17.43 -40.31 -5.48
N GLY B 358 -18.24 -40.72 -4.49
CA GLY B 358 -17.83 -41.74 -3.54
C GLY B 358 -16.52 -41.41 -2.82
N GLY B 359 -16.33 -40.15 -2.50
CA GLY B 359 -15.14 -39.69 -1.79
C GLY B 359 -13.93 -39.46 -2.70
N ASN B 360 -14.10 -39.65 -4.00
CA ASN B 360 -12.99 -39.51 -4.94
C ASN B 360 -13.12 -38.25 -5.76
N ALA B 361 -11.99 -37.55 -5.91
CA ALA B 361 -11.91 -36.39 -6.78
C ALA B 361 -12.01 -36.84 -8.22
N VAL B 362 -12.83 -36.15 -9.01
CA VAL B 362 -13.00 -36.45 -10.42
C VAL B 362 -12.55 -35.25 -11.25
N ILE B 363 -11.50 -35.44 -12.04
CA ILE B 363 -10.93 -34.37 -12.87
C ILE B 363 -11.98 -33.96 -13.91
N PRO B 364 -12.24 -32.65 -14.07
CA PRO B 364 -13.18 -32.25 -15.12
C PRO B 364 -12.62 -32.47 -16.53
N ASP B 365 -13.50 -32.79 -17.47
CA ASP B 365 -13.11 -32.90 -18.89
C ASP B 365 -13.02 -31.50 -19.49
N LEU B 366 -11.96 -30.79 -19.14
CA LEU B 366 -11.71 -29.43 -19.62
C LEU B 366 -10.23 -29.29 -19.88
N PRO B 367 -9.83 -28.43 -20.82
CA PRO B 367 -8.40 -28.29 -21.13
C PRO B 367 -7.64 -27.61 -19.98
N GLY B 368 -6.36 -27.91 -19.84
CA GLY B 368 -5.58 -27.40 -18.72
C GLY B 368 -6.12 -27.94 -17.41
N VAL B 369 -6.21 -27.06 -16.42
CA VAL B 369 -6.56 -27.45 -15.08
C VAL B 369 -8.07 -27.54 -14.81
N GLY B 370 -8.85 -26.82 -15.60
CA GLY B 370 -10.31 -26.76 -15.39
C GLY B 370 -10.73 -25.70 -14.38
N ILE B 371 -9.85 -24.71 -14.20
CA ILE B 371 -10.16 -23.56 -13.39
C ILE B 371 -10.87 -22.50 -14.24
N ILE B 372 -12.07 -22.11 -13.81
CA ILE B 372 -12.81 -21.00 -14.42
C ILE B 372 -13.21 -20.04 -13.31
N TRP B 373 -12.81 -18.77 -13.45
CA TRP B 373 -13.12 -17.74 -12.43
C TRP B 373 -14.60 -17.48 -12.32
N ARG B 374 -15.09 -17.26 -11.11
CA ARG B 374 -16.44 -16.75 -10.94
C ARG B 374 -16.30 -15.21 -10.94
N GLU B 375 -16.24 -14.64 -12.13
CA GLU B 375 -16.00 -13.21 -12.30
C GLU B 375 -16.97 -12.32 -11.52
N LYS B 376 -18.21 -12.77 -11.32
CA LYS B 376 -19.19 -11.97 -10.57
C LYS B 376 -18.80 -11.86 -9.10
N GLU B 377 -18.27 -12.94 -8.54
CA GLU B 377 -17.96 -13.05 -7.11
C GLU B 377 -16.66 -12.38 -6.67
N ILE B 378 -15.73 -12.21 -7.60
CA ILE B 378 -14.38 -11.75 -7.28
C ILE B 378 -14.38 -10.30 -6.78
N GLY B 379 -15.20 -9.47 -7.42
CA GLY B 379 -15.36 -8.06 -7.02
C GLY B 379 -15.62 -7.89 -5.54
N LYS B 380 -16.40 -8.81 -4.94
CA LYS B 380 -16.76 -8.77 -3.51
C LYS B 380 -15.57 -8.84 -2.57
N TYR B 381 -14.47 -9.46 -3.02
CA TYR B 381 -13.39 -9.83 -2.09
C TYR B 381 -12.05 -9.16 -2.36
N LEU B 382 -11.99 -8.26 -3.33
CA LEU B 382 -10.73 -7.58 -3.71
C LEU B 382 -10.19 -6.77 -2.53
N VAL B 383 -8.91 -6.98 -2.21
CA VAL B 383 -8.26 -6.27 -1.11
C VAL B 383 -7.59 -5.00 -1.66
N GLU C 27 -30.81 -1.29 -23.66
CA GLU C 27 -30.53 -0.91 -22.23
C GLU C 27 -29.08 -1.28 -21.82
N VAL C 28 -28.12 -0.46 -22.24
CA VAL C 28 -26.71 -0.66 -21.96
C VAL C 28 -26.36 -0.43 -20.48
N LEU C 29 -25.75 -1.45 -19.87
CA LEU C 29 -25.34 -1.43 -18.48
C LEU C 29 -23.82 -1.40 -18.35
N ILE C 30 -23.35 -0.82 -17.26
CA ILE C 30 -21.94 -0.91 -16.89
C ILE C 30 -21.75 -2.29 -16.26
N THR C 31 -20.70 -2.99 -16.69
CA THR C 31 -20.48 -4.34 -16.20
C THR C 31 -19.19 -4.47 -15.40
N GLY C 32 -18.35 -3.45 -15.43
CA GLY C 32 -17.06 -3.56 -14.74
C GLY C 32 -16.23 -2.30 -14.83
N LEU C 33 -15.33 -2.16 -13.87
CA LEU C 33 -14.40 -1.05 -13.81
C LEU C 33 -13.01 -1.61 -13.50
N ARG C 34 -12.03 -1.21 -14.30
CA ARG C 34 -10.64 -1.56 -14.03
C ARG C 34 -9.82 -0.28 -14.01
N THR C 35 -8.92 -0.15 -13.04
CA THR C 35 -8.02 1.00 -12.99
C THR C 35 -6.56 0.54 -12.96
N ARG C 36 -5.68 1.38 -13.50
CA ARG C 36 -4.24 1.11 -13.46
C ARG C 36 -3.54 2.41 -13.12
N ALA C 37 -2.73 2.37 -12.05
CA ALA C 37 -2.00 3.55 -11.63
C ALA C 37 -0.62 3.54 -12.28
N VAL C 38 -0.26 4.63 -12.96
CA VAL C 38 1.06 4.74 -13.59
C VAL C 38 1.73 6.04 -13.18
N ASN C 39 3.06 6.05 -13.19
CA ASN C 39 3.80 7.25 -12.96
C ASN C 39 4.68 7.42 -14.18
N VAL C 40 4.25 8.25 -15.12
CA VAL C 40 4.94 8.38 -16.41
C VAL C 40 5.95 9.54 -16.44
N PRO C 41 7.21 9.24 -16.81
CA PRO C 41 8.23 10.27 -17.07
C PRO C 41 7.80 11.30 -18.12
N LEU C 42 8.16 12.55 -17.89
CA LEU C 42 7.91 13.61 -18.87
C LEU C 42 9.24 14.06 -19.46
N ALA C 43 9.25 14.30 -20.77
CA ALA C 43 10.41 14.94 -21.42
C ALA C 43 10.79 16.23 -20.66
N TYR C 44 9.80 17.07 -20.40
CA TYR C 44 10.03 18.31 -19.66
C TYR C 44 9.23 18.34 -18.37
N PRO C 45 9.93 18.15 -17.22
CA PRO C 45 9.27 18.25 -15.91
C PRO C 45 8.50 19.56 -15.84
N VAL C 46 7.31 19.53 -15.23
CA VAL C 46 6.55 20.78 -15.09
C VAL C 46 6.97 21.53 -13.81
N HIS C 47 7.91 22.44 -14.00
CA HIS C 47 8.36 23.33 -12.94
C HIS C 47 7.36 24.44 -12.78
N THR C 48 6.95 24.68 -11.53
CA THR C 48 6.07 25.80 -11.21
C THR C 48 6.71 26.57 -10.06
N ALA C 49 6.20 27.77 -9.79
CA ALA C 49 6.68 28.57 -8.66
C ALA C 49 6.46 27.91 -7.29
N VAL C 50 5.57 26.92 -7.21
CA VAL C 50 5.27 26.25 -5.95
C VAL C 50 5.71 24.78 -5.91
N GLY C 51 6.65 24.41 -6.78
CA GLY C 51 7.13 23.02 -6.85
C GLY C 51 7.09 22.41 -8.23
N THR C 52 7.76 21.27 -8.37
CA THR C 52 7.90 20.60 -9.66
C THR C 52 7.10 19.31 -9.72
N VAL C 53 6.34 19.17 -10.81
CA VAL C 53 5.73 17.90 -11.21
C VAL C 53 6.67 17.23 -12.24
N GLY C 54 7.54 16.34 -11.73
CA GLY C 54 8.63 15.76 -12.52
C GLY C 54 8.19 14.57 -13.33
N THR C 55 7.14 13.88 -12.85
CA THR C 55 6.55 12.72 -13.52
C THR C 55 5.04 12.96 -13.57
N ALA C 56 4.32 12.19 -14.39
CA ALA C 56 2.85 12.24 -14.40
C ALA C 56 2.21 11.03 -13.71
N PRO C 57 1.69 11.22 -12.49
CA PRO C 57 0.96 10.15 -11.84
C PRO C 57 -0.47 10.11 -12.37
N LEU C 58 -0.80 9.05 -13.11
CA LEU C 58 -2.08 8.91 -13.79
C LEU C 58 -2.82 7.67 -13.32
N VAL C 59 -4.15 7.76 -13.27
CA VAL C 59 -4.97 6.58 -13.14
C VAL C 59 -5.68 6.37 -14.47
N LEU C 60 -5.48 5.21 -15.07
CA LEU C 60 -6.05 4.88 -16.37
C LEU C 60 -7.26 4.03 -16.10
N ILE C 61 -8.38 4.42 -16.67
CA ILE C 61 -9.67 3.85 -16.32
C ILE C 61 -10.30 3.11 -17.50
N ASP C 62 -10.75 1.87 -17.26
CA ASP C 62 -11.53 1.11 -18.25
C ASP C 62 -12.92 0.81 -17.70
N LEU C 63 -13.94 1.24 -18.42
CA LEU C 63 -15.32 0.99 -18.02
C LEU C 63 -15.94 -0.01 -18.99
N ALA C 64 -16.17 -1.24 -18.53
CA ALA C 64 -16.79 -2.25 -19.40
C ALA C 64 -18.30 -2.12 -19.36
N THR C 65 -18.93 -2.48 -20.48
CA THR C 65 -20.37 -2.34 -20.67
C THR C 65 -20.98 -3.61 -21.25
N SER C 66 -22.29 -3.74 -21.15
CA SER C 66 -22.99 -4.92 -21.66
C SER C 66 -23.16 -4.86 -23.19
N ALA C 67 -22.72 -3.78 -23.81
CA ALA C 67 -22.76 -3.70 -25.25
C ALA C 67 -21.43 -4.17 -25.83
N GLY C 68 -20.51 -4.59 -24.97
CA GLY C 68 -19.22 -5.09 -25.43
C GLY C 68 -18.16 -4.01 -25.69
N VAL C 69 -18.55 -2.73 -25.67
CA VAL C 69 -17.57 -1.66 -25.79
C VAL C 69 -16.98 -1.28 -24.43
N VAL C 70 -15.79 -0.70 -24.46
CA VAL C 70 -15.08 -0.34 -23.25
C VAL C 70 -14.75 1.14 -23.30
N GLY C 71 -15.26 1.89 -22.31
CA GLY C 71 -14.91 3.29 -22.19
C GLY C 71 -13.56 3.50 -21.54
N HIS C 72 -12.81 4.44 -22.06
CA HIS C 72 -11.55 4.85 -21.49
C HIS C 72 -11.50 6.29 -21.06
N SER C 73 -10.83 6.56 -19.96
CA SER C 73 -10.46 7.92 -19.55
C SER C 73 -9.26 7.81 -18.63
N TYR C 74 -8.74 8.94 -18.17
CA TYR C 74 -7.69 8.89 -17.16
C TYR C 74 -7.80 10.07 -16.22
N LEU C 75 -7.13 9.98 -15.08
CA LEU C 75 -7.11 11.05 -14.09
C LEU C 75 -5.68 11.43 -13.85
N PHE C 76 -5.48 12.67 -13.44
CA PHE C 76 -4.17 13.17 -13.09
C PHE C 76 -4.15 13.41 -11.58
N ALA C 77 -3.20 12.79 -10.88
CA ALA C 77 -3.15 12.88 -9.41
C ALA C 77 -2.24 14.00 -8.89
N TYR C 78 -1.54 14.69 -9.82
CA TYR C 78 -0.65 15.81 -9.50
C TYR C 78 0.63 15.44 -8.76
N THR C 79 0.48 14.66 -7.69
CA THR C 79 1.59 14.15 -6.90
C THR C 79 1.42 12.66 -6.68
N PRO C 80 2.50 11.89 -6.82
CA PRO C 80 2.42 10.45 -6.53
C PRO C 80 1.87 10.13 -5.13
N VAL C 81 1.99 11.09 -4.20
CA VAL C 81 1.43 10.96 -2.85
C VAL C 81 -0.09 10.66 -2.88
N ALA C 82 -0.80 11.18 -3.88
CA ALA C 82 -2.26 10.97 -3.99
C ALA C 82 -2.64 9.77 -4.87
N LEU C 83 -1.65 9.17 -5.52
CA LEU C 83 -1.90 8.23 -6.62
C LEU C 83 -2.59 6.94 -6.20
N LYS C 84 -2.02 6.23 -5.24
CA LYS C 84 -2.62 4.96 -4.81
C LYS C 84 -3.98 5.18 -4.14
N SER C 85 -4.08 6.25 -3.36
CA SER C 85 -5.35 6.60 -2.73
C SER C 85 -6.43 6.78 -3.78
N LEU C 86 -6.09 7.42 -4.90
CA LEU C 86 -7.10 7.71 -5.93
C LEU C 86 -7.56 6.44 -6.63
N LYS C 87 -6.61 5.58 -6.96
CA LYS C 87 -6.93 4.30 -7.57
C LYS C 87 -7.75 3.41 -6.59
N GLN C 88 -7.36 3.39 -5.32
CA GLN C 88 -8.08 2.59 -4.32
C GLN C 88 -9.55 3.05 -4.21
N LEU C 89 -9.74 4.37 -4.26
CA LEU C 89 -11.08 4.97 -4.16
C LEU C 89 -11.94 4.49 -5.34
N LEU C 90 -11.36 4.58 -6.54
CA LEU C 90 -12.04 4.12 -7.76
C LEU C 90 -12.44 2.67 -7.71
N ASP C 91 -11.51 1.79 -7.28
CA ASP C 91 -11.78 0.36 -7.17
C ASP C 91 -12.86 0.09 -6.13
N ASP C 92 -12.89 0.89 -5.06
CA ASP C 92 -13.93 0.71 -4.05
C ASP C 92 -15.27 1.23 -4.55
N MET C 93 -15.24 2.13 -5.54
CA MET C 93 -16.48 2.66 -6.16
C MET C 93 -17.06 1.70 -7.21
N ALA C 94 -16.33 0.64 -7.56
CA ALA C 94 -16.75 -0.24 -8.64
C ALA C 94 -18.13 -0.84 -8.37
N ALA C 95 -18.33 -1.30 -7.13
CA ALA C 95 -19.60 -1.91 -6.71
C ALA C 95 -20.82 -1.02 -6.87
N MET C 96 -20.66 0.30 -6.64
CA MET C 96 -21.81 1.20 -6.79
C MET C 96 -22.21 1.55 -8.25
N ILE C 97 -21.35 1.28 -9.22
CA ILE C 97 -21.68 1.60 -10.62
C ILE C 97 -21.94 0.36 -11.50
N VAL C 98 -21.43 -0.80 -11.07
CA VAL C 98 -21.62 -2.04 -11.81
C VAL C 98 -23.09 -2.35 -11.81
N ASN C 99 -23.61 -2.67 -12.99
CA ASN C 99 -25.05 -2.94 -13.18
C ASN C 99 -25.96 -1.71 -13.22
N GLU C 100 -25.37 -0.51 -13.17
CA GLU C 100 -26.12 0.74 -13.37
C GLU C 100 -26.20 0.98 -14.87
N PRO C 101 -27.28 1.63 -15.34
CA PRO C 101 -27.29 2.00 -16.79
C PRO C 101 -26.10 2.88 -17.22
N LEU C 102 -25.66 2.76 -18.46
CA LEU C 102 -24.63 3.67 -18.98
C LEU C 102 -25.31 4.99 -19.33
N ALA C 103 -25.62 5.76 -18.30
CA ALA C 103 -26.27 7.05 -18.49
C ALA C 103 -25.49 8.03 -17.62
N PRO C 104 -24.48 8.70 -18.20
CA PRO C 104 -23.52 9.49 -17.42
C PRO C 104 -24.17 10.59 -16.55
N VAL C 105 -25.21 11.24 -17.07
CA VAL C 105 -25.89 12.28 -16.26
C VAL C 105 -26.57 11.66 -15.03
N SER C 106 -27.32 10.57 -15.21
CA SER C 106 -27.97 9.92 -14.07
C SER C 106 -26.94 9.35 -13.13
N LEU C 107 -25.85 8.84 -13.70
CA LEU C 107 -24.79 8.27 -12.88
C LEU C 107 -24.13 9.34 -11.99
N GLU C 108 -23.84 10.49 -12.57
CA GLU C 108 -23.30 11.62 -11.83
C GLU C 108 -24.23 12.06 -10.69
N ALA C 109 -25.54 12.08 -10.91
CA ALA C 109 -26.47 12.42 -9.79
C ALA C 109 -26.45 11.39 -8.65
N MET C 110 -26.33 10.12 -9.03
CA MET C 110 -26.25 9.04 -8.02
C MET C 110 -24.95 9.19 -7.19
N LEU C 111 -23.84 9.52 -7.85
CA LEU C 111 -22.58 9.68 -7.14
C LEU C 111 -22.56 10.93 -6.21
N ALA C 112 -23.13 12.04 -6.70
CA ALA C 112 -23.28 13.26 -5.90
C ALA C 112 -24.03 12.95 -4.60
N LYS C 113 -25.08 12.14 -4.70
CA LYS C 113 -25.88 11.72 -3.60
C LYS C 113 -25.16 10.74 -2.68
N ARG C 114 -24.55 9.70 -3.21
CA ARG C 114 -23.78 8.77 -2.38
C ARG C 114 -22.68 9.47 -1.59
N PHE C 115 -22.05 10.48 -2.18
CA PHE C 115 -20.94 11.17 -1.50
C PHE C 115 -21.30 12.49 -0.84
N CYS C 116 -22.59 12.75 -0.66
CA CYS C 116 -22.93 14.09 -0.15
C CYS C 116 -22.54 14.29 1.30
N LEU C 117 -22.43 13.20 2.07
CA LEU C 117 -21.97 13.31 3.47
C LEU C 117 -20.46 13.39 3.55
N ALA C 118 -19.78 12.54 2.79
CA ALA C 118 -18.31 12.49 2.83
C ALA C 118 -17.66 13.76 2.25
N GLY C 119 -18.35 14.42 1.33
CA GLY C 119 -17.80 15.59 0.65
C GLY C 119 -17.55 15.34 -0.82
N TYR C 120 -18.49 15.79 -1.65
CA TYR C 120 -18.40 15.54 -3.08
C TYR C 120 -17.43 16.56 -3.72
N THR C 121 -16.17 16.48 -3.31
CA THR C 121 -15.16 17.41 -3.77
C THR C 121 -13.82 16.67 -3.76
N GLY C 122 -12.75 17.34 -4.15
CA GLY C 122 -11.39 16.77 -4.09
C GLY C 122 -11.29 15.44 -4.80
N LEU C 123 -10.60 14.47 -4.17
CA LEU C 123 -10.30 13.18 -4.81
C LEU C 123 -11.56 12.41 -5.17
N ILE C 124 -12.57 12.45 -4.29
CA ILE C 124 -13.86 11.82 -4.56
C ILE C 124 -14.46 12.44 -5.84
N ARG C 125 -14.48 13.76 -5.94
CA ARG C 125 -15.08 14.38 -7.14
C ARG C 125 -14.25 14.01 -8.39
N MET C 126 -12.92 13.96 -8.23
CA MET C 126 -12.01 13.59 -9.34
C MET C 126 -12.30 12.17 -9.83
N ALA C 127 -12.50 11.27 -8.87
CA ALA C 127 -12.85 9.88 -9.16
C ALA C 127 -14.16 9.82 -9.93
N ALA C 128 -15.17 10.55 -9.44
CA ALA C 128 -16.48 10.59 -10.13
C ALA C 128 -16.34 11.12 -11.56
N ALA C 129 -15.52 12.14 -11.75
CA ALA C 129 -15.22 12.69 -13.07
C ALA C 129 -14.53 11.66 -14.02
N GLY C 130 -13.59 10.86 -13.49
CA GLY C 130 -12.92 9.86 -14.32
C GLY C 130 -13.94 8.83 -14.82
N ILE C 131 -14.82 8.39 -13.93
CA ILE C 131 -15.95 7.55 -14.32
C ILE C 131 -16.83 8.23 -15.39
N ASP C 132 -17.15 9.49 -15.19
CA ASP C 132 -17.97 10.24 -16.14
C ASP C 132 -17.33 10.26 -17.54
N MET C 133 -16.04 10.57 -17.63
CA MET C 133 -15.37 10.65 -18.93
C MET C 133 -15.28 9.29 -19.67
N ALA C 134 -15.08 8.21 -18.91
CA ALA C 134 -15.14 6.85 -19.47
C ALA C 134 -16.54 6.50 -19.94
N ALA C 135 -17.56 6.87 -19.14
CA ALA C 135 -18.95 6.58 -19.54
C ALA C 135 -19.34 7.28 -20.84
N TRP C 136 -18.93 8.55 -21.00
CA TRP C 136 -19.23 9.26 -22.24
C TRP C 136 -18.42 8.70 -23.38
N ASP C 137 -17.18 8.31 -23.12
CA ASP C 137 -16.39 7.63 -24.14
C ASP C 137 -17.15 6.39 -24.59
N ALA C 138 -17.56 5.57 -23.62
CA ALA C 138 -18.36 4.39 -23.90
C ALA C 138 -19.64 4.69 -24.66
N LEU C 139 -20.36 5.74 -24.27
CA LEU C 139 -21.64 6.06 -24.91
C LEU C 139 -21.42 6.43 -26.39
N GLY C 140 -20.31 7.12 -26.66
CA GLY C 140 -19.88 7.44 -28.01
C GLY C 140 -19.63 6.19 -28.83
N LYS C 141 -18.98 5.21 -28.20
CA LYS C 141 -18.69 3.93 -28.84
C LYS C 141 -19.98 3.14 -29.09
N VAL C 142 -20.91 3.15 -28.13
CA VAL C 142 -22.23 2.53 -28.32
C VAL C 142 -22.90 3.05 -29.62
N HIS C 143 -22.84 4.35 -29.86
CA HIS C 143 -23.44 4.96 -31.07
C HIS C 143 -22.47 5.16 -32.21
N GLU C 144 -21.26 4.63 -32.05
CA GLU C 144 -20.24 4.67 -33.11
C GLU C 144 -20.02 6.08 -33.62
N THR C 145 -19.91 7.04 -32.71
CA THR C 145 -19.85 8.43 -33.11
C THR C 145 -18.85 9.20 -32.24
N PRO C 146 -18.08 10.12 -32.85
CA PRO C 146 -17.19 10.89 -32.00
C PRO C 146 -18.01 11.64 -30.92
N LEU C 147 -17.41 11.81 -29.74
CA LEU C 147 -18.04 12.49 -28.61
C LEU C 147 -18.61 13.85 -29.01
N VAL C 148 -17.85 14.63 -29.78
CA VAL C 148 -18.29 15.96 -30.21
C VAL C 148 -19.65 15.91 -30.92
N LYS C 149 -19.84 14.95 -31.81
CA LYS C 149 -21.10 14.79 -32.50
C LYS C 149 -22.20 14.28 -31.60
N LEU C 150 -21.87 13.40 -30.70
CA LEU C 150 -22.85 12.95 -29.70
C LEU C 150 -23.40 14.13 -28.88
N LEU C 151 -22.56 15.14 -28.67
CA LEU C 151 -22.94 16.33 -27.92
C LEU C 151 -23.76 17.31 -28.77
N GLY C 152 -23.95 16.98 -30.05
CA GLY C 152 -24.77 17.79 -30.95
C GLY C 152 -24.00 18.86 -31.66
N ALA C 153 -22.67 18.80 -31.63
CA ALA C 153 -21.82 19.82 -32.31
C ALA C 153 -21.04 19.22 -33.47
N ASN C 154 -20.45 20.07 -34.31
CA ASN C 154 -19.58 19.62 -35.41
C ASN C 154 -18.13 19.68 -34.93
N ALA C 155 -17.31 18.75 -35.39
CA ALA C 155 -15.88 18.84 -35.15
C ALA C 155 -15.39 20.08 -35.87
N ARG C 156 -14.52 20.84 -35.23
CA ARG C 156 -13.84 21.95 -35.87
C ARG C 156 -12.44 21.98 -35.27
N PRO C 157 -11.44 22.48 -36.05
CA PRO C 157 -10.11 22.66 -35.44
C PRO C 157 -10.17 23.67 -34.29
N VAL C 158 -9.47 23.41 -33.19
CA VAL C 158 -9.47 24.31 -32.03
C VAL C 158 -8.06 24.85 -31.82
N GLN C 159 -7.90 26.17 -31.82
CA GLN C 159 -6.58 26.79 -31.60
C GLN C 159 -5.99 26.34 -30.26
N ALA C 160 -4.70 26.01 -30.26
CA ALA C 160 -4.03 25.49 -29.08
C ALA C 160 -2.75 26.24 -28.80
N TYR C 161 -2.47 26.48 -27.53
CA TYR C 161 -1.20 27.03 -27.15
C TYR C 161 -0.34 25.90 -26.62
N ASP C 162 0.98 26.03 -26.81
CA ASP C 162 1.90 25.00 -26.33
C ASP C 162 2.33 25.41 -24.95
N SER C 163 2.08 24.53 -23.98
CA SER C 163 2.16 24.89 -22.59
C SER C 163 3.48 24.42 -21.98
N HIS C 164 4.27 25.38 -21.52
CA HIS C 164 5.63 25.09 -21.04
C HIS C 164 5.68 25.27 -19.55
N SER C 165 6.86 25.55 -18.98
CA SER C 165 6.96 25.69 -17.53
C SER C 165 7.99 26.69 -17.04
N LEU C 166 8.33 26.63 -15.75
CA LEU C 166 9.25 27.59 -15.14
C LEU C 166 10.66 27.19 -15.57
N ASP C 167 10.99 27.51 -16.80
CA ASP C 167 12.04 26.79 -17.50
C ASP C 167 13.37 27.54 -17.49
N GLY C 168 13.38 28.77 -16.97
CA GLY C 168 14.55 29.66 -17.08
C GLY C 168 14.62 30.28 -18.46
N VAL C 169 15.40 31.35 -18.60
CA VAL C 169 15.45 32.11 -19.86
C VAL C 169 15.80 31.24 -21.08
N LYS C 170 16.91 30.51 -20.99
CA LYS C 170 17.42 29.79 -22.15
C LYS C 170 16.43 28.72 -22.65
N LEU C 171 16.02 27.81 -21.77
CA LEU C 171 15.09 26.75 -22.17
C LEU C 171 13.70 27.25 -22.59
N ALA C 172 13.18 28.28 -21.91
CA ALA C 172 11.87 28.88 -22.27
C ALA C 172 11.90 29.45 -23.68
N THR C 173 13.00 30.12 -24.01
CA THR C 173 13.13 30.73 -25.34
C THR C 173 13.24 29.67 -26.43
N GLU C 174 14.02 28.61 -26.17
CA GLU C 174 14.12 27.46 -27.07
C GLU C 174 12.77 26.80 -27.30
N ARG C 175 12.05 26.49 -26.23
CA ARG C 175 10.75 25.82 -26.37
C ARG C 175 9.77 26.70 -27.14
N ALA C 176 9.79 28.01 -26.89
CA ALA C 176 8.95 28.94 -27.63
C ALA C 176 9.25 28.95 -29.14
N VAL C 177 10.53 29.05 -29.51
CA VAL C 177 10.95 28.98 -30.93
C VAL C 177 10.47 27.68 -31.60
N THR C 178 10.76 26.56 -30.95
CA THR C 178 10.34 25.23 -31.37
C THR C 178 8.83 25.17 -31.57
N ALA C 179 8.06 25.67 -30.59
CA ALA C 179 6.60 25.71 -30.71
C ALA C 179 6.16 26.59 -31.88
N ALA C 180 6.84 27.71 -32.06
CA ALA C 180 6.54 28.58 -33.20
C ALA C 180 6.82 27.84 -34.50
N GLU C 181 7.95 27.13 -34.55
CA GLU C 181 8.32 26.37 -35.76
C GLU C 181 7.28 25.32 -36.12
N LEU C 182 6.66 24.72 -35.10
CA LEU C 182 5.63 23.70 -35.31
C LEU C 182 4.26 24.25 -35.67
N GLY C 183 4.13 25.57 -35.73
CA GLY C 183 2.86 26.21 -36.13
C GLY C 183 1.95 26.68 -34.99
N PHE C 184 2.34 26.47 -33.73
CA PHE C 184 1.61 27.10 -32.62
C PHE C 184 1.67 28.63 -32.70
N ARG C 185 0.54 29.27 -32.41
CA ARG C 185 0.45 30.72 -32.46
C ARG C 185 0.57 31.34 -31.05
N ALA C 186 0.77 30.50 -30.03
CA ALA C 186 0.95 30.99 -28.65
C ALA C 186 1.63 29.94 -27.80
N VAL C 187 2.33 30.38 -26.76
CA VAL C 187 2.86 29.48 -25.74
C VAL C 187 2.48 30.01 -24.36
N LYS C 188 2.48 29.12 -23.37
CA LYS C 188 2.39 29.55 -21.98
C LYS C 188 3.64 29.18 -21.23
N THR C 189 4.16 30.15 -20.47
CA THR C 189 5.29 29.90 -19.61
C THR C 189 4.85 30.11 -18.17
N LYS C 190 5.44 29.33 -17.26
CA LYS C 190 5.12 29.48 -15.85
C LYS C 190 6.13 30.38 -15.25
N ILE C 191 5.65 31.37 -14.50
CA ILE C 191 6.53 32.33 -13.85
C ILE C 191 6.33 32.40 -12.35
N GLY C 192 6.88 33.43 -11.72
CA GLY C 192 6.98 33.47 -10.27
C GLY C 192 8.38 33.09 -9.79
N TYR C 193 9.41 33.55 -10.52
CA TYR C 193 10.79 33.50 -10.05
C TYR C 193 10.94 34.36 -8.80
N PRO C 194 12.03 34.15 -8.03
CA PRO C 194 12.21 34.93 -6.80
C PRO C 194 12.07 36.44 -7.05
N ALA C 195 12.55 36.92 -8.20
CA ALA C 195 12.49 38.35 -8.50
C ALA C 195 11.59 38.61 -9.71
N LEU C 196 10.82 39.70 -9.64
CA LEU C 196 10.05 40.20 -10.79
C LEU C 196 10.90 40.43 -12.04
N ASP C 197 12.12 40.91 -11.86
CA ASP C 197 13.08 41.07 -12.98
C ASP C 197 13.27 39.77 -13.77
N GLN C 198 13.33 38.66 -13.05
CA GLN C 198 13.47 37.36 -13.69
C GLN C 198 12.21 37.03 -14.53
N ASP C 199 11.00 37.17 -13.97
CA ASP C 199 9.76 37.02 -14.77
C ASP C 199 9.87 37.78 -16.09
N LEU C 200 10.21 39.06 -15.99
CA LEU C 200 10.28 39.95 -17.14
C LEU C 200 11.35 39.54 -18.16
N ALA C 201 12.54 39.16 -17.67
CA ALA C 201 13.64 38.70 -18.54
C ALA C 201 13.22 37.48 -19.35
N VAL C 202 12.49 36.54 -18.73
CA VAL C 202 11.93 35.38 -19.46
C VAL C 202 10.92 35.79 -20.55
N VAL C 203 9.94 36.60 -20.18
CA VAL C 203 8.92 37.04 -21.14
C VAL C 203 9.55 37.85 -22.29
N ARG C 204 10.46 38.77 -21.96
CA ARG C 204 11.18 39.57 -22.98
C ARG C 204 11.97 38.71 -23.99
N SER C 205 12.67 37.70 -23.49
CA SER C 205 13.48 36.83 -24.34
C SER C 205 12.60 35.96 -25.25
N ILE C 206 11.44 35.51 -24.73
CA ILE C 206 10.45 34.81 -25.55
C ILE C 206 9.93 35.74 -26.64
N ARG C 207 9.54 36.96 -26.25
CA ARG C 207 9.01 37.99 -27.16
C ARG C 207 9.96 38.34 -28.31
N GLN C 208 11.26 38.51 -28.00
CA GLN C 208 12.26 38.83 -29.02
C GLN C 208 12.37 37.69 -30.03
N ALA C 209 12.29 36.46 -29.54
CA ALA C 209 12.44 35.27 -30.37
C ALA C 209 11.22 34.85 -31.21
N VAL C 210 10.01 35.20 -30.75
CA VAL C 210 8.77 34.82 -31.46
C VAL C 210 8.12 35.99 -32.18
N GLY C 211 8.52 37.20 -31.83
CA GLY C 211 8.00 38.40 -32.49
C GLY C 211 6.70 38.92 -31.91
N ASP C 212 6.29 40.08 -32.41
CA ASP C 212 5.16 40.82 -31.87
C ASP C 212 3.79 40.15 -32.03
N ASP C 213 3.60 39.40 -33.13
CA ASP C 213 2.30 38.78 -33.44
C ASP C 213 2.23 37.32 -32.99
N PHE C 214 2.15 37.11 -31.68
CA PHE C 214 2.31 35.79 -31.09
C PHE C 214 1.85 35.90 -29.63
N GLY C 215 1.08 34.93 -29.16
CA GLY C 215 0.54 34.98 -27.79
C GLY C 215 1.55 34.43 -26.80
N ILE C 216 1.76 35.16 -25.71
CA ILE C 216 2.51 34.63 -24.57
C ILE C 216 1.64 34.66 -23.31
N MET C 217 1.11 33.51 -22.92
CA MET C 217 0.36 33.44 -21.66
C MET C 217 1.35 33.22 -20.51
N VAL C 218 1.00 33.71 -19.32
CA VAL C 218 1.83 33.46 -18.14
C VAL C 218 0.99 32.91 -16.98
N ASP C 219 1.64 32.08 -16.18
CA ASP C 219 0.99 31.37 -15.09
C ASP C 219 1.81 31.51 -13.83
N TYR C 220 1.21 32.11 -12.80
CA TYR C 220 1.88 32.25 -11.50
C TYR C 220 1.71 31.07 -10.55
N ASN C 221 0.84 30.13 -10.92
CA ASN C 221 0.53 28.96 -10.09
C ASN C 221 0.32 29.28 -8.61
N GLN C 222 -0.51 30.29 -8.34
CA GLN C 222 -0.96 30.58 -7.00
C GLN C 222 0.14 31.13 -6.08
N SER C 223 1.23 31.63 -6.66
CA SER C 223 2.44 31.90 -5.85
C SER C 223 2.52 33.27 -5.17
N LEU C 224 1.63 34.20 -5.54
CA LEU C 224 1.73 35.55 -5.03
C LEU C 224 0.58 35.88 -4.09
N ASP C 225 0.86 36.72 -3.10
CA ASP C 225 -0.21 37.36 -2.36
C ASP C 225 -0.78 38.48 -3.23
N VAL C 226 -1.95 39.01 -2.84
CA VAL C 226 -2.65 40.00 -3.68
C VAL C 226 -1.82 41.25 -4.04
N PRO C 227 -1.16 41.87 -3.05
CA PRO C 227 -0.36 43.05 -3.43
C PRO C 227 0.81 42.74 -4.37
N ALA C 228 1.50 41.63 -4.13
CA ALA C 228 2.61 41.26 -4.99
C ALA C 228 2.07 40.94 -6.38
N ALA C 229 0.91 40.28 -6.43
CA ALA C 229 0.27 39.96 -7.72
C ALA C 229 -0.11 41.21 -8.51
N ILE C 230 -0.58 42.27 -7.81
CA ILE C 230 -0.95 43.52 -8.46
C ILE C 230 0.34 44.15 -9.05
N LYS C 231 1.40 44.17 -8.26
CA LYS C 231 2.65 44.81 -8.66
C LYS C 231 3.29 44.03 -9.84
N ARG C 232 3.43 42.72 -9.68
CA ARG C 232 4.02 41.90 -10.75
C ARG C 232 3.14 41.93 -11.99
N SER C 233 1.82 41.84 -11.82
CA SER C 233 0.92 41.77 -12.96
C SER C 233 0.87 43.08 -13.76
N GLN C 234 0.96 44.21 -13.07
CA GLN C 234 0.97 45.48 -13.76
C GLN C 234 2.28 45.63 -14.58
N ALA C 235 3.38 45.06 -14.08
CA ALA C 235 4.64 45.11 -14.82
C ALA C 235 4.54 44.24 -16.09
N LEU C 236 3.95 43.05 -15.96
CA LEU C 236 3.79 42.13 -17.08
C LEU C 236 2.83 42.65 -18.12
N GLN C 237 1.80 43.34 -17.67
CA GLN C 237 0.85 43.94 -18.57
C GLN C 237 1.56 44.97 -19.46
N GLN C 238 2.48 45.77 -18.90
CA GLN C 238 3.30 46.71 -19.70
C GLN C 238 4.13 45.96 -20.76
N GLU C 239 4.47 44.71 -20.50
CA GLU C 239 5.28 43.89 -21.43
C GLU C 239 4.47 43.32 -22.56
N GLY C 240 3.16 43.24 -22.38
CA GLY C 240 2.34 42.58 -23.37
C GLY C 240 2.43 41.09 -23.08
N VAL C 241 1.47 40.61 -22.30
CA VAL C 241 1.21 39.20 -22.15
C VAL C 241 -0.25 38.96 -22.51
N THR C 242 -0.57 37.73 -22.86
CA THR C 242 -1.89 37.40 -23.31
C THR C 242 -2.89 37.26 -22.16
N TRP C 243 -2.48 36.59 -21.09
CA TRP C 243 -3.27 36.58 -19.86
C TRP C 243 -2.40 36.31 -18.68
N ILE C 244 -2.92 36.61 -17.49
CA ILE C 244 -2.22 36.28 -16.23
C ILE C 244 -3.03 35.25 -15.42
N GLU C 245 -2.42 34.07 -15.24
CA GLU C 245 -3.13 32.90 -14.72
C GLU C 245 -2.83 32.58 -13.23
N GLU C 246 -3.89 32.26 -12.49
CA GLU C 246 -3.82 32.00 -11.03
C GLU C 246 -2.75 32.82 -10.32
N PRO C 247 -2.89 34.14 -10.32
CA PRO C 247 -1.87 34.92 -9.59
C PRO C 247 -1.83 34.63 -8.08
N THR C 248 -2.97 34.27 -7.47
CA THR C 248 -2.97 34.01 -6.04
C THR C 248 -3.62 32.65 -5.68
N LEU C 249 -3.73 32.37 -4.38
CA LEU C 249 -4.38 31.14 -3.92
C LEU C 249 -5.68 30.88 -4.67
N GLN C 250 -5.81 29.67 -5.20
CA GLN C 250 -6.89 29.35 -6.15
C GLN C 250 -8.28 29.57 -5.55
N HIS C 251 -8.47 29.27 -4.27
CA HIS C 251 -9.76 29.36 -3.67
C HIS C 251 -10.11 30.77 -3.30
N ASP C 252 -9.15 31.66 -3.43
CA ASP C 252 -9.38 33.04 -3.03
C ASP C 252 -9.95 33.82 -4.20
N TYR C 253 -11.25 33.62 -4.40
CA TYR C 253 -11.93 34.30 -5.50
C TYR C 253 -11.98 35.80 -5.29
N GLU C 254 -12.23 36.24 -4.05
CA GLU C 254 -12.27 37.69 -3.77
C GLU C 254 -10.91 38.33 -4.05
N GLY C 255 -9.84 37.63 -3.68
CA GLY C 255 -8.49 38.12 -3.93
C GLY C 255 -8.21 38.26 -5.40
N HIS C 256 -8.58 37.24 -6.18
CA HIS C 256 -8.53 37.37 -7.64
C HIS C 256 -9.31 38.53 -8.18
N GLN C 257 -10.49 38.77 -7.62
CA GLN C 257 -11.27 39.90 -8.05
C GLN C 257 -10.46 41.19 -7.78
N ARG C 258 -9.85 41.31 -6.60
CA ARG C 258 -9.05 42.51 -6.28
C ARG C 258 -7.89 42.69 -7.27
N ILE C 259 -7.21 41.60 -7.60
CA ILE C 259 -6.15 41.62 -8.61
C ILE C 259 -6.70 42.07 -9.98
N GLN C 260 -7.79 41.44 -10.43
CA GLN C 260 -8.40 41.78 -11.72
C GLN C 260 -8.78 43.27 -11.82
N SER C 261 -9.29 43.82 -10.70
CA SER C 261 -9.76 45.19 -10.69
C SER C 261 -8.63 46.19 -10.97
N LYS C 262 -7.39 45.74 -10.82
CA LYS C 262 -6.25 46.62 -11.04
C LYS C 262 -5.60 46.39 -12.40
N LEU C 263 -6.26 45.63 -13.27
CA LEU C 263 -5.63 45.17 -14.51
C LEU C 263 -6.53 45.37 -15.72
N ASN C 264 -5.89 45.65 -16.87
CA ASN C 264 -6.58 45.66 -18.16
C ASN C 264 -6.48 44.26 -18.78
N VAL C 265 -5.28 43.69 -18.69
CA VAL C 265 -5.03 42.33 -19.17
C VAL C 265 -5.93 41.38 -18.37
N PRO C 266 -6.43 40.33 -19.03
CA PRO C 266 -7.35 39.46 -18.31
C PRO C 266 -6.67 38.52 -17.31
N VAL C 267 -7.29 38.39 -16.13
CA VAL C 267 -6.93 37.34 -15.20
C VAL C 267 -7.63 36.05 -15.63
N GLN C 268 -6.87 34.96 -15.60
CA GLN C 268 -7.29 33.65 -16.04
C GLN C 268 -7.26 32.71 -14.84
N MET C 269 -8.31 31.89 -14.72
CA MET C 269 -8.32 30.84 -13.70
C MET C 269 -9.31 29.73 -14.02
N GLY C 270 -9.36 28.70 -13.17
CA GLY C 270 -10.40 27.69 -13.27
C GLY C 270 -9.90 26.27 -13.23
N GLU C 271 -8.59 26.07 -13.39
CA GLU C 271 -8.09 24.70 -13.48
C GLU C 271 -8.33 23.97 -12.14
N ASN C 272 -8.47 24.74 -11.07
CA ASN C 272 -8.67 24.18 -9.75
C ASN C 272 -10.12 24.13 -9.24
N TRP C 273 -11.06 24.53 -10.08
CA TRP C 273 -12.49 24.52 -9.70
C TRP C 273 -12.92 23.10 -9.65
N LEU C 274 -13.44 22.71 -8.49
CA LEU C 274 -13.93 21.37 -8.34
C LEU C 274 -15.46 21.38 -8.48
N GLY C 275 -15.93 21.03 -9.67
CA GLY C 275 -17.34 21.16 -10.02
C GLY C 275 -17.75 22.54 -10.53
N PRO C 276 -18.84 22.63 -11.31
CA PRO C 276 -19.32 23.94 -11.81
C PRO C 276 -19.82 24.88 -10.69
N GLU C 277 -20.06 24.32 -9.50
CA GLU C 277 -20.48 25.13 -8.36
C GLU C 277 -19.35 26.02 -7.86
N GLU C 278 -18.10 25.60 -7.99
CA GLU C 278 -16.98 26.46 -7.62
CA GLU C 278 -16.96 26.45 -7.62
C GLU C 278 -16.79 27.54 -8.69
N MET C 279 -16.92 27.15 -9.94
CA MET C 279 -16.86 28.09 -11.04
C MET C 279 -17.94 29.17 -10.87
N PHE C 280 -19.14 28.72 -10.51
CA PHE C 280 -20.26 29.64 -10.32
C PHE C 280 -19.95 30.69 -9.25
N LYS C 281 -19.41 30.27 -8.12
CA LYS C 281 -19.03 31.22 -7.07
C LYS C 281 -17.95 32.19 -7.54
N ALA C 282 -16.95 31.70 -8.27
CA ALA C 282 -15.86 32.57 -8.69
C ALA C 282 -16.38 33.63 -9.68
N LEU C 283 -17.18 33.19 -10.66
CA LEU C 283 -17.72 34.11 -11.66
C LEU C 283 -18.75 35.12 -11.10
N SER C 284 -19.52 34.69 -10.09
CA SER C 284 -20.54 35.50 -9.45
C SER C 284 -19.92 36.72 -8.80
N ILE C 285 -18.68 36.62 -8.37
CA ILE C 285 -18.10 37.84 -7.80
C ILE C 285 -17.03 38.51 -8.68
N GLY C 286 -16.93 38.08 -9.94
CA GLY C 286 -16.01 38.77 -10.86
C GLY C 286 -14.54 38.45 -10.60
N ALA C 287 -14.23 37.21 -10.26
CA ALA C 287 -12.83 36.82 -9.96
C ALA C 287 -11.88 36.95 -11.17
N CYS C 288 -12.41 36.80 -12.38
CA CYS C 288 -11.52 36.67 -13.54
C CYS C 288 -12.27 37.09 -14.78
N ARG C 289 -11.56 37.43 -15.85
CA ARG C 289 -12.25 37.69 -17.12
C ARG C 289 -12.17 36.55 -18.15
N LEU C 290 -11.40 35.51 -17.82
CA LEU C 290 -11.24 34.27 -18.60
C LEU C 290 -11.38 33.08 -17.66
N ALA C 291 -11.80 31.95 -18.21
CA ALA C 291 -11.93 30.72 -17.44
C ALA C 291 -11.26 29.59 -18.20
N MET C 292 -10.70 28.64 -17.46
CA MET C 292 -10.16 27.42 -18.06
C MET C 292 -10.41 26.23 -17.14
N PRO C 293 -11.64 25.67 -17.15
CA PRO C 293 -11.93 24.47 -16.37
C PRO C 293 -11.05 23.30 -16.80
N ASP C 294 -10.79 22.41 -15.85
CA ASP C 294 -10.03 21.19 -16.05
C ASP C 294 -11.07 20.07 -16.23
N ALA C 295 -11.05 19.37 -17.38
CA ALA C 295 -12.07 18.35 -17.63
C ALA C 295 -12.28 17.38 -16.43
N MET C 296 -11.20 17.03 -15.72
CA MET C 296 -11.32 16.17 -14.54
C MET C 296 -11.95 16.92 -13.35
N LYS C 297 -11.34 18.01 -12.90
CA LYS C 297 -11.88 18.71 -11.71
C LYS C 297 -13.27 19.31 -11.87
N ILE C 298 -13.60 19.78 -13.06
CA ILE C 298 -14.93 20.36 -13.27
C ILE C 298 -16.06 19.32 -13.24
N GLY C 299 -15.72 18.02 -13.21
CA GLY C 299 -16.76 16.96 -13.24
C GLY C 299 -16.93 16.20 -14.55
N GLY C 300 -15.85 16.11 -15.33
CA GLY C 300 -15.89 15.36 -16.61
C GLY C 300 -16.73 16.09 -17.66
N VAL C 301 -17.23 15.34 -18.63
CA VAL C 301 -18.05 15.90 -19.70
C VAL C 301 -19.32 16.51 -19.13
N THR C 302 -19.95 15.80 -18.20
CA THR C 302 -21.16 16.30 -17.53
C THR C 302 -20.93 17.68 -16.85
N GLY C 303 -19.87 17.80 -16.05
CA GLY C 303 -19.53 19.09 -15.45
C GLY C 303 -19.10 20.12 -16.49
N TRP C 304 -18.36 19.66 -17.49
CA TRP C 304 -17.89 20.60 -18.51
C TRP C 304 -19.03 21.30 -19.21
N ILE C 305 -20.03 20.54 -19.61
CA ILE C 305 -21.20 21.09 -20.32
C ILE C 305 -21.94 22.11 -19.46
N ARG C 306 -22.10 21.80 -18.17
CA ARG C 306 -22.70 22.77 -17.24
C ARG C 306 -21.83 24.02 -17.12
N ALA C 307 -20.52 23.81 -17.01
CA ALA C 307 -19.54 24.88 -16.99
C ALA C 307 -19.65 25.80 -18.22
N SER C 308 -19.75 25.22 -19.40
CA SER C 308 -19.85 26.02 -20.64
C SER C 308 -21.13 26.87 -20.69
N ALA C 309 -22.23 26.36 -20.12
CA ALA C 309 -23.46 27.15 -20.00
C ALA C 309 -23.19 28.40 -19.14
N LEU C 310 -22.51 28.22 -18.02
CA LEU C 310 -22.13 29.33 -17.13
C LEU C 310 -21.21 30.33 -17.81
N ALA C 311 -20.13 29.86 -18.44
CA ALA C 311 -19.20 30.80 -19.08
C ALA C 311 -19.92 31.64 -20.13
N GLN C 312 -20.88 31.03 -20.82
CA GLN C 312 -21.66 31.74 -21.85
C GLN C 312 -22.51 32.88 -21.26
N GLN C 313 -23.24 32.58 -20.21
CA GLN C 313 -24.08 33.64 -19.61
C GLN C 313 -23.27 34.74 -18.97
N PHE C 314 -22.17 34.37 -18.32
CA PHE C 314 -21.32 35.35 -17.65
C PHE C 314 -20.40 36.06 -18.67
N GLY C 315 -20.43 35.64 -19.95
CA GLY C 315 -19.63 36.32 -20.99
C GLY C 315 -18.15 36.10 -20.80
N ILE C 316 -17.79 34.86 -20.47
CA ILE C 316 -16.43 34.46 -20.19
C ILE C 316 -15.91 33.49 -21.26
N PRO C 317 -14.93 33.94 -22.07
CA PRO C 317 -14.25 33.03 -23.01
C PRO C 317 -13.61 31.87 -22.25
N MET C 318 -13.85 30.64 -22.72
CA MET C 318 -13.54 29.45 -21.91
C MET C 318 -12.54 28.55 -22.64
N SER C 319 -11.42 28.29 -21.99
CA SER C 319 -10.34 27.46 -22.51
C SER C 319 -10.36 26.18 -21.69
N SER C 320 -9.45 25.26 -22.04
CA SER C 320 -9.30 24.00 -21.34
C SER C 320 -8.00 23.96 -20.51
N HIS C 321 -7.96 23.04 -19.56
CA HIS C 321 -6.75 22.79 -18.78
C HIS C 321 -6.45 21.32 -18.85
N LEU C 322 -5.30 20.99 -19.44
CA LEU C 322 -4.89 19.58 -19.56
C LEU C 322 -5.96 18.76 -20.29
N PHE C 323 -5.88 17.43 -20.20
CA PHE C 323 -6.86 16.52 -20.81
C PHE C 323 -7.18 16.87 -22.26
N GLN C 324 -6.10 17.07 -23.02
CA GLN C 324 -6.21 17.59 -24.37
C GLN C 324 -7.03 16.69 -25.27
N GLU C 325 -7.02 15.40 -25.01
CA GLU C 325 -7.70 14.46 -25.89
C GLU C 325 -9.21 14.68 -25.84
N ILE C 326 -9.77 14.81 -24.64
CA ILE C 326 -11.21 15.01 -24.52
C ILE C 326 -11.55 16.50 -24.70
N SER C 327 -10.62 17.38 -24.35
CA SER C 327 -10.91 18.82 -24.40
C SER C 327 -11.10 19.33 -25.81
N ALA C 328 -10.43 18.68 -26.77
CA ALA C 328 -10.66 19.03 -28.18
C ALA C 328 -12.14 18.82 -28.55
N HIS C 329 -12.71 17.69 -28.13
CA HIS C 329 -14.15 17.46 -28.28
C HIS C 329 -15.00 18.48 -27.54
N LEU C 330 -14.68 18.68 -26.27
CA LEU C 330 -15.51 19.50 -25.41
C LEU C 330 -15.53 20.96 -25.87
N LEU C 331 -14.35 21.50 -26.23
CA LEU C 331 -14.28 22.89 -26.71
C LEU C 331 -15.08 23.14 -27.97
N ALA C 332 -15.09 22.16 -28.87
CA ALA C 332 -15.89 22.22 -30.08
C ALA C 332 -17.39 22.44 -29.79
N ALA C 333 -17.86 21.94 -28.66
CA ALA C 333 -19.26 22.12 -28.22
C ALA C 333 -19.42 23.29 -27.22
N THR C 334 -18.40 24.11 -27.05
CA THR C 334 -18.42 25.16 -26.03
C THR C 334 -18.71 26.53 -26.68
N PRO C 335 -19.85 27.17 -26.32
CA PRO C 335 -20.21 28.42 -27.02
C PRO C 335 -19.15 29.51 -26.97
N THR C 336 -18.43 29.66 -25.85
CA THR C 336 -17.38 30.68 -25.77
C THR C 336 -15.95 30.09 -25.85
N ALA C 337 -15.80 28.92 -26.49
CA ALA C 337 -14.49 28.29 -26.69
C ALA C 337 -13.37 29.30 -27.02
N HIS C 338 -12.29 29.21 -26.30
CA HIS C 338 -11.18 30.12 -26.41
C HIS C 338 -9.93 29.40 -26.88
N TRP C 339 -9.14 28.83 -25.99
CA TRP C 339 -7.97 28.02 -26.38
C TRP C 339 -8.01 26.63 -25.82
N LEU C 340 -7.36 25.71 -26.51
CA LEU C 340 -7.00 24.41 -25.92
C LEU C 340 -5.56 24.48 -25.38
N GLU C 341 -5.36 23.99 -24.16
CA GLU C 341 -4.02 23.87 -23.62
C GLU C 341 -3.36 22.60 -24.15
N ARG C 342 -2.21 22.75 -24.80
CA ARG C 342 -1.46 21.58 -25.23
C ARG C 342 -0.38 21.26 -24.21
N LEU C 343 -0.62 20.21 -23.44
CA LEU C 343 0.35 19.69 -22.49
C LEU C 343 0.08 18.19 -22.41
N ASP C 344 0.93 17.45 -23.11
CA ASP C 344 0.64 16.05 -23.37
C ASP C 344 1.10 15.17 -22.22
N LEU C 345 0.32 15.14 -21.14
CA LEU C 345 0.71 14.40 -19.96
C LEU C 345 0.67 12.90 -20.18
N ALA C 346 -0.19 12.43 -21.09
CA ALA C 346 -0.47 11.00 -21.20
C ALA C 346 0.03 10.35 -22.50
N GLY C 347 0.79 11.10 -23.27
CA GLY C 347 1.29 10.65 -24.58
C GLY C 347 2.05 9.33 -24.58
N SER C 348 2.65 9.00 -23.44
CA SER C 348 3.44 7.76 -23.31
C SER C 348 2.58 6.54 -23.24
N VAL C 349 1.28 6.71 -22.92
CA VAL C 349 0.41 5.55 -22.76
C VAL C 349 -0.84 5.64 -23.65
N ILE C 350 -0.94 6.70 -24.45
CA ILE C 350 -2.13 6.92 -25.31
C ILE C 350 -1.70 7.17 -26.76
N GLU C 351 -2.35 6.47 -27.70
CA GLU C 351 -2.03 6.61 -29.11
C GLU C 351 -2.22 8.03 -29.61
N PRO C 352 -1.25 8.56 -30.38
CA PRO C 352 -1.34 9.97 -30.81
C PRO C 352 -2.41 10.23 -31.89
N THR C 353 -3.66 9.89 -31.61
CA THR C 353 -4.73 10.11 -32.59
C THR C 353 -5.16 11.58 -32.68
N LEU C 354 -4.92 12.36 -31.63
CA LEU C 354 -5.17 13.78 -31.70
C LEU C 354 -3.94 14.42 -32.38
N THR C 355 -4.17 15.29 -33.35
CA THR C 355 -3.06 15.92 -34.08
C THR C 355 -3.24 17.40 -34.10
N PHE C 356 -2.19 18.10 -34.52
CA PHE C 356 -2.18 19.53 -34.59
C PHE C 356 -1.75 20.00 -35.98
N GLU C 357 -2.61 20.80 -36.61
CA GLU C 357 -2.40 21.38 -37.93
C GLU C 357 -2.46 22.89 -37.81
N GLY C 358 -1.34 23.56 -38.10
CA GLY C 358 -1.26 25.02 -37.98
C GLY C 358 -1.63 25.53 -36.59
N GLY C 359 -1.27 24.76 -35.58
CA GLY C 359 -1.48 25.16 -34.18
C GLY C 359 -2.86 24.79 -33.67
N ASN C 360 -3.67 24.12 -34.49
CA ASN C 360 -5.02 23.77 -34.08
C ASN C 360 -5.13 22.30 -33.80
N ALA C 361 -5.80 21.96 -32.71
CA ALA C 361 -6.11 20.58 -32.38
C ALA C 361 -7.14 20.04 -33.36
N VAL C 362 -6.90 18.84 -33.86
CA VAL C 362 -7.80 18.21 -34.81
C VAL C 362 -8.36 16.92 -34.19
N ILE C 363 -9.67 16.92 -33.97
CA ILE C 363 -10.33 15.78 -33.34
C ILE C 363 -10.18 14.56 -34.26
N PRO C 364 -9.76 13.41 -33.71
CA PRO C 364 -9.70 12.22 -34.57
C PRO C 364 -11.10 11.71 -34.95
N ASP C 365 -11.19 11.13 -36.14
CA ASP C 365 -12.43 10.54 -36.62
C ASP C 365 -12.56 9.14 -36.04
N LEU C 366 -12.89 9.08 -34.75
CA LEU C 366 -13.01 7.82 -34.01
C LEU C 366 -14.16 7.97 -33.06
N PRO C 367 -14.85 6.87 -32.72
CA PRO C 367 -15.99 6.97 -31.79
C PRO C 367 -15.55 7.34 -30.38
N GLY C 368 -16.43 7.99 -29.62
CA GLY C 368 -16.09 8.47 -28.29
C GLY C 368 -14.96 9.48 -28.37
N VAL C 369 -13.99 9.35 -27.48
CA VAL C 369 -12.97 10.36 -27.32
C VAL C 369 -11.77 10.18 -28.27
N GLY C 370 -11.58 8.95 -28.76
CA GLY C 370 -10.41 8.64 -29.60
C GLY C 370 -9.18 8.30 -28.78
N ILE C 371 -9.41 7.87 -27.54
CA ILE C 371 -8.34 7.38 -26.70
C ILE C 371 -8.12 5.90 -26.95
N ILE C 372 -6.89 5.54 -27.34
CA ILE C 372 -6.48 4.15 -27.47
C ILE C 372 -5.19 3.94 -26.66
N TRP C 373 -5.22 2.97 -25.75
CA TRP C 373 -4.08 2.70 -24.89
C TRP C 373 -2.92 2.15 -25.68
N ARG C 374 -1.71 2.59 -25.35
CA ARG C 374 -0.52 1.91 -25.85
C ARG C 374 -0.21 0.79 -24.83
N GLU C 375 -0.86 -0.35 -25.00
CA GLU C 375 -0.72 -1.47 -24.07
C GLU C 375 0.72 -1.97 -23.88
N LYS C 376 1.59 -1.78 -24.88
CA LYS C 376 2.99 -2.21 -24.76
C LYS C 376 3.72 -1.35 -23.73
N GLU C 377 3.40 -0.06 -23.69
CA GLU C 377 4.11 0.93 -22.86
C GLU C 377 3.65 1.01 -21.39
N ILE C 378 2.40 0.64 -21.13
CA ILE C 378 1.79 0.80 -19.82
C ILE C 378 2.55 0.00 -18.75
N GLY C 379 2.93 -1.23 -19.11
CA GLY C 379 3.72 -2.12 -18.24
C GLY C 379 4.94 -1.43 -17.66
N LYS C 380 5.60 -0.56 -18.44
CA LYS C 380 6.83 0.12 -18.03
C LYS C 380 6.65 1.02 -16.81
N TYR C 381 5.42 1.52 -16.62
CA TYR C 381 5.20 2.63 -15.70
C TYR C 381 4.28 2.30 -14.53
N LEU C 382 3.81 1.06 -14.45
CA LEU C 382 2.88 0.65 -13.40
C LEU C 382 3.47 0.91 -12.04
N VAL C 383 2.68 1.53 -11.17
CA VAL C 383 3.10 1.79 -9.80
C VAL C 383 2.66 0.61 -8.94
N GLU D 27 8.12 -1.86 29.52
CA GLU D 27 8.36 -0.42 29.75
C GLU D 27 8.67 0.29 28.42
N VAL D 28 9.80 0.03 27.76
CA VAL D 28 10.05 0.67 26.46
C VAL D 28 9.31 -0.06 25.32
N LEU D 29 8.49 0.69 24.58
CA LEU D 29 7.65 0.09 23.55
C LEU D 29 7.97 0.62 22.17
N ILE D 30 7.74 -0.21 21.17
CA ILE D 30 7.81 0.22 19.76
C ILE D 30 6.56 1.05 19.42
N THR D 31 6.76 2.24 18.86
CA THR D 31 5.64 3.16 18.60
C THR D 31 5.46 3.53 17.12
N GLY D 32 6.34 3.03 16.26
CA GLY D 32 6.23 3.30 14.83
C GLY D 32 7.23 2.50 14.03
N LEU D 33 6.87 2.23 12.78
CA LEU D 33 7.80 1.70 11.81
C LEU D 33 7.63 2.50 10.54
N ARG D 34 8.72 2.96 9.98
CA ARG D 34 8.67 3.68 8.75
C ARG D 34 9.71 3.12 7.78
N THR D 35 9.32 2.88 6.54
CA THR D 35 10.24 2.34 5.54
C THR D 35 10.37 3.23 4.31
N ARG D 36 11.57 3.22 3.73
CA ARG D 36 11.83 3.98 2.52
C ARG D 36 12.57 3.09 1.52
N ALA D 37 11.98 2.92 0.34
CA ALA D 37 12.61 2.17 -0.74
C ALA D 37 13.47 3.10 -1.57
N VAL D 38 14.75 2.76 -1.68
CA VAL D 38 15.69 3.53 -2.47
C VAL D 38 16.42 2.60 -3.44
N ASN D 39 16.80 3.14 -4.59
CA ASN D 39 17.52 2.39 -5.59
C ASN D 39 18.79 3.19 -5.78
N VAL D 40 19.88 2.75 -5.16
CA VAL D 40 21.07 3.60 -5.13
C VAL D 40 22.14 3.18 -6.17
N PRO D 41 22.41 4.07 -7.16
CA PRO D 41 23.42 3.75 -8.20
C PRO D 41 24.78 3.48 -7.56
N LEU D 42 25.53 2.54 -8.13
CA LEU D 42 26.85 2.21 -7.53
C LEU D 42 28.00 2.62 -8.45
N ALA D 43 29.07 3.12 -7.84
CA ALA D 43 30.29 3.46 -8.60
C ALA D 43 30.72 2.22 -9.40
N TYR D 44 30.78 1.09 -8.72
CA TYR D 44 31.18 -0.12 -9.38
C TYR D 44 30.06 -1.12 -9.25
N PRO D 45 29.28 -1.26 -10.34
CA PRO D 45 28.21 -2.26 -10.40
C PRO D 45 28.76 -3.64 -10.00
N VAL D 46 27.97 -4.38 -9.23
CA VAL D 46 28.44 -5.67 -8.76
C VAL D 46 28.14 -6.77 -9.79
N HIS D 47 29.08 -6.94 -10.72
CA HIS D 47 29.05 -8.00 -11.72
C HIS D 47 29.31 -9.35 -11.06
N THR D 48 28.41 -10.32 -11.29
CA THR D 48 28.62 -11.71 -10.86
C THR D 48 28.48 -12.66 -12.06
N ALA D 49 28.91 -13.90 -11.87
CA ALA D 49 28.80 -14.93 -12.90
C ALA D 49 27.34 -15.30 -13.21
N VAL D 50 26.40 -14.89 -12.34
CA VAL D 50 24.98 -15.17 -12.57
C VAL D 50 24.11 -13.93 -12.83
N GLY D 51 24.76 -12.80 -13.13
CA GLY D 51 24.06 -11.52 -13.31
C GLY D 51 24.74 -10.34 -12.63
N THR D 52 24.43 -9.14 -13.12
CA THR D 52 24.94 -7.89 -12.58
C THR D 52 23.92 -7.23 -11.63
N VAL D 53 24.40 -6.82 -10.46
CA VAL D 53 23.68 -5.95 -9.54
C VAL D 53 24.15 -4.51 -9.84
N GLY D 54 23.37 -3.78 -10.65
CA GLY D 54 23.83 -2.49 -11.18
C GLY D 54 23.66 -1.32 -10.21
N THR D 55 22.66 -1.44 -9.34
CA THR D 55 22.29 -0.46 -8.31
C THR D 55 22.03 -1.23 -7.03
N ALA D 56 22.04 -0.56 -5.89
CA ALA D 56 21.63 -1.20 -4.65
C ALA D 56 20.18 -0.84 -4.31
N PRO D 57 19.24 -1.81 -4.44
CA PRO D 57 17.88 -1.53 -3.97
C PRO D 57 17.77 -1.87 -2.48
N LEU D 58 17.52 -0.86 -1.66
CA LEU D 58 17.52 -0.97 -0.20
C LEU D 58 16.19 -0.51 0.35
N VAL D 59 15.81 -1.10 1.49
CA VAL D 59 14.69 -0.59 2.27
C VAL D 59 15.31 -0.04 3.54
N LEU D 60 15.18 1.27 3.75
CA LEU D 60 15.73 1.91 4.95
C LEU D 60 14.64 1.88 6.01
N ILE D 61 14.99 1.47 7.22
CA ILE D 61 14.01 1.24 8.26
C ILE D 61 14.26 2.18 9.45
N ASP D 62 13.18 2.76 9.98
CA ASP D 62 13.17 3.59 11.20
C ASP D 62 12.12 3.01 12.16
N LEU D 63 12.59 2.61 13.33
CA LEU D 63 11.77 1.97 14.36
C LEU D 63 11.67 2.97 15.51
N ALA D 64 10.50 3.61 15.63
CA ALA D 64 10.27 4.64 16.62
C ALA D 64 9.94 3.98 17.95
N THR D 65 10.33 4.62 19.04
CA THR D 65 10.09 4.05 20.37
C THR D 65 9.49 5.04 21.36
N SER D 66 8.94 4.52 22.45
CA SER D 66 8.44 5.37 23.52
C SER D 66 9.55 6.02 24.35
N ALA D 67 10.82 5.62 24.12
CA ALA D 67 11.97 6.30 24.74
C ALA D 67 12.38 7.47 23.87
N GLY D 68 11.71 7.64 22.73
CA GLY D 68 12.00 8.76 21.83
C GLY D 68 13.10 8.48 20.81
N VAL D 69 14.05 7.63 21.17
CA VAL D 69 15.10 7.25 20.23
C VAL D 69 14.48 6.41 19.11
N VAL D 70 15.12 6.46 17.94
CA VAL D 70 14.68 5.74 16.74
C VAL D 70 15.78 4.78 16.27
N GLY D 71 15.43 3.51 16.14
CA GLY D 71 16.34 2.49 15.65
C GLY D 71 16.38 2.52 14.14
N HIS D 72 17.59 2.39 13.60
CA HIS D 72 17.82 2.40 12.15
C HIS D 72 18.42 1.09 11.68
N SER D 73 17.90 0.55 10.59
CA SER D 73 18.56 -0.52 9.84
C SER D 73 18.18 -0.38 8.38
N TYR D 74 18.71 -1.28 7.58
CA TYR D 74 18.27 -1.37 6.18
C TYR D 74 18.33 -2.82 5.71
N LEU D 75 17.57 -3.09 4.65
CA LEU D 75 17.56 -4.39 3.98
C LEU D 75 18.11 -4.20 2.57
N PHE D 76 18.78 -5.22 2.06
CA PHE D 76 19.23 -5.26 0.65
C PHE D 76 18.27 -6.20 -0.06
N ALA D 77 17.62 -5.74 -1.14
CA ALA D 77 16.62 -6.55 -1.88
C ALA D 77 17.22 -7.31 -3.09
N TYR D 78 18.51 -7.09 -3.35
CA TYR D 78 19.29 -7.77 -4.40
C TYR D 78 18.95 -7.33 -5.79
N THR D 79 17.66 -7.40 -6.15
CA THR D 79 17.19 -6.96 -7.46
C THR D 79 16.01 -6.01 -7.25
N PRO D 80 15.92 -4.95 -8.09
CA PRO D 80 14.80 -4.03 -8.02
C PRO D 80 13.45 -4.74 -8.14
N VAL D 81 13.43 -5.95 -8.72
CA VAL D 81 12.20 -6.72 -8.88
C VAL D 81 11.57 -7.05 -7.52
N ALA D 82 12.41 -7.17 -6.50
CA ALA D 82 11.93 -7.58 -5.17
C ALA D 82 11.71 -6.38 -4.24
N LEU D 83 12.16 -5.21 -4.68
CA LEU D 83 12.21 -4.02 -3.81
C LEU D 83 10.82 -3.59 -3.25
N LYS D 84 9.86 -3.31 -4.11
CA LYS D 84 8.54 -2.86 -3.64
C LYS D 84 7.82 -3.92 -2.83
N SER D 85 7.98 -5.18 -3.23
CA SER D 85 7.38 -6.30 -2.49
C SER D 85 7.94 -6.34 -1.04
N LEU D 86 9.25 -6.15 -0.89
CA LEU D 86 9.85 -6.23 0.44
C LEU D 86 9.40 -5.06 1.34
N LYS D 87 9.32 -3.85 0.76
CA LYS D 87 8.83 -2.70 1.49
C LYS D 87 7.37 -2.89 1.95
N GLN D 88 6.53 -3.34 1.04
CA GLN D 88 5.11 -3.61 1.32
C GLN D 88 4.99 -4.63 2.45
N LEU D 89 5.79 -5.68 2.38
CA LEU D 89 5.80 -6.72 3.42
C LEU D 89 6.11 -6.11 4.79
N LEU D 90 7.20 -5.36 4.87
CA LEU D 90 7.54 -4.63 6.08
C LEU D 90 6.40 -3.74 6.58
N ASP D 91 5.81 -2.96 5.67
CA ASP D 91 4.74 -2.02 6.07
C ASP D 91 3.59 -2.79 6.66
N ASP D 92 3.28 -3.95 6.09
CA ASP D 92 2.17 -4.74 6.60
C ASP D 92 2.52 -5.47 7.90
N MET D 93 3.82 -5.73 8.10
CA MET D 93 4.31 -6.37 9.33
C MET D 93 4.30 -5.40 10.50
N ALA D 94 4.28 -4.09 10.21
CA ALA D 94 4.25 -3.07 11.27
C ALA D 94 3.15 -3.33 12.26
N ALA D 95 2.01 -3.83 11.78
CA ALA D 95 0.85 -4.08 12.65
C ALA D 95 1.17 -5.10 13.75
N MET D 96 2.08 -6.02 13.47
CA MET D 96 2.51 -7.02 14.44
C MET D 96 3.46 -6.49 15.54
N ILE D 97 4.21 -5.42 15.25
CA ILE D 97 5.27 -5.00 16.18
C ILE D 97 4.98 -3.71 16.95
N VAL D 98 4.18 -2.82 16.36
CA VAL D 98 3.87 -1.56 17.02
C VAL D 98 3.10 -1.84 18.31
N ASN D 99 3.46 -1.16 19.36
CA ASN D 99 3.02 -1.45 20.67
C ASN D 99 3.56 -2.68 21.36
N GLU D 100 4.46 -3.41 20.75
CA GLU D 100 5.19 -4.48 21.44
C GLU D 100 6.38 -3.85 22.22
N PRO D 101 6.75 -4.44 23.36
CA PRO D 101 8.00 -4.06 24.00
C PRO D 101 9.21 -4.13 23.06
N LEU D 102 10.16 -3.20 23.25
CA LEU D 102 11.40 -3.21 22.48
C LEU D 102 12.32 -4.28 23.07
N ALA D 103 12.07 -5.54 22.72
CA ALA D 103 12.83 -6.63 23.33
C ALA D 103 13.10 -7.51 22.15
N PRO D 104 14.25 -7.33 21.48
CA PRO D 104 14.40 -7.97 20.17
C PRO D 104 14.22 -9.50 20.18
N VAL D 105 14.72 -10.18 21.22
CA VAL D 105 14.60 -11.64 21.32
C VAL D 105 13.14 -12.15 21.43
N SER D 106 12.34 -11.54 22.30
CA SER D 106 10.90 -11.88 22.39
C SER D 106 10.14 -11.50 21.11
N LEU D 107 10.51 -10.39 20.51
CA LEU D 107 10.01 -9.98 19.24
C LEU D 107 10.24 -11.05 18.14
N GLU D 108 11.46 -11.53 18.07
CA GLU D 108 11.82 -12.53 17.05
C GLU D 108 11.00 -13.82 17.24
N ALA D 109 10.85 -14.26 18.48
CA ALA D 109 10.04 -15.44 18.83
C ALA D 109 8.57 -15.29 18.39
N MET D 110 8.02 -14.11 18.59
CA MET D 110 6.63 -13.81 18.19
C MET D 110 6.49 -13.82 16.65
N LEU D 111 7.45 -13.21 15.96
CA LEU D 111 7.42 -13.20 14.50
C LEU D 111 7.57 -14.63 13.92
N ALA D 112 8.46 -15.43 14.48
CA ALA D 112 8.60 -16.83 14.06
C ALA D 112 7.27 -17.60 14.17
N LYS D 113 6.56 -17.34 15.23
CA LYS D 113 5.33 -17.97 15.48
C LYS D 113 4.26 -17.46 14.54
N ARG D 114 4.14 -16.16 14.40
CA ARG D 114 3.16 -15.58 13.47
C ARG D 114 3.34 -16.08 12.02
N PHE D 115 4.58 -16.40 11.64
CA PHE D 115 4.80 -16.81 10.25
C PHE D 115 5.10 -18.29 10.09
N CYS D 116 4.84 -19.08 11.12
CA CYS D 116 5.20 -20.49 11.04
C CYS D 116 4.41 -21.25 9.96
N LEU D 117 3.26 -20.71 9.54
CA LEU D 117 2.45 -21.41 8.53
C LEU D 117 2.82 -20.93 7.15
N ALA D 118 2.93 -19.61 6.99
CA ALA D 118 3.34 -19.04 5.71
C ALA D 118 4.77 -19.40 5.30
N GLY D 119 5.66 -19.67 6.26
CA GLY D 119 7.05 -19.97 5.94
C GLY D 119 7.98 -18.85 6.40
N TYR D 120 8.64 -19.09 7.53
CA TYR D 120 9.50 -18.10 8.16
C TYR D 120 10.88 -18.13 7.49
N THR D 121 10.90 -17.74 6.21
CA THR D 121 12.12 -17.78 5.41
C THR D 121 12.00 -16.75 4.30
N GLY D 122 13.02 -16.61 3.47
CA GLY D 122 12.94 -15.69 2.31
C GLY D 122 12.61 -14.26 2.71
N LEU D 123 11.77 -13.58 1.93
CA LEU D 123 11.45 -12.17 2.15
C LEU D 123 10.87 -11.94 3.54
N ILE D 124 10.01 -12.83 4.00
CA ILE D 124 9.45 -12.71 5.33
C ILE D 124 10.56 -12.73 6.40
N ARG D 125 11.47 -13.70 6.32
CA ARG D 125 12.60 -13.76 7.27
C ARG D 125 13.49 -12.50 7.15
N MET D 126 13.74 -12.05 5.93
CA MET D 126 14.54 -10.83 5.72
C MET D 126 13.88 -9.60 6.34
N ALA D 127 12.56 -9.48 6.18
CA ALA D 127 11.78 -8.39 6.81
C ALA D 127 11.91 -8.47 8.34
N ALA D 128 11.68 -9.64 8.91
CA ALA D 128 11.85 -9.82 10.35
C ALA D 128 13.26 -9.41 10.83
N ALA D 129 14.30 -9.73 10.05
CA ALA D 129 15.69 -9.36 10.39
C ALA D 129 15.96 -7.84 10.38
N GLY D 130 15.37 -7.14 9.41
CA GLY D 130 15.45 -5.67 9.38
C GLY D 130 14.86 -5.05 10.63
N ILE D 131 13.74 -5.61 11.10
CA ILE D 131 13.13 -5.19 12.35
C ILE D 131 14.09 -5.44 13.52
N ASP D 132 14.61 -6.66 13.58
CA ASP D 132 15.49 -7.04 14.65
C ASP D 132 16.70 -6.11 14.71
N MET D 133 17.33 -5.84 13.57
CA MET D 133 18.50 -4.94 13.54
C MET D 133 18.18 -3.51 13.97
N ALA D 134 17.01 -3.02 13.58
CA ALA D 134 16.59 -1.69 14.01
C ALA D 134 16.28 -1.71 15.52
N ALA D 135 15.69 -2.81 16.00
CA ALA D 135 15.32 -2.92 17.43
C ALA D 135 16.57 -2.91 18.32
N TRP D 136 17.60 -3.66 17.92
CA TRP D 136 18.89 -3.61 18.63
C TRP D 136 19.60 -2.27 18.54
N ASP D 137 19.55 -1.63 17.38
CA ASP D 137 20.03 -0.25 17.32
C ASP D 137 19.30 0.62 18.36
N ALA D 138 17.97 0.60 18.32
CA ALA D 138 17.16 1.36 19.30
C ALA D 138 17.56 0.97 20.71
N LEU D 139 17.77 -0.32 20.96
CA LEU D 139 18.04 -0.73 22.34
C LEU D 139 19.41 -0.24 22.80
N GLY D 140 20.38 -0.23 21.88
CA GLY D 140 21.66 0.43 22.15
C GLY D 140 21.50 1.89 22.49
N LYS D 141 20.63 2.57 21.74
CA LYS D 141 20.31 3.98 22.01
C LYS D 141 19.62 4.22 23.36
N VAL D 142 18.63 3.41 23.71
CA VAL D 142 18.01 3.47 25.04
C VAL D 142 19.08 3.47 26.17
N HIS D 143 20.12 2.64 26.00
CA HIS D 143 21.17 2.54 27.00
C HIS D 143 22.37 3.41 26.72
N GLU D 144 22.28 4.24 25.67
CA GLU D 144 23.34 5.18 25.35
C GLU D 144 24.71 4.45 25.27
N THR D 145 24.72 3.32 24.56
CA THR D 145 25.92 2.49 24.49
C THR D 145 26.09 1.87 23.08
N PRO D 146 27.34 1.81 22.56
CA PRO D 146 27.48 1.13 21.26
C PRO D 146 26.95 -0.31 21.34
N LEU D 147 26.36 -0.79 20.27
CA LEU D 147 25.79 -2.13 20.25
C LEU D 147 26.77 -3.18 20.78
N VAL D 148 28.02 -3.10 20.32
CA VAL D 148 29.03 -4.08 20.71
C VAL D 148 29.12 -4.20 22.24
N LYS D 149 29.05 -3.09 22.95
CA LYS D 149 29.10 -3.10 24.40
C LYS D 149 27.85 -3.69 25.02
N LEU D 150 26.73 -3.38 24.41
CA LEU D 150 25.46 -3.95 24.85
C LEU D 150 25.47 -5.50 24.75
N LEU D 151 26.18 -6.03 23.77
CA LEU D 151 26.29 -7.50 23.61
C LEU D 151 27.31 -8.06 24.58
N GLY D 152 27.93 -7.20 25.37
CA GLY D 152 28.87 -7.62 26.38
C GLY D 152 30.31 -7.73 25.92
N ALA D 153 30.64 -7.14 24.76
CA ALA D 153 32.03 -7.22 24.25
C ALA D 153 32.70 -5.85 24.16
N ASN D 154 34.02 -5.81 24.02
CA ASN D 154 34.74 -4.56 23.76
C ASN D 154 34.77 -4.32 22.28
N ALA D 155 34.79 -3.06 21.87
CA ALA D 155 35.08 -2.73 20.49
C ALA D 155 36.53 -3.14 20.23
N ARG D 156 36.80 -3.76 19.09
CA ARG D 156 38.18 -3.99 18.66
C ARG D 156 38.22 -3.74 17.15
N PRO D 157 39.40 -3.36 16.61
CA PRO D 157 39.48 -3.25 15.15
C PRO D 157 39.33 -4.64 14.50
N VAL D 158 38.56 -4.71 13.41
CA VAL D 158 38.35 -6.00 12.75
C VAL D 158 38.85 -5.95 11.29
N GLN D 159 39.78 -6.83 10.94
CA GLN D 159 40.37 -6.85 9.62
C GLN D 159 39.27 -6.97 8.53
N ALA D 160 39.39 -6.16 7.48
CA ALA D 160 38.41 -6.13 6.42
C ALA D 160 39.08 -6.35 5.08
N TYR D 161 38.37 -7.00 4.18
CA TYR D 161 38.81 -7.12 2.78
C TYR D 161 37.93 -6.24 1.92
N ASP D 162 38.53 -5.66 0.89
CA ASP D 162 37.79 -4.82 -0.04
C ASP D 162 37.19 -5.72 -1.11
N SER D 163 35.88 -5.62 -1.31
CA SER D 163 35.14 -6.65 -2.03
C SER D 163 34.78 -6.09 -3.40
N HIS D 164 35.32 -6.73 -4.44
CA HIS D 164 35.18 -6.24 -5.79
C HIS D 164 34.23 -7.14 -6.56
N SER D 165 34.25 -7.13 -7.88
CA SER D 165 33.30 -7.98 -8.60
C SER D 165 33.90 -8.66 -9.84
N LEU D 166 33.04 -9.09 -10.75
CA LEU D 166 33.47 -9.82 -11.94
C LEU D 166 33.99 -8.77 -12.93
N ASP D 167 35.17 -8.26 -12.67
CA ASP D 167 35.57 -7.00 -13.28
C ASP D 167 36.44 -7.10 -14.53
N GLY D 168 36.99 -8.26 -14.85
CA GLY D 168 37.94 -8.35 -15.98
C GLY D 168 39.32 -7.87 -15.53
N VAL D 169 40.36 -8.18 -16.31
CA VAL D 169 41.75 -7.94 -15.88
C VAL D 169 42.03 -6.48 -15.62
N LYS D 170 41.63 -5.61 -16.54
CA LYS D 170 41.87 -4.17 -16.43
C LYS D 170 41.31 -3.54 -15.13
N LEU D 171 39.99 -3.67 -14.91
CA LEU D 171 39.39 -3.08 -13.72
C LEU D 171 39.79 -3.80 -12.44
N ALA D 172 39.88 -5.13 -12.50
CA ALA D 172 40.31 -5.87 -11.29
C ALA D 172 41.68 -5.37 -10.79
N THR D 173 42.59 -5.14 -11.74
CA THR D 173 43.93 -4.65 -11.43
C THR D 173 43.87 -3.26 -10.83
N GLU D 174 43.09 -2.39 -11.44
CA GLU D 174 42.96 -1.01 -10.96
C GLU D 174 42.31 -0.95 -9.55
N ARG D 175 41.24 -1.72 -9.33
CA ARG D 175 40.62 -1.76 -8.00
C ARG D 175 41.53 -2.42 -6.95
N ALA D 176 42.28 -3.43 -7.35
CA ALA D 176 43.19 -4.08 -6.41
C ALA D 176 44.28 -3.07 -5.98
N VAL D 177 44.86 -2.32 -6.91
CA VAL D 177 45.86 -1.29 -6.54
C VAL D 177 45.27 -0.28 -5.54
N THR D 178 44.07 0.22 -5.84
CA THR D 178 43.37 1.18 -4.96
C THR D 178 43.19 0.62 -3.55
N ALA D 179 42.66 -0.59 -3.45
CA ALA D 179 42.45 -1.25 -2.15
C ALA D 179 43.75 -1.35 -1.33
N ALA D 180 44.85 -1.74 -2.00
CA ALA D 180 46.14 -1.86 -1.32
C ALA D 180 46.61 -0.50 -0.82
N GLU D 181 46.38 0.55 -1.61
CA GLU D 181 46.76 1.93 -1.23
C GLU D 181 45.92 2.40 -0.06
N LEU D 182 44.65 2.02 -0.04
CA LEU D 182 43.77 2.33 1.10
C LEU D 182 44.15 1.64 2.42
N GLY D 183 45.07 0.69 2.38
CA GLY D 183 45.48 -0.04 3.59
C GLY D 183 44.87 -1.43 3.77
N PHE D 184 43.95 -1.83 2.89
CA PHE D 184 43.39 -3.20 2.97
C PHE D 184 44.48 -4.24 2.75
N ARG D 185 44.36 -5.36 3.44
CA ARG D 185 45.34 -6.42 3.33
C ARG D 185 44.76 -7.60 2.54
N ALA D 186 43.56 -7.44 2.01
CA ALA D 186 42.95 -8.49 1.19
C ALA D 186 41.87 -7.91 0.31
N VAL D 187 41.63 -8.56 -0.84
CA VAL D 187 40.53 -8.21 -1.72
C VAL D 187 39.81 -9.47 -2.11
N LYS D 188 38.56 -9.31 -2.53
CA LYS D 188 37.79 -10.42 -3.08
C LYS D 188 37.37 -10.05 -4.47
N THR D 189 37.52 -10.99 -5.40
CA THR D 189 37.02 -10.78 -6.73
C THR D 189 35.97 -11.86 -7.01
N LYS D 190 35.04 -11.56 -7.89
CA LYS D 190 34.02 -12.54 -8.27
C LYS D 190 34.45 -13.17 -9.58
N ILE D 191 34.36 -14.50 -9.65
CA ILE D 191 34.82 -15.24 -10.82
C ILE D 191 33.70 -16.17 -11.31
N GLY D 192 33.99 -17.01 -12.30
CA GLY D 192 32.95 -17.73 -13.02
C GLY D 192 32.77 -17.21 -14.43
N TYR D 193 33.86 -16.76 -15.04
CA TYR D 193 33.90 -16.46 -16.48
C TYR D 193 33.64 -17.72 -17.29
N PRO D 194 33.30 -17.58 -18.60
CA PRO D 194 33.05 -18.79 -19.39
C PRO D 194 34.20 -19.81 -19.30
N ALA D 195 35.45 -19.35 -19.29
CA ALA D 195 36.58 -20.27 -19.25
C ALA D 195 37.38 -20.18 -17.95
N LEU D 196 37.81 -21.32 -17.42
CA LEU D 196 38.71 -21.36 -16.28
C LEU D 196 39.96 -20.47 -16.48
N ASP D 197 40.54 -20.48 -17.69
CA ASP D 197 41.74 -19.64 -17.98
C ASP D 197 41.45 -18.16 -17.73
N GLN D 198 40.21 -17.76 -17.94
CA GLN D 198 39.81 -16.39 -17.63
C GLN D 198 39.77 -16.13 -16.12
N ASP D 199 39.24 -17.08 -15.34
CA ASP D 199 39.30 -16.96 -13.87
C ASP D 199 40.74 -16.79 -13.43
N LEU D 200 41.62 -17.65 -13.94
CA LEU D 200 43.01 -17.65 -13.51
C LEU D 200 43.68 -16.35 -13.93
N ALA D 201 43.37 -15.89 -15.14
CA ALA D 201 43.97 -14.67 -15.66
C ALA D 201 43.69 -13.49 -14.69
N VAL D 202 42.44 -13.35 -14.23
CA VAL D 202 42.07 -12.23 -13.33
C VAL D 202 42.72 -12.38 -11.96
N VAL D 203 42.69 -13.59 -11.43
CA VAL D 203 43.30 -13.86 -10.13
C VAL D 203 44.83 -13.58 -10.18
N ARG D 204 45.49 -14.03 -11.24
CA ARG D 204 46.92 -13.74 -11.41
C ARG D 204 47.22 -12.26 -11.57
N SER D 205 46.42 -11.53 -12.34
CA SER D 205 46.73 -10.11 -12.51
C SER D 205 46.54 -9.36 -11.19
N ILE D 206 45.53 -9.75 -10.41
CA ILE D 206 45.35 -9.18 -9.07
C ILE D 206 46.61 -9.44 -8.22
N ARG D 207 47.14 -10.66 -8.29
CA ARG D 207 48.32 -11.00 -7.51
C ARG D 207 49.48 -10.04 -7.88
N GLN D 208 49.59 -9.71 -9.17
CA GLN D 208 50.66 -8.81 -9.60
C GLN D 208 50.46 -7.42 -9.00
N ALA D 209 49.20 -7.02 -8.87
CA ALA D 209 48.88 -5.70 -8.36
C ALA D 209 49.13 -5.56 -6.85
N VAL D 210 48.94 -6.64 -6.08
CA VAL D 210 48.98 -6.55 -4.62
C VAL D 210 50.21 -7.18 -3.97
N GLY D 211 51.01 -7.96 -4.72
CA GLY D 211 52.15 -8.67 -4.15
C GLY D 211 51.77 -9.96 -3.41
N ASP D 212 52.79 -10.68 -2.95
CA ASP D 212 52.61 -12.01 -2.36
C ASP D 212 52.10 -12.06 -0.91
N ASP D 213 52.29 -11.02 -0.12
CA ASP D 213 51.80 -11.04 1.28
C ASP D 213 50.44 -10.28 1.36
N PHE D 214 49.39 -10.89 0.82
CA PHE D 214 48.12 -10.19 0.59
C PHE D 214 47.07 -11.23 0.24
N GLY D 215 45.90 -11.16 0.89
CA GLY D 215 44.85 -12.13 0.60
C GLY D 215 44.09 -11.84 -0.69
N ILE D 216 43.79 -12.88 -1.45
CA ILE D 216 42.86 -12.77 -2.57
C ILE D 216 41.78 -13.81 -2.33
N MET D 217 40.60 -13.37 -1.94
CA MET D 217 39.48 -14.28 -1.86
C MET D 217 38.81 -14.34 -3.23
N VAL D 218 38.12 -15.45 -3.54
CA VAL D 218 37.39 -15.54 -4.80
C VAL D 218 35.97 -16.08 -4.56
N ASP D 219 35.03 -15.58 -5.36
CA ASP D 219 33.63 -15.86 -5.16
C ASP D 219 33.01 -16.34 -6.50
N TYR D 220 32.52 -17.58 -6.52
CA TYR D 220 31.83 -18.11 -7.70
C TYR D 220 30.33 -17.77 -7.81
N ASN D 221 29.75 -17.21 -6.73
CA ASN D 221 28.29 -16.90 -6.73
C ASN D 221 27.45 -18.04 -7.30
N GLN D 222 27.71 -19.26 -6.88
CA GLN D 222 26.84 -20.41 -7.13
C GLN D 222 26.87 -20.89 -8.55
N SER D 223 27.86 -20.44 -9.35
CA SER D 223 27.75 -20.57 -10.80
C SER D 223 28.20 -21.91 -11.38
N LEU D 224 28.83 -22.78 -10.58
CA LEU D 224 29.38 -24.01 -11.11
C LEU D 224 28.58 -25.22 -10.63
N ASP D 225 28.58 -26.28 -11.42
CA ASP D 225 28.25 -27.63 -10.91
C ASP D 225 29.44 -28.23 -10.11
N VAL D 226 29.17 -29.26 -9.31
CA VAL D 226 30.21 -29.86 -8.45
C VAL D 226 31.49 -30.27 -9.21
N PRO D 227 31.39 -31.02 -10.32
CA PRO D 227 32.67 -31.37 -10.97
C PRO D 227 33.44 -30.16 -11.52
N ALA D 228 32.73 -29.19 -12.11
CA ALA D 228 33.41 -28.00 -12.62
C ALA D 228 34.06 -27.22 -11.47
N ALA D 229 33.37 -27.17 -10.33
CA ALA D 229 33.90 -26.52 -9.11
C ALA D 229 35.15 -27.22 -8.55
N ILE D 230 35.17 -28.55 -8.60
CA ILE D 230 36.35 -29.28 -8.18
C ILE D 230 37.52 -28.95 -9.11
N LYS D 231 37.27 -28.94 -10.41
CA LYS D 231 38.31 -28.69 -11.38
C LYS D 231 38.82 -27.25 -11.28
N ARG D 232 37.91 -26.28 -11.34
CA ARG D 232 38.32 -24.89 -11.23
C ARG D 232 38.99 -24.59 -9.89
N SER D 233 38.42 -25.12 -8.80
CA SER D 233 38.97 -24.86 -7.46
C SER D 233 40.38 -25.41 -7.24
N GLN D 234 40.67 -26.59 -7.77
CA GLN D 234 42.01 -27.14 -7.64
C GLN D 234 43.05 -26.30 -8.39
N ALA D 235 42.65 -25.72 -9.51
CA ALA D 235 43.54 -24.85 -10.27
C ALA D 235 43.77 -23.55 -9.49
N LEU D 236 42.71 -23.04 -8.87
CA LEU D 236 42.80 -21.78 -8.12
C LEU D 236 43.62 -21.95 -6.87
N GLN D 237 43.50 -23.14 -6.28
CA GLN D 237 44.22 -23.49 -5.08
C GLN D 237 45.72 -23.43 -5.35
N GLN D 238 46.13 -23.85 -6.55
CA GLN D 238 47.53 -23.79 -6.97
C GLN D 238 48.02 -22.34 -7.04
N GLU D 239 47.13 -21.39 -7.28
CA GLU D 239 47.47 -19.94 -7.27
C GLU D 239 47.52 -19.37 -5.86
N GLY D 240 47.06 -20.13 -4.87
CA GLY D 240 47.14 -19.69 -3.48
C GLY D 240 46.06 -18.69 -3.06
N VAL D 241 44.87 -18.80 -3.62
CA VAL D 241 43.76 -17.99 -3.15
C VAL D 241 43.42 -18.26 -1.67
N THR D 242 42.77 -17.30 -1.04
CA THR D 242 42.48 -17.35 0.39
C THR D 242 41.29 -18.25 0.74
N TRP D 243 40.26 -18.22 -0.09
CA TRP D 243 39.12 -19.12 0.03
C TRP D 243 38.35 -19.15 -1.26
N ILE D 244 37.47 -20.14 -1.38
CA ILE D 244 36.61 -20.29 -2.53
C ILE D 244 35.17 -20.25 -2.01
N GLU D 245 34.44 -19.22 -2.46
CA GLU D 245 33.13 -18.90 -1.92
C GLU D 245 31.99 -19.33 -2.86
N GLU D 246 30.96 -19.96 -2.28
CA GLU D 246 29.80 -20.48 -3.02
C GLU D 246 30.14 -21.02 -4.41
N PRO D 247 30.96 -22.08 -4.44
CA PRO D 247 31.30 -22.67 -5.74
C PRO D 247 30.03 -23.18 -6.46
N THR D 248 29.03 -23.65 -5.72
CA THR D 248 27.83 -24.22 -6.35
C THR D 248 26.53 -23.69 -5.75
N LEU D 249 25.39 -24.21 -6.22
CA LEU D 249 24.07 -23.77 -5.73
C LEU D 249 24.05 -23.68 -4.22
N GLN D 250 23.61 -22.52 -3.71
CA GLN D 250 23.71 -22.19 -2.29
C GLN D 250 23.08 -23.21 -1.37
N HIS D 251 21.96 -23.80 -1.79
CA HIS D 251 21.21 -24.71 -0.89
C HIS D 251 21.81 -26.10 -0.91
N ASP D 252 22.74 -26.34 -1.82
CA ASP D 252 23.25 -27.69 -2.00
C ASP D 252 24.45 -27.91 -1.04
N TYR D 253 24.11 -28.19 0.20
CA TYR D 253 25.13 -28.38 1.22
C TYR D 253 25.97 -29.62 0.96
N GLU D 254 25.31 -30.72 0.58
CA GLU D 254 26.01 -31.98 0.23
C GLU D 254 27.01 -31.76 -0.94
N GLY D 255 26.60 -30.97 -1.91
CA GLY D 255 27.47 -30.59 -3.03
C GLY D 255 28.70 -29.80 -2.60
N HIS D 256 28.48 -28.82 -1.69
CA HIS D 256 29.61 -28.09 -1.10
C HIS D 256 30.57 -28.98 -0.35
N GLN D 257 30.02 -29.92 0.41
CA GLN D 257 30.84 -30.90 1.11
C GLN D 257 31.71 -31.70 0.12
N ARG D 258 31.07 -32.20 -0.95
CA ARG D 258 31.79 -32.95 -1.98
C ARG D 258 32.90 -32.10 -2.58
N ILE D 259 32.63 -30.85 -2.89
CA ILE D 259 33.70 -29.95 -3.38
C ILE D 259 34.80 -29.78 -2.33
N GLN D 260 34.39 -29.53 -1.08
CA GLN D 260 35.34 -29.29 0.02
C GLN D 260 36.25 -30.48 0.26
N SER D 261 35.70 -31.69 0.07
CA SER D 261 36.43 -32.95 0.30
C SER D 261 37.60 -33.07 -0.67
N LYS D 262 37.57 -32.31 -1.75
CA LYS D 262 38.67 -32.37 -2.75
C LYS D 262 39.62 -31.19 -2.67
N LEU D 263 39.48 -30.36 -1.62
CA LEU D 263 40.27 -29.13 -1.51
C LEU D 263 41.06 -29.03 -0.21
N ASN D 264 42.25 -28.45 -0.30
CA ASN D 264 42.97 -27.99 0.89
C ASN D 264 42.53 -26.58 1.27
N VAL D 265 42.46 -25.71 0.28
CA VAL D 265 41.90 -24.36 0.48
C VAL D 265 40.45 -24.48 1.05
N PRO D 266 40.05 -23.56 1.93
CA PRO D 266 38.70 -23.73 2.50
C PRO D 266 37.60 -23.29 1.54
N VAL D 267 36.49 -24.03 1.56
CA VAL D 267 35.26 -23.57 0.93
C VAL D 267 34.56 -22.62 1.90
N GLN D 268 34.13 -21.49 1.37
CA GLN D 268 33.46 -20.46 2.15
C GLN D 268 32.01 -20.35 1.67
N MET D 269 31.08 -20.19 2.62
CA MET D 269 29.70 -19.93 2.24
C MET D 269 28.95 -19.35 3.45
N GLY D 270 27.67 -19.04 3.27
CA GLY D 270 26.80 -18.66 4.38
C GLY D 270 25.93 -17.44 4.09
N GLU D 271 26.30 -16.65 3.08
CA GLU D 271 25.54 -15.43 2.82
C GLU D 271 24.07 -15.68 2.54
N ASN D 272 23.75 -16.89 2.08
CA ASN D 272 22.41 -17.20 1.67
C ASN D 272 21.66 -18.04 2.71
N TRP D 273 22.30 -18.35 3.84
CA TRP D 273 21.61 -19.02 4.94
C TRP D 273 20.51 -18.17 5.50
N LEU D 274 19.29 -18.68 5.41
CA LEU D 274 18.15 -17.98 5.93
C LEU D 274 17.86 -18.49 7.33
N GLY D 275 18.40 -17.78 8.31
CA GLY D 275 18.30 -18.23 9.71
C GLY D 275 19.42 -19.20 10.11
N PRO D 276 19.76 -19.23 11.40
CA PRO D 276 20.80 -20.14 11.88
C PRO D 276 20.42 -21.61 11.69
N GLU D 277 19.12 -21.88 11.48
CA GLU D 277 18.74 -23.27 11.25
C GLU D 277 19.29 -23.77 9.89
N GLU D 278 19.46 -22.90 8.90
CA GLU D 278 20.05 -23.32 7.63
CA GLU D 278 20.04 -23.31 7.61
C GLU D 278 21.55 -23.49 7.81
N MET D 279 22.17 -22.61 8.58
CA MET D 279 23.59 -22.73 8.90
C MET D 279 23.88 -24.06 9.60
N PHE D 280 23.02 -24.41 10.56
CA PHE D 280 23.14 -25.64 11.32
C PHE D 280 23.18 -26.89 10.43
N LYS D 281 22.28 -26.92 9.46
CA LYS D 281 22.21 -28.04 8.51
C LYS D 281 23.50 -28.12 7.68
N ALA D 282 23.99 -26.97 7.21
CA ALA D 282 25.19 -26.96 6.37
C ALA D 282 26.37 -27.46 7.17
N LEU D 283 26.57 -26.92 8.37
CA LEU D 283 27.72 -27.27 9.18
C LEU D 283 27.64 -28.72 9.67
N SER D 284 26.44 -29.20 9.97
CA SER D 284 26.23 -30.60 10.38
C SER D 284 26.74 -31.62 9.37
N ILE D 285 26.74 -31.28 8.09
CA ILE D 285 27.25 -32.24 7.13
C ILE D 285 28.59 -31.82 6.52
N GLY D 286 29.24 -30.81 7.13
CA GLY D 286 30.61 -30.44 6.74
C GLY D 286 30.65 -29.79 5.35
N ALA D 287 29.66 -28.95 5.06
CA ALA D 287 29.58 -28.29 3.75
C ALA D 287 30.77 -27.37 3.48
N CYS D 288 31.40 -26.85 4.53
CA CYS D 288 32.37 -25.76 4.34
C CYS D 288 33.31 -25.68 5.53
N ARG D 289 34.49 -25.10 5.33
CA ARG D 289 35.37 -24.87 6.47
C ARG D 289 35.38 -23.44 7.04
N LEU D 290 34.74 -22.52 6.32
CA LEU D 290 34.53 -21.14 6.73
C LEU D 290 33.04 -20.84 6.56
N ALA D 291 32.57 -19.85 7.33
CA ALA D 291 31.21 -19.35 7.27
C ALA D 291 31.23 -17.83 7.17
N MET D 292 30.25 -17.28 6.46
CA MET D 292 30.06 -15.84 6.43
C MET D 292 28.57 -15.50 6.38
N PRO D 293 27.89 -15.55 7.52
CA PRO D 293 26.47 -15.13 7.55
C PRO D 293 26.27 -13.67 7.11
N ASP D 294 25.09 -13.42 6.57
CA ASP D 294 24.65 -12.11 6.17
C ASP D 294 23.74 -11.63 7.31
N ALA D 295 24.10 -10.50 7.94
CA ALA D 295 23.31 -9.98 9.06
C ALA D 295 21.79 -9.95 8.79
N MET D 296 21.39 -9.65 7.56
CA MET D 296 19.96 -9.72 7.21
C MET D 296 19.46 -11.18 7.15
N LYS D 297 19.98 -11.98 6.22
CA LYS D 297 19.45 -13.32 6.04
C LYS D 297 19.51 -14.23 7.26
N ILE D 298 20.58 -14.09 8.06
CA ILE D 298 20.78 -14.93 9.25
C ILE D 298 19.75 -14.64 10.36
N GLY D 299 19.00 -13.55 10.23
CA GLY D 299 18.02 -13.13 11.28
C GLY D 299 18.47 -11.95 12.14
N GLY D 300 19.26 -11.04 11.57
CA GLY D 300 19.68 -9.84 12.28
C GLY D 300 20.65 -10.15 13.41
N VAL D 301 20.74 -9.25 14.39
CA VAL D 301 21.58 -9.46 15.56
C VAL D 301 21.22 -10.74 16.29
N THR D 302 19.92 -10.95 16.50
CA THR D 302 19.46 -12.12 17.26
C THR D 302 19.93 -13.41 16.54
N GLY D 303 19.70 -13.50 15.24
CA GLY D 303 20.17 -14.67 14.50
C GLY D 303 21.70 -14.80 14.46
N TRP D 304 22.38 -13.66 14.32
CA TRP D 304 23.84 -13.64 14.25
C TRP D 304 24.48 -14.18 15.50
N ILE D 305 24.03 -13.71 16.67
CA ILE D 305 24.54 -14.22 17.95
C ILE D 305 24.34 -15.76 18.04
N ARG D 306 23.19 -16.26 17.57
CA ARG D 306 23.00 -17.71 17.56
C ARG D 306 23.96 -18.38 16.58
N ALA D 307 24.16 -17.77 15.41
CA ALA D 307 25.09 -18.26 14.39
C ALA D 307 26.53 -18.35 14.94
N SER D 308 26.94 -17.34 15.71
CA SER D 308 28.29 -17.29 16.22
C SER D 308 28.54 -18.41 17.23
N ALA D 309 27.48 -18.77 17.99
CA ALA D 309 27.53 -19.88 18.95
C ALA D 309 27.71 -21.21 18.20
N LEU D 310 26.99 -21.40 17.10
CA LEU D 310 27.18 -22.55 16.22
C LEU D 310 28.61 -22.61 15.65
N ALA D 311 29.04 -21.50 15.05
CA ALA D 311 30.37 -21.46 14.40
C ALA D 311 31.46 -21.80 15.40
N GLN D 312 31.34 -21.31 16.62
CA GLN D 312 32.32 -21.62 17.66
C GLN D 312 32.35 -23.12 17.97
N GLN D 313 31.17 -23.72 18.14
CA GLN D 313 31.18 -25.16 18.47
C GLN D 313 31.68 -26.03 17.33
N PHE D 314 31.34 -25.67 16.10
CA PHE D 314 31.78 -26.42 14.94
C PHE D 314 33.23 -26.07 14.48
N GLY D 315 33.92 -25.15 15.18
CA GLY D 315 35.30 -24.79 14.81
C GLY D 315 35.37 -24.12 13.45
N ILE D 316 34.47 -23.16 13.23
CA ILE D 316 34.38 -22.47 11.94
C ILE D 316 34.66 -20.98 12.13
N PRO D 317 35.79 -20.49 11.58
CA PRO D 317 36.05 -19.03 11.49
C PRO D 317 34.92 -18.32 10.74
N MET D 318 34.36 -17.28 11.35
CA MET D 318 33.13 -16.69 10.87
C MET D 318 33.36 -15.26 10.45
N SER D 319 33.05 -14.99 9.18
CA SER D 319 33.16 -13.67 8.60
C SER D 319 31.75 -13.10 8.40
N SER D 320 31.68 -11.88 7.87
CA SER D 320 30.41 -11.21 7.60
C SER D 320 30.16 -11.12 6.10
N HIS D 321 28.91 -10.91 5.74
CA HIS D 321 28.55 -10.63 4.36
C HIS D 321 27.73 -9.38 4.32
N LEU D 322 28.26 -8.37 3.62
CA LEU D 322 27.63 -7.04 3.52
C LEU D 322 27.32 -6.41 4.90
N PHE D 323 26.43 -5.44 4.96
CA PHE D 323 26.05 -4.78 6.22
C PHE D 323 27.24 -4.45 7.10
N GLN D 324 28.23 -3.78 6.52
CA GLN D 324 29.51 -3.54 7.21
C GLN D 324 29.31 -2.73 8.49
N GLU D 325 28.29 -1.86 8.49
CA GLU D 325 28.02 -1.00 9.65
C GLU D 325 27.73 -1.82 10.90
N ILE D 326 26.78 -2.73 10.81
CA ILE D 326 26.43 -3.52 11.97
C ILE D 326 27.40 -4.68 12.17
N SER D 327 27.95 -5.20 11.08
CA SER D 327 28.88 -6.34 11.14
C SER D 327 30.14 -6.05 11.91
N ALA D 328 30.60 -4.80 11.86
CA ALA D 328 31.77 -4.40 12.66
C ALA D 328 31.49 -4.62 14.15
N HIS D 329 30.31 -4.30 14.61
CA HIS D 329 29.86 -4.62 15.95
C HIS D 329 29.73 -6.10 16.18
N LEU D 330 29.01 -6.76 15.31
CA LEU D 330 28.76 -8.19 15.51
C LEU D 330 30.04 -9.05 15.55
N LEU D 331 30.97 -8.76 14.63
CA LEU D 331 32.23 -9.51 14.60
C LEU D 331 33.02 -9.35 15.89
N ALA D 332 32.95 -8.18 16.50
CA ALA D 332 33.66 -7.95 17.76
C ALA D 332 33.11 -8.85 18.89
N ALA D 333 31.85 -9.24 18.79
CA ALA D 333 31.22 -10.15 19.75
C ALA D 333 31.28 -11.64 19.31
N THR D 334 32.00 -11.94 18.23
CA THR D 334 31.93 -13.28 17.61
C THR D 334 33.19 -14.07 17.98
N PRO D 335 33.06 -15.17 18.74
CA PRO D 335 34.27 -15.86 19.24
C PRO D 335 35.24 -16.30 18.11
N THR D 336 34.74 -16.75 16.97
CA THR D 336 35.61 -17.17 15.86
C THR D 336 35.70 -16.10 14.73
N ALA D 337 35.58 -14.82 15.09
CA ALA D 337 35.55 -13.72 14.10
C ALA D 337 36.74 -13.84 13.14
N HIS D 338 36.50 -13.67 11.86
CA HIS D 338 37.51 -13.87 10.84
C HIS D 338 37.68 -12.58 10.08
N TRP D 339 36.93 -12.35 9.01
CA TRP D 339 36.99 -11.12 8.21
C TRP D 339 35.69 -10.36 8.17
N LEU D 340 35.79 -9.03 7.96
CA LEU D 340 34.64 -8.20 7.63
C LEU D 340 34.71 -7.93 6.15
N GLU D 341 33.58 -8.14 5.47
CA GLU D 341 33.47 -7.80 4.07
C GLU D 341 33.20 -6.31 3.94
N ARG D 342 34.13 -5.63 3.28
CA ARG D 342 33.93 -4.23 2.94
C ARG D 342 33.33 -4.09 1.54
N LEU D 343 32.02 -3.86 1.50
CA LEU D 343 31.33 -3.57 0.26
C LEU D 343 30.26 -2.56 0.64
N ASP D 344 30.52 -1.31 0.28
CA ASP D 344 29.76 -0.22 0.87
C ASP D 344 28.45 0.06 0.10
N LEU D 345 27.48 -0.84 0.20
CA LEU D 345 26.20 -0.69 -0.51
C LEU D 345 25.42 0.56 -0.09
N ALA D 346 25.46 0.90 1.19
CA ALA D 346 24.65 2.01 1.74
C ALA D 346 25.42 3.32 1.95
N GLY D 347 26.65 3.38 1.45
CA GLY D 347 27.51 4.58 1.61
C GLY D 347 26.91 5.90 1.17
N SER D 348 26.14 5.86 0.08
CA SER D 348 25.47 7.06 -0.43
C SER D 348 24.36 7.59 0.47
N VAL D 349 23.85 6.77 1.39
CA VAL D 349 22.75 7.20 2.25
C VAL D 349 23.03 7.11 3.74
N ILE D 350 24.22 6.66 4.12
CA ILE D 350 24.60 6.54 5.54
C ILE D 350 25.91 7.32 5.79
N GLU D 351 25.98 8.08 6.90
CA GLU D 351 27.18 8.85 7.20
C GLU D 351 28.38 7.92 7.42
N PRO D 352 29.59 8.31 6.93
CA PRO D 352 30.74 7.42 7.07
C PRO D 352 31.35 7.43 8.49
N THR D 353 30.56 7.05 9.48
CA THR D 353 31.05 6.97 10.87
C THR D 353 31.92 5.72 11.09
N LEU D 354 31.66 4.66 10.33
CA LEU D 354 32.58 3.53 10.30
C LEU D 354 33.84 3.91 9.51
N THR D 355 35.00 3.77 10.13
CA THR D 355 36.25 4.10 9.45
C THR D 355 37.15 2.88 9.35
N PHE D 356 38.24 3.03 8.61
CA PHE D 356 39.19 1.95 8.38
C PHE D 356 40.62 2.45 8.61
N GLU D 357 41.32 1.80 9.53
CA GLU D 357 42.69 2.13 9.89
C GLU D 357 43.54 0.87 9.65
N GLY D 358 44.53 0.96 8.76
CA GLY D 358 45.34 -0.20 8.38
C GLY D 358 44.52 -1.40 7.90
N GLY D 359 43.42 -1.12 7.20
CA GLY D 359 42.56 -2.17 6.63
C GLY D 359 41.63 -2.80 7.67
N ASN D 360 41.63 -2.28 8.90
CA ASN D 360 40.75 -2.77 9.96
C ASN D 360 39.59 -1.81 10.14
N ALA D 361 38.38 -2.37 10.22
CA ALA D 361 37.16 -1.59 10.51
C ALA D 361 37.17 -1.12 11.98
N VAL D 362 36.89 0.16 12.21
CA VAL D 362 36.91 0.77 13.54
C VAL D 362 35.48 1.21 13.89
N ILE D 363 34.90 0.59 14.91
CA ILE D 363 33.53 0.90 15.35
C ILE D 363 33.44 2.34 15.86
N PRO D 364 32.48 3.16 15.35
CA PRO D 364 32.42 4.52 15.88
C PRO D 364 31.88 4.53 17.33
N ASP D 365 32.24 5.54 18.08
CA ASP D 365 31.82 5.64 19.47
C ASP D 365 30.47 6.37 19.46
N LEU D 366 29.42 5.62 19.13
CA LEU D 366 28.06 6.16 18.99
C LEU D 366 27.11 5.12 19.53
N PRO D 367 25.96 5.55 20.09
CA PRO D 367 25.01 4.57 20.63
C PRO D 367 24.48 3.65 19.53
N GLY D 368 24.14 2.43 19.89
CA GLY D 368 23.66 1.46 18.92
C GLY D 368 24.70 1.19 17.83
N VAL D 369 24.22 1.10 16.60
CA VAL D 369 25.04 0.68 15.47
C VAL D 369 25.92 1.81 14.94
N GLY D 370 25.52 3.05 15.19
CA GLY D 370 26.25 4.19 14.63
C GLY D 370 25.86 4.53 13.19
N ILE D 371 24.63 4.16 12.81
CA ILE D 371 24.06 4.57 11.52
C ILE D 371 23.34 5.91 11.68
N ILE D 372 23.68 6.86 10.81
CA ILE D 372 23.05 8.17 10.75
C ILE D 372 22.72 8.39 9.29
N TRP D 373 21.44 8.63 8.99
CA TRP D 373 20.96 8.80 7.61
C TRP D 373 21.50 10.05 7.01
N ARG D 374 21.79 10.02 5.72
CA ARG D 374 22.10 11.25 5.00
C ARG D 374 20.78 11.72 4.38
N GLU D 375 19.99 12.47 5.14
CA GLU D 375 18.59 12.77 4.76
C GLU D 375 18.48 13.50 3.44
N LYS D 376 19.41 14.43 3.19
CA LYS D 376 19.43 15.12 1.90
C LYS D 376 19.73 14.16 0.74
N GLU D 377 20.58 13.16 0.96
CA GLU D 377 20.93 12.24 -0.11
C GLU D 377 19.82 11.23 -0.43
N ILE D 378 19.11 10.79 0.61
CA ILE D 378 18.05 9.80 0.45
C ILE D 378 16.98 10.22 -0.57
N GLY D 379 16.57 11.49 -0.52
CA GLY D 379 15.60 12.03 -1.48
C GLY D 379 15.91 11.84 -2.97
N LYS D 380 17.19 11.81 -3.32
CA LYS D 380 17.58 11.57 -4.72
C LYS D 380 17.28 10.15 -5.21
N TYR D 381 17.16 9.20 -4.29
CA TYR D 381 17.17 7.78 -4.68
C TYR D 381 15.84 7.10 -4.45
N LEU D 382 14.89 7.82 -3.85
CA LEU D 382 13.58 7.26 -3.53
C LEU D 382 12.88 6.68 -4.76
N VAL D 383 12.26 5.54 -4.55
CA VAL D 383 11.54 4.84 -5.59
C VAL D 383 10.07 4.91 -5.18
#